data_4P24
#
_entry.id   4P24
#
_cell.length_a   170.060
_cell.length_b   170.060
_cell.length_c   202.860
_cell.angle_alpha   90.00
_cell.angle_beta   90.00
_cell.angle_gamma   90.00
#
_symmetry.space_group_name_H-M   'P 41 21 2'
#
loop_
_entity.id
_entity.type
_entity.pdbx_description
1 polymer Alpha-hemolysin
2 non-polymer (4S)-2-METHYL-2,4-PENTANEDIOL
#
_entity_poly.entity_id   1
_entity_poly.type   'polypeptide(L)'
_entity_poly.pdbx_seq_one_letter_code
;MADSDINIKTGTTDIGSNTTVKTGDLVTYDKENGMHKKVFYSFIDDKNHNKKLLVIRTKGTIAGQYRVYSEEGANKSGLA
WPSAFKVQLQLPDNEVAQISDYYPRNSIDTKEYMSTLTYGFNGNVTGDDTGKIGGLIGANVSIGHTLKYVQPDFKTILES
PTDKKVGWKVIFNNMVNQNAGPYDRDSWNPVYGNQLFMKTANGSMKAAENFLDPNKASSLLSSGFSPDFATVITMDRKAS
KQQTNIDVIYERVRDDYQLHWTSTNWKGTNTKDKWTDRSSERYKIDWEKEEMTNLEHHHHHH
;
_entity_poly.pdbx_strand_id   A,B,C,D,E,F,G
#
loop_
_chem_comp.id
_chem_comp.type
_chem_comp.name
_chem_comp.formula
MPD non-polymer (4S)-2-METHYL-2,4-PENTANEDIOL 'C6 H14 O2'
#
# COMPACT_ATOMS: atom_id res chain seq x y z
N ALA A 2 -9.38 15.82 13.33
CA ALA A 2 -9.73 15.01 14.54
C ALA A 2 -9.33 15.77 15.79
N ASP A 3 -9.76 15.28 16.94
CA ASP A 3 -9.51 15.98 18.19
C ASP A 3 -8.04 15.91 18.57
N SER A 4 -7.41 14.76 18.37
CA SER A 4 -6.01 14.58 18.73
C SER A 4 -5.09 15.56 17.98
N ASP A 5 -5.57 16.05 16.85
CA ASP A 5 -4.81 17.04 16.08
C ASP A 5 -4.78 18.40 16.76
N ILE A 6 -5.70 18.61 17.70
CA ILE A 6 -5.80 19.89 18.42
C ILE A 6 -5.73 19.67 19.92
N ASN A 7 -4.96 18.65 20.29
CA ASN A 7 -4.60 18.38 21.68
C ASN A 7 -5.80 18.11 22.58
N ILE A 8 -6.82 17.45 22.02
CA ILE A 8 -8.01 17.10 22.78
C ILE A 8 -8.26 15.60 22.72
N LYS A 9 -8.70 15.05 23.85
CA LYS A 9 -9.03 13.63 23.97
C LYS A 9 -10.05 13.24 22.91
N THR A 10 -9.80 12.14 22.20
CA THR A 10 -10.63 11.74 21.07
C THR A 10 -12.08 11.47 21.50
N GLY A 11 -13.02 12.02 20.74
CA GLY A 11 -14.44 11.83 21.01
C GLY A 11 -15.00 12.85 21.97
N THR A 12 -14.16 13.81 22.38
CA THR A 12 -14.58 14.83 23.34
C THR A 12 -15.57 15.81 22.74
N THR A 13 -15.28 16.28 21.53
CA THR A 13 -16.05 17.38 20.93
C THR A 13 -17.33 16.92 20.23
N ASP A 14 -17.53 15.60 20.11
CA ASP A 14 -18.68 15.07 19.38
C ASP A 14 -19.92 14.99 20.26
N ILE A 15 -21.05 14.69 19.64
CA ILE A 15 -22.34 14.63 20.32
C ILE A 15 -22.58 13.24 20.90
N GLY A 16 -22.08 13.01 22.12
CA GLY A 16 -22.27 11.73 22.78
C GLY A 16 -21.88 11.74 24.23
N SER A 17 -22.84 11.45 25.10
CA SER A 17 -22.61 11.45 26.54
C SER A 17 -23.70 10.67 27.27
N THR A 19 -27.64 10.67 26.91
CA THR A 19 -28.05 10.56 25.51
C THR A 19 -28.61 9.18 25.20
N THR A 20 -29.90 9.11 24.91
CA THR A 20 -30.50 7.89 24.36
C THR A 20 -31.16 8.22 23.04
N VAL A 21 -31.00 7.31 22.08
CA VAL A 21 -31.40 7.54 20.71
C VAL A 21 -32.57 6.67 20.34
N LYS A 22 -33.49 7.21 19.54
CA LYS A 22 -34.64 6.43 19.08
C LYS A 22 -34.58 6.29 17.57
N THR A 23 -34.40 5.06 17.11
CA THR A 23 -34.14 4.79 15.70
C THR A 23 -35.31 4.06 15.03
N GLY A 24 -35.33 4.06 13.70
CA GLY A 24 -36.34 3.30 12.98
C GLY A 24 -36.08 3.04 11.51
N ASP A 25 -36.83 2.07 10.97
CA ASP A 25 -36.78 1.74 9.55
C ASP A 25 -38.16 1.95 8.91
N LEU A 26 -38.18 2.62 7.76
CA LEU A 26 -39.38 2.68 6.92
C LEU A 26 -39.05 2.16 5.52
N VAL A 27 -39.76 1.12 5.07
CA VAL A 27 -39.52 0.51 3.77
C VAL A 27 -40.70 0.62 2.82
N THR A 28 -40.44 1.08 1.61
CA THR A 28 -41.45 1.21 0.56
C THR A 28 -40.88 0.73 -0.76
N TYR A 29 -41.66 -0.03 -1.52
CA TYR A 29 -41.25 -0.44 -2.86
C TYR A 29 -42.13 0.17 -3.94
N ASP A 30 -41.53 1.01 -4.78
CA ASP A 30 -42.23 1.57 -5.94
C ASP A 30 -42.10 0.59 -7.10
N LYS A 31 -43.22 -0.02 -7.45
CA LYS A 31 -43.27 -1.09 -8.45
C LYS A 31 -43.12 -0.54 -9.87
N GLU A 32 -43.79 0.56 -10.15
CA GLU A 32 -43.82 1.13 -11.49
C GLU A 32 -42.47 1.71 -11.85
N ASN A 33 -41.81 2.31 -10.85
CA ASN A 33 -40.51 2.93 -11.06
C ASN A 33 -39.36 1.98 -10.72
N GLY A 34 -39.69 0.79 -10.23
CA GLY A 34 -38.69 -0.19 -9.87
C GLY A 34 -37.69 0.34 -8.86
N MET A 35 -38.19 0.78 -7.71
CA MET A 35 -37.33 1.37 -6.69
C MET A 35 -37.64 0.83 -5.31
N HIS A 36 -36.60 0.31 -4.65
CA HIS A 36 -36.66 -0.08 -3.26
C HIS A 36 -36.16 1.08 -2.41
N LYS A 37 -37.05 1.64 -1.60
CA LYS A 37 -36.73 2.83 -0.81
C LYS A 37 -36.80 2.53 0.69
N LYS A 38 -35.64 2.65 1.34
CA LYS A 38 -35.54 2.48 2.78
C LYS A 38 -35.11 3.79 3.43
N VAL A 39 -35.78 4.15 4.52
CA VAL A 39 -35.34 5.23 5.37
C VAL A 39 -34.98 4.68 6.74
N PHE A 40 -33.71 4.80 7.10
CA PHE A 40 -33.28 4.49 8.47
C PHE A 40 -33.07 5.80 9.19
N TYR A 41 -33.80 6.03 10.27
CA TYR A 41 -33.72 7.31 10.96
C TYR A 41 -33.28 7.15 12.40
N SER A 42 -32.58 8.17 12.90
CA SER A 42 -32.12 8.21 14.28
C SER A 42 -32.40 9.55 14.94
N PHE A 43 -33.24 9.52 15.98
CA PHE A 43 -33.49 10.68 16.83
C PHE A 43 -32.47 10.74 17.94
N ILE A 44 -31.65 11.78 17.91
CA ILE A 44 -30.67 12.07 18.95
C ILE A 44 -31.06 13.35 19.70
N ASP A 45 -31.34 13.20 20.99
CA ASP A 45 -31.68 14.31 21.87
C ASP A 45 -30.67 14.40 23.00
N ASP A 46 -29.54 15.04 22.71
CA ASP A 46 -28.49 15.26 23.71
C ASP A 46 -28.81 16.55 24.46
N LYS A 47 -29.01 16.45 25.76
CA LYS A 47 -29.40 17.63 26.55
C LYS A 47 -28.30 18.68 26.53
N ASN A 48 -27.07 18.25 26.29
CA ASN A 48 -25.94 19.16 26.19
C ASN A 48 -25.73 19.71 24.78
N HIS A 49 -26.65 19.39 23.87
CA HIS A 49 -26.64 19.94 22.52
C HIS A 49 -27.75 20.97 22.37
N ASN A 50 -27.45 22.10 21.73
CA ASN A 50 -28.40 23.19 21.63
C ASN A 50 -29.59 22.91 20.70
N LYS A 51 -29.60 21.73 20.08
CA LYS A 51 -30.66 21.36 19.15
C LYS A 51 -31.05 19.89 19.28
N LYS A 52 -32.28 19.55 18.85
CA LYS A 52 -32.64 18.17 18.60
C LYS A 52 -32.06 17.74 17.26
N LEU A 53 -31.55 16.51 17.20
CA LEU A 53 -30.97 15.99 15.96
C LEU A 53 -31.74 14.80 15.40
N LEU A 54 -31.95 14.83 14.08
CA LEU A 54 -32.46 13.66 13.36
C LEU A 54 -31.51 13.31 12.23
N VAL A 55 -31.01 12.08 12.26
CA VAL A 55 -30.22 11.54 11.16
C VAL A 55 -31.12 10.71 10.27
N ILE A 56 -31.23 11.12 9.00
CA ILE A 56 -31.97 10.37 8.00
C ILE A 56 -31.01 9.72 7.01
N ARG A 57 -30.90 8.40 7.09
CA ARG A 57 -30.12 7.64 6.12
C ARG A 57 -31.04 7.06 5.05
N THR A 58 -30.84 7.55 3.82
CA THR A 58 -31.63 7.10 2.67
C THR A 58 -30.88 6.01 1.92
N LYS A 59 -31.39 4.78 2.02
CA LYS A 59 -30.71 3.63 1.43
C LYS A 59 -31.61 2.97 0.40
N GLY A 60 -31.60 1.64 0.33
CA GLY A 60 -32.41 0.91 -0.64
C GLY A 60 -31.67 0.75 -1.95
N THR A 61 -32.40 0.48 -3.03
CA THR A 61 -31.79 0.27 -4.33
C THR A 61 -32.69 0.70 -5.48
N ILE A 62 -32.12 1.52 -6.37
CA ILE A 62 -32.78 1.94 -7.60
C ILE A 62 -32.32 1.06 -8.75
N ALA A 63 -33.21 0.25 -9.31
CA ALA A 63 -32.84 -0.69 -10.37
C ALA A 63 -32.32 0.05 -11.59
N GLY A 64 -31.38 -0.58 -12.29
CA GLY A 64 -30.80 0.03 -13.48
C GLY A 64 -31.77 0.08 -14.64
N GLN A 65 -32.41 -1.05 -14.92
CA GLN A 65 -33.41 -1.17 -15.99
C GLN A 65 -32.79 -0.85 -17.35
N TYR A 66 -31.57 -1.32 -17.53
CA TYR A 66 -30.87 -1.34 -18.81
C TYR A 66 -31.58 -2.31 -19.76
N ARG A 67 -32.33 -1.78 -20.73
CA ARG A 67 -33.16 -2.66 -21.57
C ARG A 67 -33.36 -2.18 -23.01
N VAL A 68 -33.39 -3.15 -23.93
CA VAL A 68 -33.74 -2.87 -25.31
C VAL A 68 -35.25 -2.62 -25.39
N TYR A 69 -35.62 -1.41 -25.79
CA TYR A 69 -37.01 -0.97 -25.67
C TYR A 69 -37.74 -0.99 -27.00
N SER A 70 -37.00 -0.80 -28.10
CA SER A 70 -37.60 -0.77 -29.42
C SER A 70 -36.77 -1.56 -30.42
N GLU A 71 -37.47 -2.12 -31.40
CA GLU A 71 -36.85 -2.94 -32.44
C GLU A 71 -37.56 -2.71 -33.76
N GLU A 72 -37.03 -1.78 -34.56
CA GLU A 72 -37.61 -1.45 -35.85
C GLU A 72 -36.95 -2.29 -36.94
N GLY A 73 -37.15 -3.60 -36.86
CA GLY A 73 -36.56 -4.53 -37.80
C GLY A 73 -35.29 -5.16 -37.27
N ALA A 74 -34.31 -5.30 -38.16
CA ALA A 74 -33.02 -5.91 -37.82
C ALA A 74 -31.89 -4.97 -38.18
N ASN A 75 -32.24 -3.77 -38.65
CA ASN A 75 -31.28 -2.76 -39.04
C ASN A 75 -31.19 -1.63 -38.00
N LYS A 76 -32.16 -1.58 -37.10
CA LYS A 76 -32.30 -0.44 -36.19
C LYS A 76 -32.85 -0.91 -34.83
N SER A 77 -32.19 -0.51 -33.75
CA SER A 77 -32.71 -0.83 -32.41
C SER A 77 -32.32 0.21 -31.35
N GLY A 78 -33.09 0.25 -30.28
CA GLY A 78 -32.92 1.23 -29.21
C GLY A 78 -32.82 0.62 -27.82
N LEU A 79 -31.85 1.13 -27.06
CA LEU A 79 -31.56 0.65 -25.71
C LEU A 79 -31.72 1.79 -24.70
N ALA A 80 -32.60 1.59 -23.72
CA ALA A 80 -32.76 2.54 -22.63
C ALA A 80 -31.81 2.20 -21.49
N TRP A 81 -31.03 3.19 -21.06
CA TRP A 81 -30.08 2.97 -19.95
C TRP A 81 -30.02 4.12 -18.95
N PRO A 82 -29.73 3.81 -17.67
CA PRO A 82 -29.70 4.82 -16.61
C PRO A 82 -28.42 5.64 -16.58
N SER A 83 -28.52 6.93 -16.84
CA SER A 83 -27.34 7.80 -16.88
C SER A 83 -27.19 8.58 -15.59
N ALA A 84 -28.24 8.58 -14.77
CA ALA A 84 -28.19 9.26 -13.48
C ALA A 84 -29.13 8.62 -12.48
N PHE A 85 -28.63 8.47 -11.26
CA PHE A 85 -29.45 8.14 -10.12
C PHE A 85 -29.45 9.35 -9.22
N LYS A 86 -30.60 9.73 -8.67
CA LYS A 86 -30.66 10.92 -7.84
C LYS A 86 -31.46 10.66 -6.57
N VAL A 87 -31.05 11.32 -5.49
CA VAL A 87 -31.82 11.30 -4.26
C VAL A 87 -31.95 12.72 -3.72
N GLN A 88 -33.15 13.08 -3.31
CA GLN A 88 -33.45 14.44 -2.88
C GLN A 88 -34.33 14.46 -1.64
N LEU A 89 -33.94 15.29 -0.67
CA LEU A 89 -34.75 15.54 0.52
C LEU A 89 -35.07 17.03 0.57
N GLN A 90 -36.33 17.35 0.86
CA GLN A 90 -36.78 18.74 0.81
C GLN A 90 -37.80 19.04 1.91
N LEU A 91 -37.46 20.03 2.74
CA LEU A 91 -38.37 20.53 3.77
C LEU A 91 -39.20 21.68 3.21
N PRO A 92 -40.51 21.71 3.51
CA PRO A 92 -41.29 22.89 3.13
C PRO A 92 -40.77 24.17 3.80
N ASP A 93 -40.93 25.31 3.14
CA ASP A 93 -40.37 26.57 3.63
C ASP A 93 -40.94 26.99 4.99
N ASN A 94 -42.20 26.67 5.25
CA ASN A 94 -42.83 27.05 6.49
C ASN A 94 -42.32 26.25 7.69
N GLU A 95 -41.49 25.25 7.42
CA GLU A 95 -40.91 24.44 8.49
C GLU A 95 -39.84 25.19 9.27
N VAL A 96 -39.78 24.92 10.57
CA VAL A 96 -38.78 25.53 11.44
C VAL A 96 -37.50 24.70 11.44
N ALA A 97 -37.66 23.39 11.25
CA ALA A 97 -36.53 22.47 11.21
C ALA A 97 -35.60 22.81 10.06
N GLN A 98 -34.32 22.51 10.21
CA GLN A 98 -33.31 22.87 9.21
C GLN A 98 -32.43 21.71 8.79
N ILE A 99 -32.00 21.73 7.53
CA ILE A 99 -30.98 20.82 7.06
C ILE A 99 -29.61 21.30 7.53
N SER A 100 -28.99 20.53 8.42
CA SER A 100 -27.75 20.94 9.06
C SER A 100 -26.52 20.31 8.42
N ASP A 101 -26.59 19.01 8.13
CA ASP A 101 -25.43 18.36 7.49
C ASP A 101 -25.82 17.24 6.54
N TYR A 102 -24.82 16.67 5.89
CA TYR A 102 -25.03 15.69 4.83
C TYR A 102 -23.75 14.90 4.54
N TYR A 103 -23.92 13.63 4.14
CA TYR A 103 -22.79 12.80 3.74
C TYR A 103 -23.24 11.81 2.66
N PRO A 104 -22.44 11.63 1.60
CA PRO A 104 -21.11 12.19 1.32
C PRO A 104 -21.13 13.62 0.77
N ARG A 105 -19.95 14.21 0.62
CA ARG A 105 -19.80 15.51 -0.02
C ARG A 105 -18.96 15.36 -1.28
N ASN A 106 -18.68 16.47 -1.95
CA ASN A 106 -17.82 16.45 -3.12
C ASN A 106 -16.36 16.41 -2.71
N SER A 107 -15.63 15.42 -3.24
CA SER A 107 -14.21 15.28 -2.95
C SER A 107 -13.39 15.92 -4.06
N ILE A 108 -12.24 16.46 -3.69
CA ILE A 108 -11.34 17.08 -4.65
C ILE A 108 -10.56 16.01 -5.40
N ASP A 109 -10.70 16.00 -6.72
CA ASP A 109 -9.97 15.06 -7.56
C ASP A 109 -8.48 15.38 -7.59
N THR A 110 -7.67 14.36 -7.86
CA THR A 110 -6.24 14.56 -8.03
C THR A 110 -5.75 13.89 -9.31
N LYS A 111 -4.55 14.27 -9.72
CA LYS A 111 -3.93 13.67 -10.90
C LYS A 111 -2.44 13.50 -10.64
N GLU A 112 -1.88 12.46 -11.24
CA GLU A 112 -0.46 12.18 -11.17
C GLU A 112 0.23 12.64 -12.45
N TYR A 113 1.17 13.56 -12.31
CA TYR A 113 1.92 14.11 -13.43
C TYR A 113 3.37 13.64 -13.42
N MET A 114 3.89 13.34 -14.60
CA MET A 114 5.23 12.76 -14.72
C MET A 114 5.99 13.32 -15.92
N SER A 115 7.17 13.89 -15.68
CA SER A 115 7.98 14.47 -16.75
C SER A 115 9.31 13.73 -16.89
N THR A 116 9.71 13.47 -18.14
CA THR A 116 10.93 12.74 -18.44
C THR A 116 11.81 13.49 -19.42
N LEU A 117 13.10 13.55 -19.12
CA LEU A 117 14.09 14.11 -20.03
C LEU A 117 15.20 13.09 -20.24
N THR A 118 15.33 12.61 -21.47
CA THR A 118 16.35 11.62 -21.80
C THR A 118 17.24 12.11 -22.92
N TYR A 119 18.54 11.91 -22.78
CA TYR A 119 19.49 12.28 -23.82
C TYR A 119 20.60 11.25 -23.89
N GLY A 120 21.08 11.00 -25.10
CA GLY A 120 22.09 9.97 -25.29
C GLY A 120 23.03 10.23 -26.45
N PHE A 121 24.13 9.49 -26.45
CA PHE A 121 25.11 9.54 -27.52
C PHE A 121 25.43 8.11 -27.95
N ASN A 122 25.83 7.94 -29.20
CA ASN A 122 26.27 6.64 -29.69
C ASN A 122 27.37 6.77 -30.73
N GLY A 123 28.37 5.90 -30.62
CA GLY A 123 29.47 5.88 -31.57
C GLY A 123 29.40 4.60 -32.36
N ASN A 124 30.00 4.57 -33.55
CA ASN A 124 29.90 3.39 -34.40
C ASN A 124 30.89 3.35 -35.55
N VAL A 125 31.45 2.16 -35.77
CA VAL A 125 32.45 1.90 -36.80
C VAL A 125 31.98 0.83 -37.79
N THR A 126 32.19 1.08 -39.08
CA THR A 126 31.71 0.19 -40.13
C THR A 126 32.88 -0.35 -40.97
N GLY A 127 32.65 -1.47 -41.67
CA GLY A 127 33.67 -2.02 -42.54
C GLY A 127 33.25 -3.27 -43.30
N ASP A 128 34.09 -3.67 -44.27
CA ASP A 128 33.84 -4.89 -45.05
C ASP A 128 35.12 -5.46 -45.66
N ASP A 129 34.96 -6.47 -46.52
CA ASP A 129 36.10 -7.22 -47.07
C ASP A 129 36.90 -6.47 -48.13
N THR A 130 36.37 -5.34 -48.61
CA THR A 130 37.08 -4.53 -49.59
C THR A 130 38.02 -3.54 -48.90
N GLY A 131 38.31 -3.79 -47.62
CA GLY A 131 39.20 -2.96 -46.84
C GLY A 131 38.63 -1.60 -46.49
N LYS A 132 37.36 -1.37 -46.85
CA LYS A 132 36.72 -0.08 -46.62
C LYS A 132 36.32 0.06 -45.15
N ILE A 133 36.42 1.29 -44.62
CA ILE A 133 36.08 1.56 -43.22
C ILE A 133 35.22 2.82 -43.08
N GLY A 134 34.14 2.72 -42.32
CA GLY A 134 33.24 3.84 -42.09
C GLY A 134 33.13 4.19 -40.62
N GLY A 135 32.52 5.33 -40.32
CA GLY A 135 32.41 5.81 -38.95
C GLY A 135 31.12 6.57 -38.70
N LEU A 136 30.71 6.62 -37.43
CA LEU A 136 29.41 7.19 -37.08
C LEU A 136 29.39 7.70 -35.63
N ILE A 137 28.96 8.95 -35.47
CA ILE A 137 28.73 9.56 -34.16
C ILE A 137 27.35 10.23 -34.13
N GLY A 138 26.47 9.72 -33.27
CA GLY A 138 25.11 10.22 -33.16
C GLY A 138 24.76 10.67 -31.75
N ALA A 139 23.79 11.57 -31.66
CA ALA A 139 23.32 12.08 -30.39
C ALA A 139 21.80 12.27 -30.43
N ASN A 140 21.16 12.18 -29.28
CA ASN A 140 19.70 12.34 -29.23
C ASN A 140 19.22 12.94 -27.91
N VAL A 141 18.07 13.62 -27.98
CA VAL A 141 17.40 14.15 -26.82
C VAL A 141 15.90 13.88 -26.94
N SER A 142 15.21 13.71 -25.82
CA SER A 142 13.79 13.41 -25.83
C SER A 142 13.10 13.89 -24.57
N ILE A 143 11.92 14.47 -24.77
CA ILE A 143 11.10 15.02 -23.70
C ILE A 143 9.79 14.25 -23.64
N GLY A 144 9.44 13.75 -22.45
CA GLY A 144 8.20 13.00 -22.26
C GLY A 144 7.33 13.58 -21.16
N HIS A 145 6.03 13.59 -21.39
CA HIS A 145 5.06 14.08 -20.40
C HIS A 145 3.93 13.07 -20.27
N THR A 146 3.66 12.67 -19.02
CA THR A 146 2.62 11.69 -18.74
C THR A 146 1.65 12.22 -17.69
N LEU A 147 0.37 12.13 -18.03
CA LEU A 147 -0.72 12.44 -17.11
C LEU A 147 -1.44 11.16 -16.75
N LYS A 148 -1.71 10.97 -15.46
CA LYS A 148 -2.26 9.72 -14.97
C LYS A 148 -3.35 9.99 -13.95
N TYR A 149 -4.51 9.35 -14.10
CA TYR A 149 -5.59 9.55 -13.14
C TYR A 149 -6.64 8.44 -13.20
N VAL A 150 -7.36 8.30 -12.10
CA VAL A 150 -8.36 7.25 -11.95
C VAL A 150 -9.76 7.81 -12.13
N GLN A 151 -10.59 7.07 -12.86
CA GLN A 151 -11.94 7.52 -13.21
C GLN A 151 -12.98 6.46 -12.84
N PRO A 152 -13.96 6.82 -12.01
CA PRO A 152 -15.02 5.86 -11.69
C PRO A 152 -16.03 5.74 -12.83
N ASP A 153 -16.73 4.62 -12.91
CA ASP A 153 -17.79 4.44 -13.90
C ASP A 153 -18.88 5.47 -13.69
N PHE A 154 -19.16 5.77 -12.43
CA PHE A 154 -20.16 6.76 -12.05
C PHE A 154 -19.55 7.77 -11.07
N LYS A 155 -19.90 9.04 -11.24
CA LYS A 155 -19.49 10.08 -10.30
C LYS A 155 -20.59 10.38 -9.29
N THR A 156 -20.23 10.40 -8.01
CA THR A 156 -21.16 10.71 -6.93
C THR A 156 -21.03 12.17 -6.52
N ILE A 157 -22.10 12.92 -6.72
CA ILE A 157 -22.08 14.37 -6.50
C ILE A 157 -23.10 14.81 -5.49
N LEU A 158 -22.67 15.65 -4.55
CA LEU A 158 -23.60 16.35 -3.65
C LEU A 158 -24.02 17.66 -4.29
N GLU A 159 -25.32 17.81 -4.54
CA GLU A 159 -25.83 19.01 -5.19
C GLU A 159 -25.88 20.17 -4.19
N SER A 160 -25.81 21.39 -4.71
CA SER A 160 -25.77 22.59 -3.87
C SER A 160 -26.92 22.57 -2.86
N PRO A 161 -26.61 22.41 -1.56
CA PRO A 161 -27.69 22.37 -0.56
C PRO A 161 -28.14 23.74 -0.09
N THR A 162 -29.34 23.77 0.49
CA THR A 162 -29.84 24.94 1.20
C THR A 162 -30.09 24.49 2.62
N ASP A 163 -30.82 25.30 3.39
CA ASP A 163 -31.21 24.89 4.74
C ASP A 163 -32.55 24.16 4.72
N LYS A 164 -33.10 23.95 3.53
CA LYS A 164 -34.42 23.33 3.37
C LYS A 164 -34.38 22.13 2.43
N LYS A 165 -33.42 22.10 1.51
CA LYS A 165 -33.32 20.98 0.58
C LYS A 165 -31.88 20.52 0.33
N VAL A 166 -31.73 19.21 0.20
CA VAL A 166 -30.44 18.58 -0.06
C VAL A 166 -30.65 17.48 -1.08
N GLY A 167 -29.59 17.10 -1.79
CA GLY A 167 -29.70 16.01 -2.73
C GLY A 167 -28.38 15.57 -3.33
N TRP A 168 -28.35 14.32 -3.80
CA TRP A 168 -27.20 13.77 -4.50
C TRP A 168 -27.57 13.33 -5.90
N LYS A 169 -26.61 13.45 -6.81
CA LYS A 169 -26.74 12.88 -8.15
C LYS A 169 -25.53 12.00 -8.43
N VAL A 170 -25.81 10.75 -8.78
CA VAL A 170 -24.81 9.76 -9.17
C VAL A 170 -24.90 9.57 -10.67
N ILE A 171 -23.92 10.10 -11.40
CA ILE A 171 -24.02 10.23 -12.85
C ILE A 171 -23.03 9.36 -13.60
N PHE A 172 -23.41 8.92 -14.79
CA PHE A 172 -22.51 8.14 -15.64
C PHE A 172 -21.33 9.02 -16.08
N ASN A 173 -20.13 8.46 -15.93
CA ASN A 173 -18.90 9.16 -16.25
C ASN A 173 -18.35 8.64 -17.57
N ASN A 174 -17.61 7.53 -17.53
CA ASN A 174 -17.21 6.81 -18.73
C ASN A 174 -17.04 5.34 -18.39
N MET A 175 -16.89 4.49 -19.39
CA MET A 175 -16.90 3.05 -19.17
C MET A 175 -16.06 2.31 -20.20
N VAL A 176 -15.43 1.22 -19.77
CA VAL A 176 -14.67 0.37 -20.67
C VAL A 176 -15.62 -0.57 -21.41
N ASN A 177 -15.41 -0.68 -22.71
CA ASN A 177 -16.19 -1.59 -23.55
C ASN A 177 -15.30 -2.65 -24.17
N GLN A 178 -15.20 -3.79 -23.50
CA GLN A 178 -14.43 -4.92 -24.01
C GLN A 178 -12.99 -4.53 -24.33
N ASN A 179 -12.28 -4.06 -23.30
CA ASN A 179 -10.88 -3.66 -23.40
C ASN A 179 -10.64 -2.47 -24.32
N ALA A 180 -11.72 -1.80 -24.74
CA ALA A 180 -11.63 -0.62 -25.59
C ALA A 180 -12.18 0.61 -24.86
N GLY A 181 -11.96 1.78 -25.44
CA GLY A 181 -12.46 3.02 -24.87
C GLY A 181 -11.47 3.64 -23.89
N PRO A 182 -11.95 4.16 -22.75
CA PRO A 182 -13.36 4.20 -22.32
C PRO A 182 -14.19 5.16 -23.14
N TYR A 183 -15.49 4.88 -23.25
CA TYR A 183 -16.42 5.74 -23.97
C TYR A 183 -17.36 6.43 -23.00
N ASP A 184 -17.95 7.55 -23.42
CA ASP A 184 -18.95 8.24 -22.61
C ASP A 184 -20.16 8.60 -23.47
N ARG A 185 -21.03 9.45 -22.94
CA ARG A 185 -22.25 9.82 -23.63
C ARG A 185 -22.00 10.71 -24.85
N ASP A 186 -20.78 11.21 -24.97
CA ASP A 186 -20.44 12.18 -26.02
C ASP A 186 -19.37 11.65 -26.98
N SER A 187 -18.97 10.39 -26.80
CA SER A 187 -18.01 9.77 -27.70
C SER A 187 -18.55 9.80 -29.12
N TRP A 188 -17.70 10.15 -30.07
CA TRP A 188 -18.08 10.06 -31.48
C TRP A 188 -16.95 9.65 -32.40
N ASN A 189 -17.32 8.76 -33.31
CA ASN A 189 -16.46 8.26 -34.36
C ASN A 189 -17.15 8.57 -35.69
N PRO A 190 -16.43 9.13 -36.67
CA PRO A 190 -17.12 9.45 -37.93
C PRO A 190 -17.74 8.21 -38.58
N VAL A 191 -17.09 7.06 -38.37
CA VAL A 191 -17.51 5.81 -38.97
C VAL A 191 -18.49 5.02 -38.10
N TYR A 192 -18.22 4.98 -36.79
CA TYR A 192 -18.97 4.15 -35.86
C TYR A 192 -19.80 4.95 -34.86
N GLY A 193 -19.57 6.25 -34.80
CA GLY A 193 -20.31 7.11 -33.88
C GLY A 193 -19.96 6.80 -32.44
N ASN A 194 -20.98 6.71 -31.60
CA ASN A 194 -20.81 6.36 -30.20
C ASN A 194 -20.87 4.85 -30.02
N GLN A 195 -19.72 4.25 -29.71
CA GLN A 195 -19.61 2.80 -29.62
C GLN A 195 -19.73 2.31 -28.19
N LEU A 196 -20.31 3.15 -27.33
CA LEU A 196 -20.36 2.91 -25.88
C LEU A 196 -20.89 1.54 -25.50
N PHE A 197 -22.08 1.21 -25.99
CA PHE A 197 -22.72 -0.07 -25.70
C PHE A 197 -22.80 -0.95 -26.95
N MET A 198 -21.94 -0.65 -27.92
CA MET A 198 -21.84 -1.44 -29.14
C MET A 198 -21.03 -2.71 -28.88
N LYS A 199 -21.62 -3.86 -29.21
CA LYS A 199 -21.01 -5.16 -28.96
C LYS A 199 -19.95 -5.48 -30.00
N THR A 200 -20.32 -5.40 -31.27
CA THR A 200 -19.40 -5.62 -32.38
C THR A 200 -19.55 -4.54 -33.45
N ALA A 201 -18.49 -4.31 -34.21
CA ALA A 201 -18.46 -3.30 -35.26
C ALA A 201 -19.16 -3.88 -36.49
N ASN A 202 -18.78 -5.10 -36.83
CA ASN A 202 -19.41 -5.84 -37.91
C ASN A 202 -20.09 -7.09 -37.37
N GLY A 203 -21.35 -7.28 -37.78
CA GLY A 203 -22.08 -8.48 -37.43
C GLY A 203 -23.27 -8.77 -38.32
N SER A 204 -23.44 -10.07 -38.62
CA SER A 204 -24.69 -10.56 -39.19
C SER A 204 -25.64 -10.95 -38.05
N MET A 205 -26.48 -9.99 -37.68
CA MET A 205 -27.38 -10.12 -36.53
C MET A 205 -28.22 -8.86 -36.37
N LYS A 206 -29.20 -8.96 -35.47
CA LYS A 206 -30.11 -7.86 -35.20
C LYS A 206 -29.40 -6.76 -34.43
N ALA A 207 -29.88 -5.53 -34.57
CA ALA A 207 -29.35 -4.41 -33.82
C ALA A 207 -29.54 -4.65 -32.33
N ALA A 208 -30.65 -5.27 -31.98
CA ALA A 208 -30.96 -5.60 -30.59
C ALA A 208 -29.94 -6.56 -30.01
N GLU A 209 -29.49 -7.50 -30.82
CA GLU A 209 -28.51 -8.48 -30.38
C GLU A 209 -27.10 -7.89 -30.32
N ASN A 210 -26.89 -6.74 -30.95
CA ASN A 210 -25.57 -6.12 -30.98
C ASN A 210 -25.27 -5.18 -29.82
N PHE A 211 -26.10 -5.18 -28.79
CA PHE A 211 -25.82 -4.36 -27.62
C PHE A 211 -24.88 -5.10 -26.67
N LEU A 212 -24.07 -4.34 -25.95
CA LEU A 212 -23.13 -4.92 -24.99
C LEU A 212 -23.89 -5.64 -23.88
N ASP A 213 -23.46 -6.86 -23.59
CA ASP A 213 -24.08 -7.66 -22.54
C ASP A 213 -23.93 -6.96 -21.21
N PRO A 214 -25.05 -6.72 -20.49
CA PRO A 214 -24.94 -6.01 -19.21
C PRO A 214 -23.95 -6.66 -18.23
N ASN A 215 -23.70 -7.95 -18.38
CA ASN A 215 -22.69 -8.63 -17.57
C ASN A 215 -21.29 -8.09 -17.83
N LYS A 216 -21.11 -7.48 -19.01
CA LYS A 216 -19.82 -6.94 -19.41
C LYS A 216 -19.77 -5.42 -19.21
N ALA A 217 -20.84 -4.86 -18.67
CA ALA A 217 -20.91 -3.43 -18.39
C ALA A 217 -21.07 -3.21 -16.89
N SER A 218 -21.04 -1.94 -16.48
CA SER A 218 -21.24 -1.58 -15.08
C SER A 218 -22.55 -2.16 -14.55
N SER A 219 -22.48 -2.79 -13.38
CA SER A 219 -23.66 -3.43 -12.80
C SER A 219 -24.71 -2.40 -12.38
N LEU A 220 -24.30 -1.14 -12.24
CA LEU A 220 -25.23 -0.07 -11.92
C LEU A 220 -26.23 0.15 -13.05
N LEU A 221 -25.80 -0.16 -14.27
CA LEU A 221 -26.64 0.04 -15.45
C LEU A 221 -27.85 -0.89 -15.46
N SER A 222 -27.65 -2.14 -15.08
CA SER A 222 -28.70 -3.15 -15.13
C SER A 222 -29.29 -3.42 -13.75
N SER A 223 -28.53 -4.06 -12.88
CA SER A 223 -29.02 -4.46 -11.57
C SER A 223 -29.34 -3.26 -10.69
N GLY A 224 -28.57 -2.19 -10.84
CA GLY A 224 -28.90 -0.92 -10.20
C GLY A 224 -27.90 -0.41 -9.19
N PHE A 225 -28.25 0.73 -8.58
CA PHE A 225 -27.41 1.43 -7.62
C PHE A 225 -28.09 1.55 -6.28
N SER A 226 -27.34 1.29 -5.20
CA SER A 226 -27.88 1.36 -3.84
C SER A 226 -27.41 2.60 -3.11
N PRO A 227 -28.29 3.61 -2.98
CA PRO A 227 -27.86 4.84 -2.28
C PRO A 227 -27.44 4.56 -0.85
N ASP A 228 -26.53 5.39 -0.33
CA ASP A 228 -26.16 5.32 1.08
C ASP A 228 -25.78 6.72 1.53
N PHE A 229 -26.79 7.59 1.59
CA PHE A 229 -26.61 8.99 1.94
C PHE A 229 -27.24 9.30 3.29
N ALA A 230 -26.58 10.16 4.04
CA ALA A 230 -27.08 10.61 5.32
C ALA A 230 -27.36 12.11 5.30
N THR A 231 -28.50 12.49 5.85
CA THR A 231 -28.85 13.90 6.04
C THR A 231 -29.13 14.17 7.50
N VAL A 232 -28.49 15.20 8.04
CA VAL A 232 -28.69 15.58 9.44
C VAL A 232 -29.54 16.83 9.54
N ILE A 233 -30.71 16.64 10.16
CA ILE A 233 -31.69 17.69 10.40
C ILE A 233 -31.62 18.16 11.85
N THR A 234 -31.52 19.48 12.05
CA THR A 234 -31.58 20.07 13.38
C THR A 234 -32.95 20.65 13.64
N MET A 235 -33.40 20.55 14.89
CA MET A 235 -34.70 21.13 15.28
C MET A 235 -34.62 21.83 16.64
N ASP A 236 -35.15 23.05 16.68
CA ASP A 236 -35.18 23.83 17.91
C ASP A 236 -36.23 23.28 18.87
N ARG A 237 -35.83 23.08 20.13
CA ARG A 237 -36.74 22.53 21.14
C ARG A 237 -37.84 23.51 21.52
N LYS A 238 -37.55 24.80 21.43
CA LYS A 238 -38.50 25.82 21.80
C LYS A 238 -39.58 26.01 20.75
N ALA A 239 -39.39 25.41 19.58
CA ALA A 239 -40.33 25.57 18.48
C ALA A 239 -41.71 25.10 18.89
N SER A 240 -42.74 25.77 18.39
CA SER A 240 -44.11 25.49 18.79
C SER A 240 -44.61 24.20 18.16
N LYS A 241 -44.44 24.06 16.85
CA LYS A 241 -44.86 22.87 16.13
C LYS A 241 -43.73 21.84 16.09
N GLN A 242 -43.83 20.82 16.93
CA GLN A 242 -42.81 19.78 17.01
C GLN A 242 -43.12 18.63 16.05
N GLN A 243 -43.76 18.97 14.94
CA GLN A 243 -43.89 18.05 13.82
C GLN A 243 -43.28 18.70 12.59
N THR A 244 -42.65 17.88 11.74
CA THR A 244 -42.07 18.39 10.50
C THR A 244 -42.30 17.43 9.34
N ASN A 245 -42.93 17.93 8.28
CA ASN A 245 -43.12 17.14 7.06
C ASN A 245 -41.86 17.18 6.21
N ILE A 246 -41.50 16.06 5.62
CA ILE A 246 -40.37 16.05 4.70
C ILE A 246 -40.63 15.13 3.51
N ASP A 247 -40.33 15.66 2.32
CA ASP A 247 -40.50 14.92 1.08
C ASP A 247 -39.17 14.34 0.63
N VAL A 248 -39.17 13.04 0.36
CA VAL A 248 -37.99 12.36 -0.16
C VAL A 248 -38.27 11.83 -1.56
N ILE A 249 -37.39 12.19 -2.49
CA ILE A 249 -37.54 11.80 -3.89
C ILE A 249 -36.35 10.95 -4.36
N TYR A 250 -36.68 9.80 -4.94
CA TYR A 250 -35.73 8.97 -5.66
C TYR A 250 -36.05 9.14 -7.13
N GLU A 251 -35.06 9.35 -7.99
CA GLU A 251 -35.37 9.37 -9.41
C GLU A 251 -34.22 8.87 -10.29
N ARG A 252 -34.61 8.36 -11.46
CA ARG A 252 -33.68 7.82 -12.43
C ARG A 252 -33.83 8.56 -13.75
N VAL A 253 -32.71 8.99 -14.33
CA VAL A 253 -32.70 9.60 -15.66
C VAL A 253 -32.12 8.63 -16.67
N ARG A 254 -32.92 8.26 -17.67
CA ARG A 254 -32.50 7.31 -18.67
C ARG A 254 -32.22 7.92 -20.03
N ASP A 255 -31.09 7.51 -20.59
CA ASP A 255 -30.67 7.90 -21.93
C ASP A 255 -31.09 6.86 -22.96
N ASP A 256 -31.13 7.33 -24.21
CA ASP A 256 -31.54 6.52 -25.36
C ASP A 256 -30.33 6.22 -26.24
N TYR A 257 -29.88 4.97 -26.24
CA TYR A 257 -28.76 4.55 -27.07
C TYR A 257 -29.24 3.68 -28.22
N GLN A 258 -29.19 4.23 -29.44
CA GLN A 258 -29.69 3.54 -30.62
C GLN A 258 -28.58 3.05 -31.51
N LEU A 259 -28.75 1.85 -32.05
CA LEU A 259 -27.83 1.30 -33.04
C LEU A 259 -28.55 1.17 -34.38
N HIS A 260 -27.89 1.62 -35.45
CA HIS A 260 -28.38 1.38 -36.79
C HIS A 260 -27.26 0.96 -37.75
N TRP A 261 -27.66 0.22 -38.78
CA TRP A 261 -26.73 -0.40 -39.74
C TRP A 261 -26.62 0.46 -41.00
N THR A 262 -25.38 0.80 -41.38
CA THR A 262 -25.12 1.73 -42.48
C THR A 262 -24.81 1.01 -43.80
N SER A 263 -25.29 -0.24 -43.90
CA SER A 263 -25.09 -1.09 -45.08
C SER A 263 -23.67 -1.66 -45.15
N THR A 264 -22.77 -1.16 -44.31
CA THR A 264 -21.38 -1.62 -44.28
C THR A 264 -20.95 -1.94 -42.85
N ASN A 265 -21.53 -1.22 -41.89
CA ASN A 265 -21.18 -1.38 -40.49
C ASN A 265 -22.26 -0.87 -39.54
N TRP A 266 -21.99 -0.95 -38.24
CA TRP A 266 -22.90 -0.46 -37.20
C TRP A 266 -22.53 0.95 -36.75
N LYS A 267 -23.55 1.75 -36.46
CA LYS A 267 -23.34 3.08 -35.92
C LYS A 267 -24.29 3.35 -34.76
N GLY A 268 -23.74 3.91 -33.69
CA GLY A 268 -24.49 4.20 -32.49
C GLY A 268 -24.74 5.68 -32.28
N THR A 269 -25.91 6.01 -31.76
CA THR A 269 -26.25 7.40 -31.44
C THR A 269 -26.91 7.45 -30.06
N ASN A 270 -26.51 8.43 -29.26
CA ASN A 270 -27.00 8.55 -27.89
C ASN A 270 -27.73 9.87 -27.66
N THR A 271 -28.99 9.78 -27.24
CA THR A 271 -29.76 10.95 -26.84
C THR A 271 -29.80 11.02 -25.31
N LYS A 272 -29.41 12.19 -24.80
CA LYS A 272 -29.29 12.42 -23.37
C LYS A 272 -30.63 12.70 -22.70
N ASP A 273 -30.78 12.17 -21.49
CA ASP A 273 -31.90 12.52 -20.61
C ASP A 273 -33.23 12.39 -21.33
N LYS A 274 -33.39 11.29 -22.06
CA LYS A 274 -34.61 11.06 -22.83
C LYS A 274 -35.80 10.83 -21.91
N TRP A 275 -35.62 9.97 -20.90
CA TRP A 275 -36.69 9.68 -19.96
C TRP A 275 -36.26 9.95 -18.52
N THR A 276 -37.24 10.22 -17.67
CA THR A 276 -37.00 10.47 -16.25
C THR A 276 -38.08 9.84 -15.39
N ASP A 277 -37.69 8.88 -14.56
CA ASP A 277 -38.60 8.26 -13.62
C ASP A 277 -38.44 8.87 -12.24
N ARG A 278 -39.49 9.52 -11.75
CA ARG A 278 -39.44 10.26 -10.49
C ARG A 278 -40.40 9.64 -9.48
N SER A 279 -39.85 9.21 -8.35
CA SER A 279 -40.62 8.58 -7.27
C SER A 279 -40.49 9.39 -5.99
N SER A 280 -41.61 9.99 -5.56
CA SER A 280 -41.61 10.88 -4.41
C SER A 280 -42.46 10.30 -3.28
N GLU A 281 -42.05 10.52 -2.04
CA GLU A 281 -42.90 10.17 -0.90
C GLU A 281 -42.69 11.08 0.31
N ARG A 282 -43.76 11.29 1.06
CA ARG A 282 -43.75 12.20 2.21
C ARG A 282 -43.71 11.46 3.53
N TYR A 283 -42.80 11.89 4.40
CA TYR A 283 -42.71 11.38 5.76
C TYR A 283 -43.05 12.46 6.78
N LYS A 284 -43.65 12.03 7.88
CA LYS A 284 -43.94 12.92 9.01
C LYS A 284 -42.94 12.68 10.13
N ILE A 285 -42.28 13.75 10.56
CA ILE A 285 -41.31 13.71 11.64
C ILE A 285 -41.94 14.24 12.91
N ASP A 286 -42.08 13.38 13.92
CA ASP A 286 -42.59 13.81 15.22
C ASP A 286 -41.46 13.86 16.24
N TRP A 287 -41.09 15.09 16.60
CA TRP A 287 -39.93 15.37 17.43
C TRP A 287 -40.17 15.13 18.93
N GLU A 288 -41.42 15.28 19.36
CA GLU A 288 -41.79 14.97 20.74
C GLU A 288 -41.80 13.47 20.93
N LYS A 289 -42.61 12.82 20.09
CA LYS A 289 -42.78 11.37 20.15
C LYS A 289 -41.53 10.67 19.66
N GLU A 290 -40.62 11.44 19.05
CA GLU A 290 -39.39 10.90 18.50
C GLU A 290 -39.72 9.71 17.63
N GLU A 291 -40.52 9.96 16.59
CA GLU A 291 -40.80 8.90 15.63
C GLU A 291 -41.14 9.51 14.28
N MET A 292 -40.73 8.80 13.24
CA MET A 292 -40.87 9.23 11.86
C MET A 292 -41.78 8.24 11.17
N THR A 293 -42.79 8.73 10.46
CA THR A 293 -43.79 7.85 9.87
C THR A 293 -44.12 8.20 8.42
N ASN A 294 -44.86 7.29 7.80
CA ASN A 294 -45.19 7.39 6.39
C ASN A 294 -46.68 7.14 6.18
N ALA B 2 3.28 11.74 18.99
CA ALA B 2 2.36 11.08 19.96
C ALA B 2 3.05 10.87 21.30
N ASP B 3 2.28 10.46 22.31
CA ASP B 3 2.78 10.34 23.67
C ASP B 3 3.71 9.14 23.86
N SER B 4 3.45 8.04 23.16
CA SER B 4 4.23 6.82 23.33
C SER B 4 5.64 6.97 22.78
N ASP B 5 5.83 7.90 21.84
CA ASP B 5 7.14 8.12 21.25
C ASP B 5 8.12 8.74 22.25
N ILE B 6 7.56 9.33 23.31
CA ILE B 6 8.36 9.95 24.38
C ILE B 6 8.16 9.23 25.71
N ASN B 7 7.91 7.93 25.63
CA ASN B 7 7.84 7.04 26.80
C ASN B 7 6.74 7.38 27.79
N ILE B 8 5.60 7.86 27.28
CA ILE B 8 4.45 8.19 28.13
C ILE B 8 3.17 7.51 27.63
N LYS B 9 2.32 7.12 28.58
CA LYS B 9 1.06 6.43 28.26
C LYS B 9 0.19 7.26 27.33
N THR B 10 -0.37 6.61 26.31
CA THR B 10 -1.11 7.31 25.26
C THR B 10 -2.37 8.01 25.78
N GLY B 11 -2.60 9.22 25.28
CA GLY B 11 -3.78 9.99 25.65
C GLY B 11 -3.60 10.75 26.95
N THR B 12 -2.39 10.70 27.50
CA THR B 12 -2.10 11.30 28.80
C THR B 12 -2.00 12.82 28.75
N THR B 13 -1.26 13.35 27.78
CA THR B 13 -0.94 14.77 27.77
C THR B 13 -2.05 15.64 27.20
N ASP B 14 -3.15 15.04 26.74
CA ASP B 14 -4.23 15.79 26.11
C ASP B 14 -5.24 16.33 27.13
N ILE B 15 -6.20 17.12 26.63
CA ILE B 15 -7.21 17.75 27.47
C ILE B 15 -8.39 16.81 27.71
N GLY B 16 -8.28 15.96 28.72
CA GLY B 16 -9.36 15.06 29.07
C GLY B 16 -9.06 14.25 30.33
N THR B 19 -14.76 16.68 33.19
CA THR B 19 -14.85 17.35 31.89
C THR B 19 -16.12 16.99 31.15
N THR B 20 -17.06 17.92 31.09
CA THR B 20 -18.24 17.75 30.24
C THR B 20 -18.32 18.91 29.25
N VAL B 21 -18.77 18.59 28.04
CA VAL B 21 -18.71 19.50 26.92
C VAL B 21 -20.07 20.01 26.50
N LYS B 22 -20.15 21.28 26.12
CA LYS B 22 -21.42 21.88 25.68
C LYS B 22 -21.38 22.19 24.20
N THR B 23 -22.19 21.49 23.40
CA THR B 23 -22.09 21.61 21.96
C THR B 23 -23.32 22.25 21.32
N GLY B 24 -23.17 22.76 20.10
CA GLY B 24 -24.30 23.34 19.40
C GLY B 24 -24.18 23.52 17.89
N ASP B 25 -25.34 23.68 17.25
CA ASP B 25 -25.47 23.89 15.80
C ASP B 25 -26.11 25.23 15.48
N LEU B 26 -25.53 25.97 14.55
CA LEU B 26 -26.14 27.19 14.03
C LEU B 26 -26.13 27.18 12.50
N VAL B 27 -27.32 27.18 11.90
CA VAL B 27 -27.45 27.07 10.45
C VAL B 27 -28.10 28.31 9.86
N THR B 28 -27.48 28.84 8.81
CA THR B 28 -27.99 29.99 8.08
C THR B 28 -27.78 29.75 6.60
N TYR B 29 -28.76 30.15 5.78
CA TYR B 29 -28.63 29.99 4.33
C TYR B 29 -28.70 31.35 3.63
N ASP B 30 -27.61 31.71 2.95
CA ASP B 30 -27.55 32.93 2.16
C ASP B 30 -27.95 32.60 0.72
N LYS B 31 -29.13 33.05 0.33
CA LYS B 31 -29.69 32.73 -0.98
C LYS B 31 -29.03 33.54 -2.10
N GLU B 32 -28.76 34.80 -1.82
CA GLU B 32 -28.18 35.69 -2.81
C GLU B 32 -26.81 35.17 -3.23
N ASN B 33 -26.05 34.70 -2.24
CA ASN B 33 -24.70 34.19 -2.48
C ASN B 33 -24.68 32.67 -2.66
N GLY B 34 -25.83 32.03 -2.52
CA GLY B 34 -25.92 30.59 -2.66
C GLY B 34 -24.95 29.89 -1.74
N MET B 35 -25.06 30.17 -0.44
CA MET B 35 -24.18 29.57 0.55
C MET B 35 -24.95 29.02 1.74
N HIS B 36 -24.83 27.72 1.94
CA HIS B 36 -25.35 27.06 3.12
C HIS B 36 -24.26 27.09 4.18
N LYS B 37 -24.48 27.88 5.23
CA LYS B 37 -23.48 28.08 6.27
C LYS B 37 -23.92 27.44 7.58
N LYS B 38 -23.16 26.44 8.01
CA LYS B 38 -23.41 25.76 9.26
C LYS B 38 -22.21 25.90 10.17
N VAL B 39 -22.46 26.21 11.43
CA VAL B 39 -21.44 26.31 12.44
C VAL B 39 -21.73 25.30 13.53
N PHE B 40 -20.79 24.38 13.75
CA PHE B 40 -20.89 23.47 14.88
C PHE B 40 -19.87 23.87 15.92
N TYR B 41 -20.30 24.06 17.16
CA TYR B 41 -19.39 24.51 18.20
C TYR B 41 -19.37 23.59 19.42
N SER B 42 -18.23 23.54 20.10
CA SER B 42 -18.06 22.79 21.33
C SER B 42 -17.32 23.58 22.40
N PHE B 43 -17.97 23.79 23.54
CA PHE B 43 -17.35 24.38 24.73
C PHE B 43 -16.75 23.27 25.57
N ILE B 44 -15.44 23.37 25.79
CA ILE B 44 -14.71 22.44 26.63
C ILE B 44 -14.13 23.19 27.83
N ASP B 45 -14.56 22.80 29.02
CA ASP B 45 -14.10 23.42 30.26
C ASP B 45 -13.47 22.39 31.19
N ASP B 46 -12.19 22.10 30.96
CA ASP B 46 -11.43 21.17 31.79
C ASP B 46 -10.77 21.93 32.92
N LYS B 47 -11.10 21.59 34.15
CA LYS B 47 -10.58 22.31 35.31
C LYS B 47 -9.06 22.21 35.37
N ASN B 48 -8.53 21.09 34.88
CA ASN B 48 -7.09 20.86 34.87
C ASN B 48 -6.40 21.55 33.71
N HIS B 49 -7.17 22.34 32.96
CA HIS B 49 -6.64 23.12 31.85
C HIS B 49 -6.68 24.60 32.20
N ASN B 50 -5.59 25.31 31.87
CA ASN B 50 -5.43 26.70 32.31
C ASN B 50 -6.35 27.68 31.61
N LYS B 51 -7.12 27.20 30.63
CA LYS B 51 -8.05 28.07 29.89
C LYS B 51 -9.31 27.33 29.44
N LYS B 52 -10.38 28.10 29.26
CA LYS B 52 -11.62 27.57 28.73
C LYS B 52 -11.52 27.47 27.21
N LEU B 53 -12.07 26.42 26.62
CA LEU B 53 -11.92 26.18 25.19
C LEU B 53 -13.23 26.26 24.42
N LEU B 54 -13.16 26.85 23.22
CA LEU B 54 -14.24 26.78 22.25
C LEU B 54 -13.72 26.27 20.92
N VAL B 55 -14.27 25.14 20.47
CA VAL B 55 -13.99 24.63 19.14
C VAL B 55 -15.11 25.07 18.20
N ILE B 56 -14.74 25.80 17.15
CA ILE B 56 -15.66 26.21 16.09
C ILE B 56 -15.35 25.47 14.80
N ARG B 57 -16.25 24.58 14.40
CA ARG B 57 -16.18 23.95 13.09
C ARG B 57 -17.09 24.65 12.10
N THR B 58 -16.49 25.15 11.02
CA THR B 58 -17.22 25.82 9.96
C THR B 58 -17.44 24.83 8.83
N LYS B 59 -18.70 24.47 8.60
CA LYS B 59 -19.06 23.51 7.56
C LYS B 59 -20.07 24.13 6.60
N GLY B 60 -21.03 23.34 6.14
CA GLY B 60 -21.99 23.81 5.16
C GLY B 60 -21.48 23.56 3.75
N THR B 61 -21.99 24.34 2.78
CA THR B 61 -21.55 24.22 1.40
C THR B 61 -21.67 25.52 0.62
N ILE B 62 -20.56 25.90 -0.03
CA ILE B 62 -20.54 27.05 -0.92
C ILE B 62 -20.77 26.57 -2.36
N ALA B 63 -21.90 26.96 -2.94
CA ALA B 63 -22.26 26.52 -4.28
C ALA B 63 -21.21 27.00 -5.30
N GLY B 64 -21.02 26.21 -6.34
CA GLY B 64 -20.05 26.54 -7.37
C GLY B 64 -20.56 27.62 -8.31
N GLN B 65 -21.79 27.47 -8.80
CA GLN B 65 -22.43 28.44 -9.67
C GLN B 65 -21.63 28.66 -10.96
N TYR B 66 -21.11 27.56 -11.49
CA TYR B 66 -20.47 27.50 -12.81
C TYR B 66 -21.52 27.73 -13.88
N ARG B 67 -21.50 28.90 -14.53
CA ARG B 67 -22.56 29.19 -15.49
C ARG B 67 -22.18 30.12 -16.64
N VAL B 68 -22.80 29.88 -17.78
CA VAL B 68 -22.74 30.75 -18.95
C VAL B 68 -23.62 31.95 -18.72
N TYR B 69 -23.03 33.14 -18.58
CA TYR B 69 -23.76 34.30 -18.08
C TYR B 69 -24.06 35.30 -19.18
N SER B 70 -23.26 35.29 -20.24
CA SER B 70 -23.42 36.26 -21.32
C SER B 70 -23.44 35.61 -22.69
N GLU B 71 -24.16 36.24 -23.61
CA GLU B 71 -24.37 35.73 -24.95
C GLU B 71 -24.38 36.89 -25.94
N GLU B 72 -23.21 37.18 -26.51
CA GLU B 72 -23.06 38.30 -27.45
C GLU B 72 -23.14 37.79 -28.89
N GLY B 73 -24.31 37.29 -29.25
CA GLY B 73 -24.53 36.71 -30.57
C GLY B 73 -24.26 35.22 -30.59
N ALA B 74 -23.47 34.79 -31.56
CA ALA B 74 -23.09 33.38 -31.68
C ALA B 74 -21.58 33.25 -31.83
N ASN B 75 -20.87 34.37 -31.71
CA ASN B 75 -19.43 34.43 -31.96
C ASN B 75 -18.62 34.60 -30.68
N LYS B 76 -19.26 35.11 -29.63
CA LYS B 76 -18.58 35.39 -28.37
C LYS B 76 -19.49 35.07 -27.18
N SER B 77 -18.94 34.40 -26.16
CA SER B 77 -19.72 34.10 -24.95
C SER B 77 -18.86 34.10 -23.68
N GLY B 78 -19.53 34.26 -22.53
CA GLY B 78 -18.87 34.37 -21.25
C GLY B 78 -19.36 33.39 -20.19
N LEU B 79 -18.39 32.76 -19.52
CA LEU B 79 -18.66 31.77 -18.47
C LEU B 79 -18.09 32.21 -17.13
N ALA B 80 -18.94 32.32 -16.12
CA ALA B 80 -18.49 32.61 -14.77
C ALA B 80 -18.21 31.30 -14.03
N TRP B 81 -17.01 31.17 -13.49
CA TRP B 81 -16.64 29.97 -12.74
C TRP B 81 -15.88 30.29 -11.44
N PRO B 82 -16.07 29.46 -10.40
CA PRO B 82 -15.44 29.70 -9.10
C PRO B 82 -14.00 29.27 -9.05
N SER B 83 -13.10 30.22 -8.81
CA SER B 83 -11.67 29.92 -8.76
C SER B 83 -11.18 29.79 -7.32
N ALA B 84 -11.99 30.24 -6.37
CA ALA B 84 -11.61 30.18 -4.96
C ALA B 84 -12.83 30.09 -4.05
N PHE B 85 -12.72 29.22 -3.04
CA PHE B 85 -13.67 29.21 -1.94
C PHE B 85 -12.89 29.64 -0.71
N LYS B 86 -13.50 30.47 0.13
CA LYS B 86 -12.79 30.95 1.32
C LYS B 86 -13.67 30.93 2.55
N VAL B 87 -13.06 30.62 3.69
CA VAL B 87 -13.72 30.75 4.98
C VAL B 87 -12.79 31.52 5.90
N GLN B 88 -13.36 32.46 6.66
CA GLN B 88 -12.57 33.28 7.57
C GLN B 88 -13.31 33.52 8.88
N LEU B 89 -12.58 33.38 9.99
CA LEU B 89 -13.08 33.74 11.31
C LEU B 89 -12.23 34.87 11.87
N GLN B 90 -12.89 35.87 12.46
CA GLN B 90 -12.18 37.05 12.96
C GLN B 90 -12.75 37.55 14.28
N LEU B 91 -11.87 37.67 15.27
CA LEU B 91 -12.20 38.29 16.54
C LEU B 91 -11.80 39.76 16.51
N PRO B 92 -12.63 40.64 17.11
CA PRO B 92 -12.20 42.03 17.26
C PRO B 92 -10.94 42.15 18.11
N ASP B 93 -10.10 43.14 17.81
CA ASP B 93 -8.80 43.28 18.47
C ASP B 93 -8.91 43.51 19.97
N ASN B 94 -9.96 44.22 20.39
CA ASN B 94 -10.13 44.54 21.81
C ASN B 94 -10.51 43.32 22.64
N GLU B 95 -10.82 42.21 21.98
CA GLU B 95 -11.19 40.99 22.67
C GLU B 95 -9.99 40.34 23.35
N VAL B 96 -10.25 39.71 24.49
CA VAL B 96 -9.20 39.07 25.27
C VAL B 96 -9.00 37.62 24.82
N ALA B 97 -10.07 37.01 24.32
CA ALA B 97 -10.00 35.65 23.78
C ALA B 97 -9.07 35.60 22.58
N GLN B 98 -8.41 34.45 22.40
CA GLN B 98 -7.40 34.28 21.35
C GLN B 98 -7.63 33.05 20.49
N ILE B 99 -7.30 33.16 19.21
CA ILE B 99 -7.27 32.00 18.33
C ILE B 99 -6.05 31.16 18.67
N SER B 100 -6.29 29.95 19.17
CA SER B 100 -5.24 29.10 19.68
C SER B 100 -4.79 28.08 18.65
N ASP B 101 -5.75 27.44 17.98
CA ASP B 101 -5.40 26.35 17.06
C ASP B 101 -6.34 26.29 15.84
N TYR B 102 -5.98 25.44 14.88
CA TYR B 102 -6.72 25.37 13.62
C TYR B 102 -6.42 24.10 12.82
N TYR B 103 -7.40 23.64 12.05
CA TYR B 103 -7.20 22.46 11.19
C TYR B 103 -8.10 22.53 9.95
N PRO B 104 -7.56 22.16 8.77
CA PRO B 104 -6.19 21.70 8.51
C PRO B 104 -5.16 22.82 8.38
N ARG B 105 -3.90 22.42 8.33
CA ARG B 105 -2.78 23.34 8.14
C ARG B 105 -2.13 23.05 6.79
N ASN B 106 -1.08 23.80 6.47
CA ASN B 106 -0.38 23.61 5.20
C ASN B 106 0.57 22.42 5.27
N SER B 107 0.44 21.52 4.31
CA SER B 107 1.26 20.31 4.26
C SER B 107 2.46 20.52 3.34
N ILE B 108 3.58 19.89 3.69
CA ILE B 108 4.76 19.90 2.84
C ILE B 108 4.58 18.89 1.73
N ASP B 109 4.60 19.36 0.48
CA ASP B 109 4.50 18.48 -0.68
C ASP B 109 5.75 17.64 -0.82
N THR B 110 5.62 16.50 -1.50
CA THR B 110 6.77 15.67 -1.84
C THR B 110 6.73 15.32 -3.33
N LYS B 111 7.87 14.88 -3.84
CA LYS B 111 7.98 14.48 -5.24
C LYS B 111 8.95 13.32 -5.36
N GLU B 112 8.67 12.42 -6.31
CA GLU B 112 9.50 11.26 -6.57
C GLU B 112 10.37 11.50 -7.80
N TYR B 113 11.68 11.30 -7.62
CA TYR B 113 12.66 11.53 -8.69
C TYR B 113 13.35 10.22 -9.07
N MET B 114 13.65 10.07 -10.36
CA MET B 114 14.34 8.88 -10.85
C MET B 114 15.49 9.27 -11.79
N SER B 115 16.64 8.66 -11.58
CA SER B 115 17.79 8.83 -12.46
C SER B 115 18.20 7.49 -13.07
N THR B 116 18.43 7.48 -14.37
CA THR B 116 18.78 6.25 -15.08
C THR B 116 20.03 6.43 -15.94
N LEU B 117 20.93 5.47 -15.86
CA LEU B 117 22.13 5.45 -16.71
C LEU B 117 22.24 4.11 -17.42
N THR B 118 22.13 4.15 -18.74
CA THR B 118 22.20 2.93 -19.53
C THR B 118 23.32 3.04 -20.56
N TYR B 119 24.03 1.94 -20.76
CA TYR B 119 25.01 1.87 -21.84
C TYR B 119 25.02 0.47 -22.44
N GLY B 120 25.21 0.41 -23.75
CA GLY B 120 25.12 -0.85 -24.46
C GLY B 120 26.02 -0.95 -25.68
N PHE B 121 26.12 -2.17 -26.20
CA PHE B 121 26.92 -2.45 -27.39
C PHE B 121 26.14 -3.37 -28.31
N ASN B 122 26.42 -3.28 -29.61
CA ASN B 122 25.80 -4.16 -30.59
C ASN B 122 26.76 -4.49 -31.73
N GLY B 123 26.68 -5.73 -32.20
CA GLY B 123 27.45 -6.17 -33.35
C GLY B 123 26.52 -6.72 -34.40
N ASN B 124 26.92 -6.61 -35.66
CA ASN B 124 26.21 -7.30 -36.74
C ASN B 124 27.09 -7.55 -37.96
N VAL B 125 26.83 -8.68 -38.61
CA VAL B 125 27.53 -9.09 -39.82
C VAL B 125 26.52 -9.18 -40.97
N THR B 126 26.86 -8.59 -42.10
CA THR B 126 25.95 -8.50 -43.24
C THR B 126 26.48 -9.28 -44.43
N GLY B 127 25.61 -9.57 -45.39
CA GLY B 127 26.04 -10.27 -46.60
C GLY B 127 24.95 -10.42 -47.65
N ASP B 128 25.35 -10.91 -48.83
CA ASP B 128 24.41 -11.16 -49.92
C ASP B 128 24.93 -12.27 -50.83
N ASP B 129 24.24 -12.50 -51.94
CA ASP B 129 24.56 -13.62 -52.83
C ASP B 129 25.76 -13.34 -53.74
N THR B 130 26.25 -12.10 -53.73
CA THR B 130 27.46 -11.77 -54.49
C THR B 130 28.70 -12.05 -53.65
N GLY B 131 28.53 -12.82 -52.58
CA GLY B 131 29.63 -13.21 -51.72
C GLY B 131 30.18 -12.07 -50.87
N LYS B 132 29.57 -10.90 -50.97
CA LYS B 132 30.04 -9.74 -50.22
C LYS B 132 29.70 -9.91 -48.75
N ILE B 133 30.62 -9.47 -47.90
CA ILE B 133 30.44 -9.54 -46.45
C ILE B 133 30.68 -8.17 -45.83
N GLY B 134 29.80 -7.76 -44.94
CA GLY B 134 29.95 -6.50 -44.22
C GLY B 134 29.92 -6.74 -42.73
N GLY B 135 30.32 -5.73 -41.96
CA GLY B 135 30.37 -5.85 -40.52
C GLY B 135 30.12 -4.52 -39.86
N LEU B 136 29.58 -4.55 -38.64
CA LEU B 136 29.25 -3.32 -37.94
C LEU B 136 29.24 -3.51 -36.42
N ILE B 137 29.94 -2.62 -35.72
CA ILE B 137 30.05 -2.64 -34.27
C ILE B 137 29.72 -1.26 -33.70
N GLY B 138 28.67 -1.19 -32.89
CA GLY B 138 28.23 0.07 -32.32
C GLY B 138 28.11 0.04 -30.82
N ALA B 139 28.16 1.23 -30.21
CA ALA B 139 28.04 1.40 -28.77
C ALA B 139 27.15 2.58 -28.45
N ASN B 140 26.52 2.56 -27.27
CA ASN B 140 25.61 3.64 -26.89
C ASN B 140 25.60 3.91 -25.39
N VAL B 141 25.34 5.17 -25.04
CA VAL B 141 25.11 5.58 -23.66
C VAL B 141 23.87 6.48 -23.61
N SER B 142 23.13 6.40 -22.51
CA SER B 142 21.89 7.15 -22.38
C SER B 142 21.63 7.51 -20.92
N ILE B 143 21.21 8.76 -20.72
CA ILE B 143 20.93 9.32 -19.40
C ILE B 143 19.46 9.70 -19.33
N GLY B 144 18.78 9.25 -18.28
CA GLY B 144 17.37 9.55 -18.08
C GLY B 144 17.11 10.19 -16.74
N HIS B 145 16.23 11.20 -16.75
CA HIS B 145 15.76 11.85 -15.53
C HIS B 145 14.24 11.88 -15.56
N THR B 146 13.61 11.40 -14.50
CA THR B 146 12.15 11.41 -14.39
C THR B 146 11.68 12.06 -13.11
N LEU B 147 10.69 12.92 -13.23
CA LEU B 147 10.09 13.61 -12.10
C LEU B 147 8.63 13.17 -11.98
N LYS B 148 8.20 12.88 -10.75
CA LYS B 148 6.85 12.36 -10.53
C LYS B 148 6.21 13.02 -9.31
N TYR B 149 4.98 13.50 -9.46
CA TYR B 149 4.26 14.12 -8.35
C TYR B 149 2.76 14.23 -8.58
N VAL B 150 2.01 14.41 -7.50
CA VAL B 150 0.56 14.47 -7.55
C VAL B 150 0.06 15.89 -7.33
N GLN B 151 -0.92 16.31 -8.14
CA GLN B 151 -1.54 17.62 -8.02
C GLN B 151 -3.06 17.49 -7.87
N PRO B 152 -3.63 18.08 -6.80
CA PRO B 152 -5.10 18.09 -6.71
C PRO B 152 -5.73 19.16 -7.60
N ASP B 153 -6.97 18.95 -8.00
CA ASP B 153 -7.68 19.92 -8.81
C ASP B 153 -7.78 21.26 -8.08
N PHE B 154 -7.99 21.19 -6.78
CA PHE B 154 -8.02 22.37 -5.93
C PHE B 154 -7.04 22.25 -4.77
N LYS B 155 -6.38 23.35 -4.44
CA LYS B 155 -5.45 23.39 -3.32
C LYS B 155 -6.14 23.94 -2.09
N THR B 156 -6.00 23.26 -0.94
CA THR B 156 -6.53 23.77 0.31
C THR B 156 -5.42 24.40 1.13
N ILE B 157 -5.54 25.69 1.39
CA ILE B 157 -4.49 26.45 2.05
C ILE B 157 -4.99 27.17 3.29
N LEU B 158 -4.24 27.01 4.38
CA LEU B 158 -4.47 27.75 5.61
C LEU B 158 -3.76 29.10 5.52
N GLU B 159 -4.52 30.19 5.53
CA GLU B 159 -3.93 31.52 5.43
C GLU B 159 -3.12 31.83 6.68
N SER B 160 -2.10 32.68 6.54
CA SER B 160 -1.26 33.08 7.67
C SER B 160 -2.11 33.61 8.81
N PRO B 161 -2.23 32.83 9.91
CA PRO B 161 -3.13 33.27 10.98
C PRO B 161 -2.47 34.23 11.95
N THR B 162 -3.29 34.95 12.71
CA THR B 162 -2.86 35.70 13.87
C THR B 162 -3.63 35.11 15.05
N ASP B 163 -3.59 35.75 16.21
CA ASP B 163 -4.37 35.27 17.36
C ASP B 163 -5.75 35.90 17.40
N LYS B 164 -6.11 36.65 16.35
CA LYS B 164 -7.43 37.28 16.27
C LYS B 164 -8.16 36.89 14.98
N LYS B 165 -7.43 36.54 13.93
CA LYS B 165 -8.04 36.19 12.65
C LYS B 165 -7.42 34.94 12.05
N VAL B 166 -8.28 34.08 11.49
CA VAL B 166 -7.84 32.87 10.81
C VAL B 166 -8.73 32.64 9.60
N GLY B 167 -8.24 31.90 8.62
CA GLY B 167 -9.03 31.59 7.45
C GLY B 167 -8.40 30.56 6.55
N TRP B 168 -9.22 29.94 5.72
CA TRP B 168 -8.74 29.01 4.69
C TRP B 168 -9.19 29.47 3.33
N LYS B 169 -8.34 29.19 2.33
CA LYS B 169 -8.72 29.36 0.94
C LYS B 169 -8.49 28.07 0.19
N VAL B 170 -9.53 27.63 -0.50
CA VAL B 170 -9.49 26.48 -1.37
C VAL B 170 -9.49 26.98 -2.81
N ILE B 171 -8.32 26.93 -3.45
CA ILE B 171 -8.11 27.59 -4.73
C ILE B 171 -8.02 26.62 -5.90
N PHE B 172 -8.41 27.08 -7.08
CA PHE B 172 -8.25 26.31 -8.30
C PHE B 172 -6.77 26.14 -8.62
N ASN B 173 -6.36 24.91 -8.92
CA ASN B 173 -4.98 24.61 -9.25
C ASN B 173 -4.81 24.41 -10.75
N ASN B 174 -5.14 23.20 -11.23
CA ASN B 174 -5.23 22.92 -12.66
C ASN B 174 -6.23 21.78 -12.86
N MET B 175 -6.59 21.51 -14.12
CA MET B 175 -7.63 20.52 -14.39
C MET B 175 -7.47 19.86 -15.75
N VAL B 176 -7.75 18.57 -15.80
CA VAL B 176 -7.74 17.80 -17.04
C VAL B 176 -9.01 18.04 -17.84
N ASN B 177 -8.86 18.32 -19.14
CA ASN B 177 -9.99 18.60 -20.02
C ASN B 177 -10.10 17.56 -21.13
N GLN B 178 -10.99 16.59 -20.94
CA GLN B 178 -11.23 15.56 -21.94
C GLN B 178 -9.93 14.88 -22.38
N ASN B 179 -9.25 14.28 -21.40
CA ASN B 179 -7.99 13.56 -21.65
C ASN B 179 -6.86 14.46 -22.12
N ALA B 180 -7.07 15.78 -22.10
CA ALA B 180 -6.07 16.75 -22.50
C ALA B 180 -5.68 17.62 -21.32
N GLY B 181 -4.66 18.46 -21.50
CA GLY B 181 -4.20 19.35 -20.45
C GLY B 181 -3.13 18.70 -19.59
N PRO B 182 -3.16 18.92 -18.27
CA PRO B 182 -4.12 19.76 -17.55
C PRO B 182 -3.89 21.24 -17.80
N TYR B 183 -4.97 22.02 -17.72
CA TYR B 183 -4.89 23.47 -17.93
C TYR B 183 -5.13 24.22 -16.63
N ASP B 184 -4.63 25.44 -16.56
CA ASP B 184 -4.88 26.31 -15.41
C ASP B 184 -5.27 27.70 -15.88
N ARG B 185 -5.30 28.65 -14.94
CA ARG B 185 -5.79 29.99 -15.22
C ARG B 185 -4.84 30.81 -16.09
N ASP B 186 -3.63 30.29 -16.28
CA ASP B 186 -2.58 31.01 -16.99
C ASP B 186 -2.12 30.27 -18.25
N SER B 187 -2.75 29.14 -18.55
CA SER B 187 -2.45 28.42 -19.78
C SER B 187 -2.72 29.31 -20.97
N TRP B 188 -1.79 29.32 -21.92
CA TRP B 188 -1.97 30.07 -23.16
C TRP B 188 -1.39 29.34 -24.35
N ASN B 189 -2.20 29.25 -25.40
CA ASN B 189 -1.85 28.61 -26.65
C ASN B 189 -2.06 29.61 -27.78
N PRO B 190 -1.07 29.77 -28.67
CA PRO B 190 -1.20 30.81 -29.71
C PRO B 190 -2.42 30.61 -30.61
N VAL B 191 -2.81 29.36 -30.82
CA VAL B 191 -3.95 29.04 -31.66
C VAL B 191 -5.27 29.05 -30.90
N TYR B 192 -5.25 28.50 -29.68
CA TYR B 192 -6.46 28.20 -28.94
C TYR B 192 -6.60 29.03 -27.65
N GLY B 193 -5.55 29.78 -27.32
CA GLY B 193 -5.57 30.59 -26.12
C GLY B 193 -5.68 29.72 -24.88
N ASN B 194 -6.63 30.05 -24.02
CA ASN B 194 -6.90 29.24 -22.84
C ASN B 194 -8.00 28.22 -23.13
N GLN B 195 -7.63 26.95 -23.16
CA GLN B 195 -8.57 25.87 -23.49
C GLN B 195 -9.14 25.22 -22.24
N LEU B 196 -9.13 25.95 -21.13
CA LEU B 196 -9.54 25.40 -19.84
C LEU B 196 -10.93 24.76 -19.86
N PHE B 197 -11.94 25.53 -20.27
CA PHE B 197 -13.32 25.03 -20.29
C PHE B 197 -13.87 24.95 -21.70
N MET B 198 -12.98 24.89 -22.69
CA MET B 198 -13.38 24.78 -24.08
C MET B 198 -13.73 23.34 -24.43
N LYS B 199 -14.94 23.14 -24.94
CA LYS B 199 -15.43 21.81 -25.28
C LYS B 199 -14.79 21.30 -26.56
N THR B 200 -15.00 22.03 -27.65
CA THR B 200 -14.46 21.67 -28.97
C THR B 200 -13.63 22.82 -29.54
N ALA B 201 -12.59 22.46 -30.29
CA ALA B 201 -11.65 23.44 -30.82
C ALA B 201 -12.25 24.23 -31.99
N ASN B 202 -12.91 23.53 -32.91
CA ASN B 202 -13.47 24.18 -34.09
C ASN B 202 -14.68 23.44 -34.64
N GLY B 203 -15.73 23.35 -33.82
CA GLY B 203 -16.98 22.73 -34.24
C GLY B 203 -17.94 23.75 -34.84
N SER B 204 -19.21 23.39 -34.94
CA SER B 204 -20.22 24.25 -35.57
C SER B 204 -21.44 24.41 -34.66
N MET B 205 -21.28 25.23 -33.63
CA MET B 205 -22.35 25.50 -32.68
C MET B 205 -22.23 26.93 -32.16
N LYS B 206 -23.18 27.35 -31.33
CA LYS B 206 -23.10 28.66 -30.70
C LYS B 206 -22.00 28.65 -29.66
N ALA B 207 -21.56 29.84 -29.25
CA ALA B 207 -20.49 29.98 -28.28
C ALA B 207 -20.91 29.41 -26.92
N ALA B 208 -22.15 29.64 -26.53
CA ALA B 208 -22.65 29.16 -25.24
C ALA B 208 -22.60 27.64 -25.14
N GLU B 209 -22.84 26.96 -26.25
CA GLU B 209 -22.79 25.50 -26.27
C GLU B 209 -21.38 24.95 -26.05
N ASN B 210 -20.37 25.72 -26.45
CA ASN B 210 -19.01 25.22 -26.52
C ASN B 210 -18.27 25.16 -25.19
N PHE B 211 -18.93 25.57 -24.09
CA PHE B 211 -18.32 25.45 -22.78
C PHE B 211 -18.40 24.02 -22.28
N LEU B 212 -17.35 23.57 -21.60
CA LEU B 212 -17.26 22.19 -21.13
C LEU B 212 -18.41 21.86 -20.21
N ASP B 213 -19.03 20.70 -20.42
CA ASP B 213 -20.14 20.24 -19.59
C ASP B 213 -19.64 20.05 -18.16
N PRO B 214 -20.26 20.74 -17.18
CA PRO B 214 -19.77 20.66 -15.79
C PRO B 214 -19.63 19.23 -15.26
N ASN B 215 -20.32 18.28 -15.87
CA ASN B 215 -20.24 16.89 -15.45
C ASN B 215 -18.88 16.24 -15.75
N LYS B 216 -18.13 16.87 -16.66
CA LYS B 216 -16.81 16.38 -17.02
C LYS B 216 -15.70 17.21 -16.39
N ALA B 217 -16.09 18.21 -15.60
CA ALA B 217 -15.15 19.05 -14.87
C ALA B 217 -15.28 18.79 -13.37
N SER B 218 -14.40 19.40 -12.58
CA SER B 218 -14.45 19.24 -11.12
C SER B 218 -15.83 19.61 -10.59
N SER B 219 -16.40 18.73 -9.76
CA SER B 219 -17.73 18.93 -9.24
C SER B 219 -17.79 20.12 -8.27
N LEU B 220 -16.63 20.55 -7.79
CA LEU B 220 -16.56 21.76 -6.97
C LEU B 220 -16.96 23.00 -7.77
N LEU B 221 -16.69 22.98 -9.08
CA LEU B 221 -16.96 24.12 -9.95
C LEU B 221 -18.44 24.47 -10.02
N SER B 222 -19.28 23.44 -10.12
CA SER B 222 -20.71 23.62 -10.31
C SER B 222 -21.49 23.39 -9.01
N SER B 223 -21.53 22.15 -8.57
CA SER B 223 -22.31 21.77 -7.40
C SER B 223 -21.78 22.41 -6.12
N GLY B 224 -20.45 22.55 -6.03
CA GLY B 224 -19.84 23.33 -4.97
C GLY B 224 -18.88 22.59 -4.05
N PHE B 225 -18.36 23.32 -3.08
CA PHE B 225 -17.37 22.81 -2.11
C PHE B 225 -17.93 22.88 -0.71
N SER B 226 -17.75 21.80 0.06
CA SER B 226 -18.23 21.73 1.44
C SER B 226 -17.07 21.92 2.42
N PRO B 227 -16.99 23.12 3.04
CA PRO B 227 -15.89 23.36 3.98
C PRO B 227 -15.93 22.42 5.17
N ASP B 228 -14.76 22.12 5.73
CA ASP B 228 -14.68 21.32 6.95
C ASP B 228 -13.44 21.76 7.71
N PHE B 229 -13.50 22.98 8.24
CA PHE B 229 -12.39 23.61 8.94
C PHE B 229 -12.72 23.81 10.42
N ALA B 230 -11.72 23.63 11.27
CA ALA B 230 -11.89 23.79 12.70
C ALA B 230 -10.95 24.85 13.27
N THR B 231 -11.50 25.69 14.14
CA THR B 231 -10.76 26.72 14.86
C THR B 231 -10.91 26.49 16.36
N VAL B 232 -9.78 26.58 17.08
CA VAL B 232 -9.81 26.48 18.54
C VAL B 232 -9.47 27.82 19.16
N ILE B 233 -10.43 28.36 19.91
CA ILE B 233 -10.29 29.60 20.67
C ILE B 233 -10.14 29.31 22.16
N THR B 234 -9.13 29.94 22.78
CA THR B 234 -8.91 29.83 24.22
C THR B 234 -9.43 31.06 24.94
N MET B 235 -9.92 30.89 26.16
CA MET B 235 -10.37 32.02 26.97
C MET B 235 -9.94 31.93 28.44
N ASP B 236 -9.38 33.03 28.93
CA ASP B 236 -8.98 33.16 30.32
C ASP B 236 -10.22 33.23 31.22
N ARG B 237 -10.27 32.34 32.21
CA ARG B 237 -11.44 32.26 33.08
C ARG B 237 -11.60 33.49 33.95
N LYS B 238 -10.48 34.15 34.27
CA LYS B 238 -10.49 35.28 35.18
C LYS B 238 -10.72 36.61 34.45
N ALA B 239 -10.91 36.54 33.13
CA ALA B 239 -11.20 37.75 32.37
C ALA B 239 -12.51 38.35 32.85
N SER B 240 -12.59 39.67 32.84
CA SER B 240 -13.77 40.36 33.34
C SER B 240 -14.95 40.20 32.39
N LYS B 241 -14.72 40.43 31.10
CA LYS B 241 -15.76 40.24 30.08
C LYS B 241 -15.76 38.82 29.54
N GLN B 242 -16.69 38.00 30.02
CA GLN B 242 -16.81 36.61 29.57
C GLN B 242 -17.78 36.48 28.39
N GLN B 243 -17.87 37.52 27.58
CA GLN B 243 -18.62 37.49 26.33
C GLN B 243 -17.70 37.91 25.20
N THR B 244 -17.85 37.27 24.04
CA THR B 244 -16.95 37.52 22.91
C THR B 244 -17.66 37.44 21.58
N ASN B 245 -17.57 38.51 20.80
CA ASN B 245 -18.11 38.51 19.43
C ASN B 245 -17.13 37.83 18.49
N ILE B 246 -17.65 37.14 17.49
CA ILE B 246 -16.81 36.60 16.43
C ILE B 246 -17.51 36.70 15.08
N ASP B 247 -16.80 37.24 14.10
CA ASP B 247 -17.33 37.37 12.75
C ASP B 247 -16.83 36.23 11.88
N VAL B 248 -17.75 35.61 11.14
CA VAL B 248 -17.41 34.55 10.21
C VAL B 248 -17.78 34.96 8.80
N ILE B 249 -16.81 34.89 7.89
CA ILE B 249 -17.02 35.24 6.49
C ILE B 249 -16.86 34.03 5.58
N TYR B 250 -17.83 33.82 4.71
CA TYR B 250 -17.71 32.89 3.59
C TYR B 250 -17.53 33.69 2.31
N GLU B 251 -16.62 33.25 1.44
CA GLU B 251 -16.38 33.96 0.20
C GLU B 251 -16.23 33.03 -1.00
N ARG B 252 -16.74 33.48 -2.14
CA ARG B 252 -16.48 32.83 -3.42
C ARG B 252 -15.94 33.85 -4.39
N VAL B 253 -14.80 33.54 -5.00
CA VAL B 253 -14.22 34.38 -6.05
C VAL B 253 -14.39 33.71 -7.39
N ARG B 254 -15.05 34.42 -8.31
CA ARG B 254 -15.30 33.90 -9.65
C ARG B 254 -14.53 34.62 -10.75
N ASP B 255 -13.93 33.79 -11.58
CA ASP B 255 -13.20 34.19 -12.76
C ASP B 255 -14.10 34.15 -13.97
N ASP B 256 -13.71 34.91 -14.99
CA ASP B 256 -14.48 35.08 -16.21
C ASP B 256 -13.77 34.42 -17.38
N TYR B 257 -14.33 33.31 -17.86
CA TYR B 257 -13.77 32.58 -18.99
C TYR B 257 -14.62 32.84 -20.22
N GLN B 258 -14.06 33.59 -21.17
CA GLN B 258 -14.78 33.98 -22.38
C GLN B 258 -14.26 33.24 -23.60
N LEU B 259 -15.19 32.83 -24.46
CA LEU B 259 -14.87 32.11 -25.70
C LEU B 259 -15.21 33.01 -26.88
N HIS B 260 -14.30 33.11 -27.84
CA HIS B 260 -14.62 33.82 -29.09
C HIS B 260 -14.09 33.10 -30.34
N TRP B 261 -14.82 33.30 -31.44
CA TRP B 261 -14.57 32.63 -32.71
C TRP B 261 -13.72 33.50 -33.63
N THR B 262 -12.55 32.99 -34.04
CA THR B 262 -11.62 33.75 -34.88
C THR B 262 -11.75 33.41 -36.36
N SER B 263 -12.90 32.88 -36.76
CA SER B 263 -13.21 32.57 -38.17
C SER B 263 -12.48 31.33 -38.68
N THR B 264 -11.50 30.85 -37.93
CA THR B 264 -10.81 29.60 -38.25
C THR B 264 -10.83 28.63 -37.08
N ASN B 265 -11.00 29.18 -35.88
CA ASN B 265 -10.95 28.39 -34.67
C ASN B 265 -11.67 29.07 -33.50
N TRP B 266 -11.77 28.37 -32.38
CA TRP B 266 -12.22 28.97 -31.13
C TRP B 266 -11.00 29.35 -30.31
N LYS B 267 -11.06 30.49 -29.62
CA LYS B 267 -10.00 30.86 -28.70
C LYS B 267 -10.61 31.42 -27.41
N GLY B 268 -10.03 30.99 -26.29
CA GLY B 268 -10.55 31.33 -24.97
C GLY B 268 -9.65 32.25 -24.19
N THR B 269 -10.27 33.09 -23.35
CA THR B 269 -9.54 34.04 -22.52
C THR B 269 -10.10 34.06 -21.11
N ASN B 270 -9.21 34.10 -20.11
CA ASN B 270 -9.61 33.99 -18.71
C ASN B 270 -9.20 35.21 -17.86
N THR B 271 -10.18 35.86 -17.26
CA THR B 271 -9.95 37.01 -16.40
C THR B 271 -10.08 36.61 -14.93
N LYS B 272 -9.04 36.91 -14.16
CA LYS B 272 -8.96 36.52 -12.75
C LYS B 272 -9.72 37.44 -11.80
N ASP B 273 -10.35 36.83 -10.81
CA ASP B 273 -10.96 37.55 -9.70
C ASP B 273 -11.84 38.68 -10.17
N LYS B 274 -12.68 38.39 -11.15
CA LYS B 274 -13.59 39.41 -11.68
C LYS B 274 -14.73 39.65 -10.70
N TRP B 275 -15.32 38.59 -10.16
CA TRP B 275 -16.40 38.78 -9.20
C TRP B 275 -16.12 38.11 -7.87
N THR B 276 -16.66 38.70 -6.82
CA THR B 276 -16.49 38.19 -5.46
C THR B 276 -17.78 38.25 -4.67
N ASP B 277 -18.26 37.06 -4.28
CA ASP B 277 -19.44 36.94 -3.43
C ASP B 277 -19.02 36.73 -1.98
N ARG B 278 -19.37 37.68 -1.14
CA ARG B 278 -18.92 37.71 0.25
C ARG B 278 -20.12 37.72 1.20
N SER B 279 -20.23 36.65 2.00
CA SER B 279 -21.32 36.49 2.95
C SER B 279 -20.77 36.44 4.36
N SER B 280 -21.09 37.45 5.16
CA SER B 280 -20.54 37.61 6.50
C SER B 280 -21.62 37.52 7.55
N GLU B 281 -21.32 36.90 8.68
CA GLU B 281 -22.25 36.86 9.80
C GLU B 281 -21.55 36.98 11.14
N ARG B 282 -22.23 37.57 12.11
CA ARG B 282 -21.69 37.79 13.43
C ARG B 282 -22.32 36.86 14.47
N TYR B 283 -21.47 36.20 15.24
CA TYR B 283 -21.90 35.33 16.33
C TYR B 283 -21.49 35.89 17.68
N LYS B 284 -22.31 35.62 18.68
CA LYS B 284 -22.01 35.96 20.06
C LYS B 284 -21.59 34.69 20.81
N ILE B 285 -20.46 34.78 21.51
CA ILE B 285 -19.93 33.69 22.32
C ILE B 285 -20.10 34.05 23.79
N ASP B 286 -20.90 33.27 24.52
CA ASP B 286 -21.02 33.45 25.95
C ASP B 286 -20.32 32.30 26.66
N TRP B 287 -19.20 32.64 27.28
CA TRP B 287 -18.31 31.69 27.95
C TRP B 287 -18.87 31.24 29.29
N GLU B 288 -19.61 32.11 29.96
CA GLU B 288 -20.20 31.77 31.26
C GLU B 288 -21.37 30.83 31.04
N LYS B 289 -22.30 31.26 30.20
CA LYS B 289 -23.47 30.45 29.86
C LYS B 289 -23.06 29.26 28.99
N GLU B 290 -21.85 29.31 28.45
CA GLU B 290 -21.35 28.32 27.51
C GLU B 290 -22.37 28.11 26.39
N GLU B 291 -22.58 29.16 25.59
CA GLU B 291 -23.45 29.04 24.43
C GLU B 291 -23.08 30.07 23.37
N MET B 292 -23.27 29.69 22.12
CA MET B 292 -22.91 30.51 20.97
C MET B 292 -24.16 30.77 20.14
N THR B 293 -24.41 32.03 19.81
CA THR B 293 -25.66 32.41 19.14
C THR B 293 -25.43 33.39 17.99
N ASN B 294 -26.46 33.58 17.18
CA ASN B 294 -26.45 34.59 16.12
C ASN B 294 -27.81 35.27 16.02
N ALA C 2 8.60 -1.87 20.23
CA ALA C 2 7.33 -1.90 21.00
C ALA C 2 7.47 -2.77 22.26
N ASP C 3 6.43 -2.77 23.08
CA ASP C 3 6.44 -3.46 24.37
C ASP C 3 6.41 -4.98 24.21
N SER C 4 5.66 -5.46 23.23
CA SER C 4 5.48 -6.89 23.02
C SER C 4 6.74 -7.56 22.50
N ASP C 5 7.63 -6.77 21.90
CA ASP C 5 8.84 -7.32 21.28
C ASP C 5 9.80 -7.90 22.31
N ILE C 6 9.64 -7.52 23.57
CA ILE C 6 10.47 -8.02 24.66
C ILE C 6 9.63 -8.75 25.71
N ASN C 7 8.54 -9.36 25.23
CA ASN C 7 7.70 -10.26 26.03
C ASN C 7 7.08 -9.59 27.26
N ILE C 8 6.71 -8.32 27.13
CA ILE C 8 6.03 -7.59 28.20
C ILE C 8 4.71 -7.03 27.67
N LYS C 9 3.68 -7.06 28.51
CA LYS C 9 2.35 -6.58 28.13
C LYS C 9 2.40 -5.10 27.74
N THR C 10 1.73 -4.76 26.63
CA THR C 10 1.86 -3.45 26.03
C THR C 10 1.39 -2.31 26.93
N GLY C 11 2.19 -1.25 26.97
CA GLY C 11 1.89 -0.08 27.78
C GLY C 11 2.41 -0.19 29.20
N THR C 12 3.17 -1.24 29.48
CA THR C 12 3.65 -1.53 30.83
C THR C 12 4.81 -0.63 31.26
N THR C 13 5.78 -0.44 30.38
CA THR C 13 7.01 0.27 30.74
C THR C 13 6.92 1.80 30.62
N ASP C 14 5.78 2.31 30.20
CA ASP C 14 5.61 3.76 30.05
C ASP C 14 5.19 4.42 31.36
N ILE C 15 5.16 5.75 31.35
CA ILE C 15 4.80 6.52 32.54
C ILE C 15 3.28 6.63 32.64
N GLY C 16 2.66 5.61 33.22
CA GLY C 16 1.23 5.60 33.44
C GLY C 16 0.78 4.34 34.16
N THR C 19 -1.48 9.26 38.85
CA THR C 19 -1.06 10.23 37.84
C THR C 19 -2.22 11.09 37.36
N THR C 20 -2.19 12.37 37.71
CA THR C 20 -3.09 13.35 37.10
C THR C 20 -2.24 14.45 36.49
N VAL C 21 -2.67 14.92 35.32
CA VAL C 21 -1.88 15.82 34.50
C VAL C 21 -2.47 17.23 34.45
N LYS C 22 -1.60 18.23 34.50
CA LYS C 22 -2.07 19.63 34.44
C LYS C 22 -1.64 20.25 33.12
N THR C 23 -2.61 20.64 32.29
CA THR C 23 -2.29 21.16 30.97
C THR C 23 -2.61 22.64 30.81
N GLY C 24 -2.03 23.25 29.78
CA GLY C 24 -2.37 24.63 29.46
C GLY C 24 -1.98 25.10 28.07
N ASP C 25 -2.61 26.20 27.67
CA ASP C 25 -2.34 26.89 26.40
C ASP C 25 -1.83 28.29 26.64
N LEU C 26 -0.76 28.66 25.94
CA LEU C 26 -0.25 30.02 25.96
C LEU C 26 -0.03 30.52 24.53
N VAL C 27 -0.78 31.56 24.15
CA VAL C 27 -0.73 32.09 22.80
C VAL C 27 -0.16 33.51 22.77
N THR C 28 0.81 33.72 21.90
CA THR C 28 1.39 35.02 21.66
C THR C 28 1.47 35.25 20.16
N TYR C 29 1.12 36.44 19.71
CA TYR C 29 1.26 36.79 18.30
C TYR C 29 2.25 37.93 18.10
N ASP C 30 3.32 37.63 17.37
CA ASP C 30 4.30 38.64 16.99
C ASP C 30 3.86 39.26 15.66
N LYS C 31 3.42 40.52 15.73
CA LYS C 31 2.85 41.21 14.57
C LYS C 31 3.94 41.62 13.56
N GLU C 32 5.04 42.18 14.05
CA GLU C 32 6.11 42.63 13.17
C GLU C 32 6.77 41.46 12.46
N ASN C 33 6.94 40.36 13.17
CA ASN C 33 7.57 39.17 12.61
C ASN C 33 6.56 38.22 11.96
N GLY C 34 5.28 38.55 12.06
CA GLY C 34 4.23 37.73 11.50
C GLY C 34 4.32 36.29 11.97
N MET C 35 4.24 36.11 13.28
CA MET C 35 4.32 34.77 13.87
C MET C 35 3.25 34.52 14.91
N HIS C 36 2.41 33.52 14.66
CA HIS C 36 1.47 33.03 15.65
C HIS C 36 2.15 31.93 16.44
N LYS C 37 2.44 32.22 17.71
CA LYS C 37 3.19 31.31 18.55
C LYS C 37 2.30 30.76 19.65
N LYS C 38 2.10 29.45 19.62
CA LYS C 38 1.31 28.78 20.65
C LYS C 38 2.10 27.68 21.35
N VAL C 39 2.06 27.71 22.67
CA VAL C 39 2.68 26.68 23.49
C VAL C 39 1.59 25.91 24.22
N PHE C 40 1.54 24.60 23.99
CA PHE C 40 0.67 23.72 24.74
C PHE C 40 1.53 22.91 25.71
N TYR C 41 1.22 22.98 27.00
CA TYR C 41 2.05 22.27 27.98
C TYR C 41 1.27 21.29 28.83
N SER C 42 1.94 20.21 29.22
CA SER C 42 1.39 19.21 30.13
C SER C 42 2.37 18.85 31.25
N PHE C 43 1.95 19.10 32.49
CA PHE C 43 2.67 18.66 33.69
C PHE C 43 2.24 17.26 34.07
N ILE C 44 3.20 16.34 34.02
CA ILE C 44 2.99 14.93 34.37
C ILE C 44 3.81 14.57 35.62
N ASP C 45 3.09 14.26 36.70
CA ASP C 45 3.71 13.91 37.96
C ASP C 45 3.34 12.49 38.37
N ASP C 46 4.09 11.52 37.83
CA ASP C 46 3.93 10.11 38.19
C ASP C 46 4.83 9.78 39.36
N LYS C 47 4.24 9.44 40.51
CA LYS C 47 5.02 9.17 41.71
C LYS C 47 5.98 8.01 41.51
N ASN C 48 5.61 7.09 40.62
CA ASN C 48 6.44 5.94 40.32
C ASN C 48 7.56 6.28 39.32
N HIS C 49 7.59 7.53 38.86
CA HIS C 49 8.67 8.02 38.01
C HIS C 49 9.59 8.93 38.81
N ASN C 50 10.89 8.72 38.67
CA ASN C 50 11.88 9.39 39.52
C ASN C 50 12.03 10.88 39.21
N LYS C 51 11.33 11.35 38.19
CA LYS C 51 11.36 12.75 37.80
C LYS C 51 9.97 13.30 37.55
N LYS C 52 9.82 14.60 37.77
CA LYS C 52 8.62 15.31 37.37
C LYS C 52 8.78 15.69 35.90
N LEU C 53 7.74 15.52 35.10
CA LEU C 53 7.84 15.82 33.66
C LEU C 53 7.00 17.01 33.23
N LEU C 54 7.55 17.78 32.30
CA LEU C 54 6.79 18.79 31.59
C LEU C 54 6.97 18.55 30.09
N VAL C 55 5.85 18.34 29.41
CA VAL C 55 5.85 18.23 27.96
C VAL C 55 5.43 19.55 27.36
N ILE C 56 6.31 20.14 26.55
CA ILE C 56 6.03 21.36 25.83
C ILE C 56 5.87 21.10 24.34
N ARG C 57 4.66 21.26 23.84
CA ARG C 57 4.37 21.16 22.42
C ARG C 57 4.27 22.56 21.82
N THR C 58 5.18 22.87 20.90
CA THR C 58 5.26 24.18 20.28
C THR C 58 4.55 24.13 18.95
N LYS C 59 3.47 24.90 18.81
CA LYS C 59 2.66 24.87 17.61
C LYS C 59 2.52 26.29 17.05
N GLY C 60 1.35 26.63 16.52
CA GLY C 60 1.15 27.94 15.93
C GLY C 60 1.56 27.94 14.47
N THR C 61 1.83 29.12 13.93
CA THR C 61 2.21 29.27 12.52
C THR C 61 3.17 30.44 12.32
N ILE C 62 4.25 30.15 11.58
CA ILE C 62 5.16 31.18 11.08
C ILE C 62 4.78 31.49 9.64
N ALA C 63 4.37 32.72 9.38
CA ALA C 63 3.99 33.13 8.03
C ALA C 63 5.19 33.05 7.09
N GLY C 64 4.94 32.67 5.84
CA GLY C 64 5.99 32.55 4.85
C GLY C 64 6.50 33.90 4.40
N GLN C 65 5.56 34.81 4.08
CA GLN C 65 5.89 36.16 3.65
C GLN C 65 6.73 36.17 2.37
N TYR C 66 6.34 35.31 1.43
CA TYR C 66 6.86 35.31 0.07
C TYR C 66 6.40 36.58 -0.64
N ARG C 67 7.28 37.56 -0.81
CA ARG C 67 6.86 38.87 -1.32
C ARG C 67 7.89 39.58 -2.18
N VAL C 68 7.40 40.22 -3.23
CA VAL C 68 8.20 41.07 -4.09
C VAL C 68 8.46 42.39 -3.37
N TYR C 69 9.71 42.67 -3.03
CA TYR C 69 10.01 43.74 -2.06
C TYR C 69 10.53 45.01 -2.71
N SER C 70 11.16 44.88 -3.88
CA SER C 70 11.63 46.05 -4.60
C SER C 70 11.44 45.89 -6.11
N GLU C 71 11.20 47.03 -6.76
CA GLU C 71 11.06 47.09 -8.21
C GLU C 71 12.03 48.12 -8.77
N GLU C 72 13.20 47.67 -9.19
CA GLU C 72 14.26 48.57 -9.57
C GLU C 72 14.20 48.85 -11.07
N GLY C 73 13.25 49.70 -11.47
CA GLY C 73 13.05 49.99 -12.88
C GLY C 73 12.03 49.04 -13.49
N ALA C 74 12.37 48.50 -14.66
CA ALA C 74 11.51 47.55 -15.36
C ALA C 74 12.32 46.34 -15.82
N ASN C 75 13.61 46.33 -15.48
CA ASN C 75 14.53 45.29 -15.91
C ASN C 75 14.82 44.29 -14.80
N LYS C 76 14.79 44.79 -13.56
CA LYS C 76 15.30 44.05 -12.41
C LYS C 76 14.36 44.16 -11.23
N SER C 77 14.04 43.03 -10.58
CA SER C 77 13.16 43.05 -9.41
C SER C 77 13.55 41.99 -8.39
N GLY C 78 13.16 42.22 -7.14
CA GLY C 78 13.57 41.39 -6.02
C GLY C 78 12.44 40.76 -5.24
N LEU C 79 12.61 39.49 -4.93
CA LEU C 79 11.62 38.69 -4.19
C LEU C 79 12.23 38.10 -2.92
N ALA C 80 11.63 38.40 -1.78
CA ALA C 80 12.05 37.80 -0.51
C ALA C 80 11.21 36.57 -0.23
N TRP C 81 11.86 35.45 0.09
CA TRP C 81 11.15 34.20 0.37
C TRP C 81 11.78 33.38 1.51
N PRO C 82 10.97 32.59 2.23
CA PRO C 82 11.45 31.84 3.39
C PRO C 82 12.16 30.53 3.04
N SER C 83 13.43 30.41 3.38
CA SER C 83 14.21 29.21 3.08
C SER C 83 14.32 28.30 4.30
N ALA C 84 13.99 28.82 5.47
CA ALA C 84 14.03 28.03 6.70
C ALA C 84 13.06 28.54 7.75
N PHE C 85 12.34 27.61 8.37
CA PHE C 85 11.58 27.90 9.58
C PHE C 85 12.28 27.18 10.73
N LYS C 86 12.42 27.85 11.87
CA LYS C 86 13.11 27.24 12.99
C LYS C 86 12.35 27.41 14.29
N VAL C 87 12.42 26.39 15.13
CA VAL C 87 11.83 26.45 16.46
C VAL C 87 12.87 25.96 17.45
N GLN C 88 13.07 26.72 18.52
CA GLN C 88 14.12 26.41 19.48
C GLN C 88 13.68 26.64 20.92
N LEU C 89 14.04 25.70 21.79
CA LEU C 89 13.81 25.83 23.22
C LEU C 89 15.15 25.78 23.94
N GLN C 90 15.34 26.69 24.88
CA GLN C 90 16.59 26.76 25.61
C GLN C 90 16.42 27.09 27.09
N LEU C 91 16.98 26.23 27.94
CA LEU C 91 17.04 26.45 29.37
C LEU C 91 18.31 27.24 29.69
N PRO C 92 18.21 28.25 30.58
CA PRO C 92 19.44 28.86 31.07
C PRO C 92 20.33 27.82 31.77
N ASP C 93 21.65 28.00 31.70
CA ASP C 93 22.56 26.98 32.19
C ASP C 93 22.45 26.75 33.70
N ASN C 94 22.10 27.80 34.44
CA ASN C 94 21.98 27.68 35.90
C ASN C 94 20.80 26.82 36.32
N GLU C 95 19.97 26.43 35.37
CA GLU C 95 18.80 25.62 35.67
C GLU C 95 19.16 24.18 35.99
N VAL C 96 18.39 23.57 36.90
CA VAL C 96 18.57 22.18 37.28
C VAL C 96 17.74 21.26 36.38
N ALA C 97 16.67 21.81 35.82
CA ALA C 97 15.83 21.07 34.89
C ALA C 97 16.63 20.72 33.63
N GLN C 98 16.28 19.60 33.01
CA GLN C 98 17.02 19.09 31.87
C GLN C 98 16.10 18.76 30.71
N ILE C 99 16.59 18.95 29.49
CA ILE C 99 15.87 18.48 28.31
C ILE C 99 16.11 16.99 28.17
N SER C 100 15.03 16.23 28.34
CA SER C 100 15.11 14.78 28.39
C SER C 100 14.81 14.14 27.05
N ASP C 101 13.78 14.64 26.36
CA ASP C 101 13.41 14.05 25.07
C ASP C 101 12.82 15.05 24.08
N TYR C 102 12.63 14.61 22.84
CA TYR C 102 12.20 15.50 21.76
C TYR C 102 11.57 14.72 20.61
N TYR C 103 10.60 15.35 19.92
CA TYR C 103 10.00 14.75 18.74
C TYR C 103 9.54 15.82 17.75
N PRO C 104 9.74 15.60 16.44
CA PRO C 104 10.37 14.44 15.81
C PRO C 104 11.89 14.48 15.87
N ARG C 105 12.52 13.37 15.48
CA ARG C 105 13.97 13.28 15.41
C ARG C 105 14.37 13.06 13.95
N ASN C 106 15.68 12.94 13.72
CA ASN C 106 16.15 12.70 12.36
C ASN C 106 15.99 11.24 11.97
N SER C 107 15.26 11.01 10.88
CA SER C 107 15.02 9.67 10.38
C SER C 107 16.03 9.31 9.30
N ILE C 108 16.39 8.04 9.22
CA ILE C 108 17.32 7.56 8.20
C ILE C 108 16.62 7.50 6.86
N ASP C 109 17.01 8.37 5.94
CA ASP C 109 16.40 8.41 4.62
C ASP C 109 16.79 7.15 3.86
N THR C 110 15.99 6.80 2.86
CA THR C 110 16.24 5.59 2.08
C THR C 110 16.21 5.91 0.60
N LYS C 111 16.84 5.04 -0.18
CA LYS C 111 16.88 5.17 -1.63
C LYS C 111 16.72 3.81 -2.26
N GLU C 112 16.13 3.79 -3.44
CA GLU C 112 15.83 2.57 -4.16
C GLU C 112 16.74 2.45 -5.38
N TYR C 113 17.57 1.41 -5.39
CA TYR C 113 18.51 1.18 -6.47
C TYR C 113 18.07 0.00 -7.33
N MET C 114 18.38 0.06 -8.61
CA MET C 114 17.94 -0.96 -9.55
C MET C 114 18.98 -1.19 -10.66
N SER C 115 19.40 -2.44 -10.83
CA SER C 115 20.40 -2.79 -11.84
C SER C 115 19.82 -3.72 -12.91
N THR C 116 20.13 -3.44 -14.17
CA THR C 116 19.55 -4.18 -15.28
C THR C 116 20.60 -4.70 -16.27
N LEU C 117 20.42 -5.94 -16.70
CA LEU C 117 21.23 -6.54 -17.75
C LEU C 117 20.30 -7.13 -18.80
N THR C 118 20.41 -6.63 -20.03
CA THR C 118 19.65 -7.18 -21.14
C THR C 118 20.56 -7.59 -22.28
N TYR C 119 20.31 -8.77 -22.85
CA TYR C 119 21.02 -9.17 -24.06
C TYR C 119 20.10 -9.89 -25.03
N GLY C 120 20.34 -9.66 -26.32
CA GLY C 120 19.46 -10.14 -27.36
C GLY C 120 20.17 -10.44 -28.67
N PHE C 121 19.43 -11.11 -29.56
CA PHE C 121 19.94 -11.48 -30.87
C PHE C 121 18.87 -11.16 -31.91
N ASN C 122 19.30 -10.89 -33.14
CA ASN C 122 18.35 -10.65 -34.22
C ASN C 122 18.87 -11.15 -35.55
N GLY C 123 17.98 -11.74 -36.35
CA GLY C 123 18.32 -12.21 -37.68
C GLY C 123 17.46 -11.49 -38.69
N ASN C 124 17.94 -11.44 -39.93
CA ASN C 124 17.10 -10.93 -41.01
C ASN C 124 17.44 -11.52 -42.37
N VAL C 125 16.41 -11.56 -43.23
CA VAL C 125 16.51 -11.90 -44.65
C VAL C 125 15.89 -10.77 -45.48
N THR C 126 16.64 -10.30 -46.47
CA THR C 126 16.18 -9.19 -47.33
C THR C 126 16.30 -9.58 -48.82
N GLY C 127 15.51 -8.92 -49.67
CA GLY C 127 15.48 -9.25 -51.08
C GLY C 127 14.67 -8.29 -51.95
N ASP C 128 14.75 -8.47 -53.26
CA ASP C 128 14.02 -7.63 -54.20
C ASP C 128 13.77 -8.33 -55.55
N ASP C 129 13.27 -7.55 -56.52
CA ASP C 129 12.81 -8.10 -57.80
C ASP C 129 13.93 -8.50 -58.77
N THR C 130 15.15 -8.06 -58.49
CA THR C 130 16.29 -8.42 -59.34
C THR C 130 16.94 -9.72 -58.86
N GLY C 131 16.20 -10.48 -58.05
CA GLY C 131 16.65 -11.80 -57.62
C GLY C 131 17.77 -11.77 -56.59
N LYS C 132 18.18 -10.57 -56.18
CA LYS C 132 19.21 -10.41 -55.17
C LYS C 132 18.66 -10.69 -53.77
N ILE C 133 19.42 -11.42 -52.95
CA ILE C 133 19.01 -11.76 -51.60
C ILE C 133 20.14 -11.53 -50.59
N GLY C 134 19.80 -10.93 -49.45
CA GLY C 134 20.76 -10.62 -48.42
C GLY C 134 20.31 -11.10 -47.05
N GLY C 135 21.20 -11.03 -46.07
CA GLY C 135 20.88 -11.43 -44.72
C GLY C 135 21.75 -10.78 -43.67
N LEU C 136 21.25 -10.72 -42.43
CA LEU C 136 22.07 -10.19 -41.32
C LEU C 136 21.79 -10.91 -40.01
N ILE C 137 22.83 -11.11 -39.23
CA ILE C 137 22.74 -11.67 -37.87
C ILE C 137 23.46 -10.76 -36.89
N GLY C 138 22.69 -10.16 -35.97
CA GLY C 138 23.23 -9.22 -35.02
C GLY C 138 22.97 -9.64 -33.58
N ALA C 139 23.75 -9.09 -32.66
CA ALA C 139 23.65 -9.41 -31.25
C ALA C 139 23.78 -8.13 -30.42
N ASN C 140 23.25 -8.17 -29.20
CA ASN C 140 23.20 -6.98 -28.37
C ASN C 140 23.28 -7.29 -26.88
N VAL C 141 23.98 -6.43 -26.14
CA VAL C 141 23.97 -6.44 -24.69
C VAL C 141 23.90 -5.01 -24.18
N SER C 142 23.22 -4.80 -23.06
CA SER C 142 23.09 -3.47 -22.48
C SER C 142 22.92 -3.53 -20.96
N ILE C 143 23.64 -2.64 -20.28
CA ILE C 143 23.64 -2.56 -18.83
C ILE C 143 23.04 -1.24 -18.36
N GLY C 144 22.09 -1.32 -17.43
CA GLY C 144 21.43 -0.14 -16.91
C GLY C 144 21.51 -0.02 -15.39
N HIS C 145 21.56 1.23 -14.93
CA HIS C 145 21.50 1.54 -13.51
C HIS C 145 20.44 2.61 -13.27
N THR C 146 19.50 2.32 -12.38
CA THR C 146 18.43 3.26 -12.04
C THR C 146 18.40 3.53 -10.54
N LEU C 147 18.32 4.81 -10.21
CA LEU C 147 18.23 5.30 -8.84
C LEU C 147 16.88 6.00 -8.66
N LYS C 148 16.19 5.68 -7.58
CA LYS C 148 14.82 6.16 -7.35
C LYS C 148 14.64 6.57 -5.91
N TYR C 149 14.14 7.78 -5.67
CA TYR C 149 13.95 8.25 -4.30
C TYR C 149 12.99 9.43 -4.20
N VAL C 150 12.46 9.62 -2.99
CA VAL C 150 11.48 10.65 -2.71
C VAL C 150 12.10 11.78 -1.91
N GLN C 151 11.83 13.02 -2.31
CA GLN C 151 12.31 14.18 -1.57
C GLN C 151 11.19 15.20 -1.35
N PRO C 152 11.02 15.68 -0.10
CA PRO C 152 10.01 16.69 0.22
C PRO C 152 10.41 18.10 -0.21
N ASP C 153 9.44 18.99 -0.34
CA ASP C 153 9.72 20.39 -0.64
C ASP C 153 10.58 21.01 0.45
N PHE C 154 10.29 20.61 1.69
CA PHE C 154 11.06 21.06 2.85
C PHE C 154 11.51 19.87 3.68
N LYS C 155 12.73 19.94 4.21
CA LYS C 155 13.25 18.91 5.12
C LYS C 155 12.99 19.31 6.57
N THR C 156 12.52 18.37 7.38
CA THR C 156 12.38 18.59 8.82
C THR C 156 13.54 17.97 9.57
N ILE C 157 14.34 18.81 10.22
CA ILE C 157 15.56 18.34 10.89
C ILE C 157 15.62 18.75 12.35
N LEU C 158 15.93 17.76 13.21
CA LEU C 158 16.17 18.00 14.63
C LEU C 158 17.63 18.37 14.82
N GLU C 159 17.87 19.57 15.37
CA GLU C 159 19.22 20.06 15.58
C GLU C 159 19.87 19.34 16.75
N SER C 160 21.20 19.22 16.71
CA SER C 160 21.94 18.55 17.76
C SER C 160 21.59 19.10 19.15
N PRO C 161 20.83 18.33 19.94
CA PRO C 161 20.39 18.84 21.24
C PRO C 161 21.45 18.68 22.34
N THR C 162 21.29 19.47 23.40
CA THR C 162 22.05 19.30 24.63
C THR C 162 21.04 18.96 25.72
N ASP C 163 21.45 18.97 26.98
CA ASP C 163 20.52 18.76 28.08
C ASP C 163 19.91 20.09 28.53
N LYS C 164 20.22 21.16 27.82
CA LYS C 164 19.68 22.48 28.12
C LYS C 164 19.00 23.15 26.92
N LYS C 165 19.39 22.76 25.71
CA LYS C 165 18.84 23.40 24.51
C LYS C 165 18.51 22.40 23.40
N VAL C 166 17.40 22.66 22.72
CA VAL C 166 16.93 21.81 21.63
C VAL C 166 16.28 22.69 20.55
N GLY C 167 16.20 22.17 19.32
CA GLY C 167 15.55 22.92 18.26
C GLY C 167 15.36 22.13 16.97
N TRP C 168 14.39 22.56 16.18
CA TRP C 168 14.18 22.02 14.84
C TRP C 168 14.35 23.10 13.80
N LYS C 169 14.80 22.68 12.61
CA LYS C 169 14.78 23.53 11.44
C LYS C 169 14.10 22.82 10.30
N VAL C 170 13.12 23.50 9.72
CA VAL C 170 12.41 23.06 8.54
C VAL C 170 12.94 23.84 7.35
N ILE C 171 13.75 23.18 6.52
CA ILE C 171 14.55 23.87 5.50
C ILE C 171 14.08 23.58 4.09
N PHE C 172 14.23 24.57 3.21
CA PHE C 172 13.85 24.41 1.81
C PHE C 172 14.80 23.45 1.09
N ASN C 173 14.23 22.46 0.42
CA ASN C 173 15.02 21.46 -0.30
C ASN C 173 15.04 21.76 -1.81
N ASN C 174 13.99 21.35 -2.51
CA ASN C 174 13.82 21.72 -3.91
C ASN C 174 12.34 21.82 -4.25
N MET C 175 12.02 22.35 -5.42
CA MET C 175 10.63 22.60 -5.78
C MET C 175 10.42 22.58 -7.30
N VAL C 176 9.26 22.09 -7.72
CA VAL C 176 8.88 22.09 -9.13
C VAL C 176 8.41 23.47 -9.55
N ASN C 177 8.89 23.94 -10.71
CA ASN C 177 8.48 25.22 -11.26
C ASN C 177 7.69 25.02 -12.56
N GLN C 178 6.36 24.96 -12.44
CA GLN C 178 5.49 24.74 -13.59
C GLN C 178 5.89 23.49 -14.34
N ASN C 179 5.87 22.35 -13.65
CA ASN C 179 6.15 21.05 -14.25
C ASN C 179 7.58 20.94 -14.80
N ALA C 180 8.44 21.87 -14.40
CA ALA C 180 9.85 21.84 -14.77
C ALA C 180 10.70 21.64 -13.53
N GLY C 181 12.01 21.46 -13.72
CA GLY C 181 12.93 21.31 -12.60
C GLY C 181 13.06 19.87 -12.17
N PRO C 182 13.11 19.61 -10.84
CA PRO C 182 13.03 20.56 -9.73
C PRO C 182 14.30 21.40 -9.55
N TYR C 183 14.13 22.58 -8.94
CA TYR C 183 15.23 23.51 -8.71
C TYR C 183 15.47 23.69 -7.22
N ASP C 184 16.68 24.14 -6.86
CA ASP C 184 16.99 24.50 -5.48
C ASP C 184 17.72 25.83 -5.43
N ARG C 185 18.27 26.16 -4.26
CA ARG C 185 18.93 27.44 -4.06
C ARG C 185 20.25 27.56 -4.82
N ASP C 186 20.73 26.43 -5.34
CA ASP C 186 22.05 26.35 -5.96
C ASP C 186 21.98 26.00 -7.44
N SER C 187 20.77 25.83 -7.96
CA SER C 187 20.59 25.55 -9.38
C SER C 187 21.18 26.68 -10.20
N TRP C 188 21.91 26.34 -11.26
CA TRP C 188 22.46 27.35 -12.14
C TRP C 188 22.53 26.93 -13.60
N ASN C 189 22.06 27.83 -14.45
CA ASN C 189 21.99 27.64 -15.89
C ASN C 189 22.72 28.81 -16.55
N PRO C 190 23.59 28.54 -17.54
CA PRO C 190 24.37 29.63 -18.14
C PRO C 190 23.49 30.70 -18.78
N VAL C 191 22.37 30.28 -19.34
CA VAL C 191 21.47 31.20 -20.05
C VAL C 191 20.47 31.84 -19.10
N TYR C 192 19.90 31.04 -18.20
CA TYR C 192 18.76 31.48 -17.40
C TYR C 192 19.09 31.62 -15.92
N GLY C 193 20.29 31.23 -15.52
CA GLY C 193 20.69 31.32 -14.13
C GLY C 193 19.86 30.39 -13.27
N ASN C 194 19.37 30.91 -12.15
CA ASN C 194 18.50 30.13 -11.27
C ASN C 194 17.04 30.31 -11.64
N GLN C 195 16.42 29.23 -12.11
CA GLN C 195 15.05 29.28 -12.63
C GLN C 195 14.02 28.91 -11.57
N LEU C 196 14.41 29.02 -10.30
CA LEU C 196 13.60 28.54 -9.17
C LEU C 196 12.17 29.11 -9.13
N PHE C 197 12.06 30.44 -9.10
CA PHE C 197 10.75 31.09 -9.04
C PHE C 197 10.43 31.87 -10.31
N MET C 198 11.08 31.48 -11.41
CA MET C 198 10.89 32.14 -12.70
C MET C 198 9.59 31.68 -13.36
N LYS C 199 8.73 32.63 -13.73
CA LYS C 199 7.45 32.28 -14.36
C LYS C 199 7.64 31.94 -15.84
N THR C 200 8.19 32.88 -16.60
CA THR C 200 8.45 32.69 -18.03
C THR C 200 9.92 32.91 -18.33
N ALA C 201 10.42 32.22 -19.34
CA ALA C 201 11.80 32.39 -19.78
C ALA C 201 11.97 33.75 -20.43
N ASN C 202 10.96 34.13 -21.21
CA ASN C 202 10.93 35.43 -21.87
C ASN C 202 9.49 35.89 -22.04
N GLY C 203 9.24 37.16 -21.73
CA GLY C 203 7.92 37.75 -21.90
C GLY C 203 8.02 39.24 -22.14
N SER C 204 6.89 39.92 -22.04
CA SER C 204 6.82 41.36 -22.29
C SER C 204 6.16 42.08 -21.12
N MET C 205 6.87 42.14 -20.00
CA MET C 205 6.35 42.74 -18.77
C MET C 205 7.47 43.34 -17.95
N LYS C 206 7.11 44.05 -16.90
CA LYS C 206 8.07 44.49 -15.89
C LYS C 206 8.55 43.25 -15.16
N ALA C 207 9.71 43.37 -14.50
CA ALA C 207 10.33 42.23 -13.85
C ALA C 207 9.37 41.63 -12.82
N ALA C 208 8.76 42.48 -12.01
CA ALA C 208 7.92 42.03 -10.89
C ALA C 208 6.83 41.04 -11.30
N GLU C 209 6.29 41.19 -12.49
CA GLU C 209 5.24 40.28 -12.95
C GLU C 209 5.76 38.87 -13.22
N ASN C 210 7.06 38.74 -13.43
CA ASN C 210 7.60 37.47 -13.93
C ASN C 210 7.94 36.49 -12.81
N PHE C 211 7.70 36.89 -11.56
CA PHE C 211 7.89 35.98 -10.44
C PHE C 211 6.78 34.93 -10.44
N LEU C 212 7.12 33.72 -10.02
CA LEU C 212 6.15 32.63 -9.96
C LEU C 212 5.02 32.99 -9.00
N ASP C 213 3.78 32.78 -9.46
CA ASP C 213 2.60 33.04 -8.64
C ASP C 213 2.61 32.10 -7.43
N PRO C 214 2.60 32.66 -6.21
CA PRO C 214 2.70 31.81 -5.00
C PRO C 214 1.66 30.69 -4.94
N ASN C 215 0.59 30.82 -5.71
CA ASN C 215 -0.46 29.79 -5.74
C ASN C 215 0.02 28.51 -6.41
N LYS C 216 1.05 28.61 -7.25
CA LYS C 216 1.58 27.46 -7.97
C LYS C 216 2.91 26.99 -7.35
N ALA C 217 3.29 27.59 -6.23
CA ALA C 217 4.49 27.20 -5.51
C ALA C 217 4.09 26.56 -4.17
N SER C 218 5.08 26.08 -3.43
CA SER C 218 4.83 25.51 -2.11
C SER C 218 4.09 26.52 -1.24
N SER C 219 2.99 26.07 -0.64
CA SER C 219 2.14 26.95 0.15
C SER C 219 2.84 27.39 1.44
N LEU C 220 3.91 26.70 1.79
CA LEU C 220 4.71 27.10 2.96
C LEU C 220 5.45 28.40 2.70
N LEU C 221 5.76 28.68 1.43
CA LEU C 221 6.53 29.87 1.08
C LEU C 221 5.76 31.16 1.37
N SER C 222 4.46 31.14 1.13
CA SER C 222 3.63 32.33 1.31
C SER C 222 2.82 32.25 2.60
N SER C 223 1.82 31.37 2.64
CA SER C 223 0.90 31.30 3.76
C SER C 223 1.58 30.86 5.04
N GLY C 224 2.61 30.01 4.92
CA GLY C 224 3.49 29.72 6.05
C GLY C 224 3.55 28.27 6.49
N PHE C 225 4.28 28.06 7.57
CA PHE C 225 4.50 26.73 8.14
C PHE C 225 4.01 26.68 9.59
N SER C 226 3.31 25.59 9.92
CA SER C 226 2.79 25.39 11.27
C SER C 226 3.58 24.32 12.02
N PRO C 227 4.46 24.73 12.95
CA PRO C 227 5.26 23.74 13.68
C PRO C 227 4.38 22.79 14.51
N ASP C 228 4.90 21.60 14.76
CA ASP C 228 4.27 20.68 15.70
C ASP C 228 5.35 19.80 16.32
N PHE C 229 6.13 20.42 17.21
CA PHE C 229 7.26 19.77 17.84
C PHE C 229 7.05 19.63 19.34
N ALA C 230 7.56 18.54 19.90
CA ALA C 230 7.42 18.25 21.32
C ALA C 230 8.77 18.15 22.01
N THR C 231 8.86 18.81 23.16
CA THR C 231 10.02 18.76 24.03
C THR C 231 9.62 18.20 25.39
N VAL C 232 10.39 17.24 25.89
CA VAL C 232 10.16 16.68 27.22
C VAL C 232 11.26 17.09 28.17
N ILE C 233 10.85 17.83 29.20
CA ILE C 233 11.75 18.34 30.23
C ILE C 233 11.51 17.61 31.56
N THR C 234 12.57 17.11 32.17
CA THR C 234 12.50 16.40 33.44
C THR C 234 13.01 17.29 34.57
N MET C 235 12.43 17.13 35.76
CA MET C 235 12.83 17.92 36.93
C MET C 235 12.92 17.04 38.18
N ASP C 236 14.02 17.18 38.90
CA ASP C 236 14.22 16.48 40.17
C ASP C 236 13.32 17.11 41.24
N ARG C 237 12.57 16.27 41.95
CA ARG C 237 11.60 16.76 42.93
C ARG C 237 12.26 17.35 44.18
N LYS C 238 13.47 16.91 44.49
CA LYS C 238 14.15 17.33 45.72
C LYS C 238 14.94 18.63 45.58
N ALA C 239 14.93 19.23 44.40
CA ALA C 239 15.64 20.49 44.20
C ALA C 239 15.06 21.55 45.11
N SER C 240 15.92 22.47 45.56
CA SER C 240 15.47 23.56 46.42
C SER C 240 14.60 24.54 45.64
N LYS C 241 15.04 24.88 44.44
CA LYS C 241 14.33 25.80 43.57
C LYS C 241 13.43 25.04 42.60
N GLN C 242 12.12 25.08 42.86
CA GLN C 242 11.16 24.41 41.99
C GLN C 242 10.52 25.38 41.00
N GLN C 243 11.30 26.35 40.54
CA GLN C 243 10.90 27.23 39.44
C GLN C 243 11.92 27.06 38.31
N THR C 244 11.49 27.23 37.07
CA THR C 244 12.42 27.16 35.94
C THR C 244 12.04 28.09 34.79
N ASN C 245 13.00 28.92 34.37
CA ASN C 245 12.81 29.74 33.18
C ASN C 245 13.13 28.93 31.92
N ILE C 246 12.37 29.17 30.87
CA ILE C 246 12.68 28.56 29.57
C ILE C 246 12.38 29.53 28.43
N ASP C 247 13.31 29.60 27.47
CA ASP C 247 13.16 30.46 26.31
C ASP C 247 12.62 29.69 25.12
N VAL C 248 11.60 30.23 24.48
CA VAL C 248 11.07 29.65 23.25
C VAL C 248 11.21 30.64 22.11
N ILE C 249 11.83 30.17 21.03
CA ILE C 249 12.14 31.01 19.88
C ILE C 249 11.55 30.47 18.58
N TYR C 250 10.82 31.32 17.87
CA TYR C 250 10.38 31.04 16.52
C TYR C 250 11.21 31.91 15.58
N GLU C 251 11.64 31.36 14.45
CA GLU C 251 12.54 32.08 13.56
C GLU C 251 12.29 31.76 12.09
N ARG C 252 12.41 32.80 11.26
CA ARG C 252 12.28 32.66 9.81
C ARG C 252 13.52 33.22 9.15
N VAL C 253 14.11 32.43 8.26
CA VAL C 253 15.25 32.86 7.47
C VAL C 253 14.81 33.05 6.02
N ARG C 254 15.04 34.25 5.50
CA ARG C 254 14.58 34.63 4.18
C ARG C 254 15.72 34.85 3.20
N ASP C 255 15.58 34.22 2.03
CA ASP C 255 16.49 34.38 0.91
C ASP C 255 16.00 35.42 -0.08
N ASP C 256 16.95 35.91 -0.88
CA ASP C 256 16.70 36.96 -1.86
C ASP C 256 16.80 36.42 -3.29
N TYR C 257 15.65 36.30 -3.95
CA TYR C 257 15.60 35.86 -5.33
C TYR C 257 15.35 37.04 -6.25
N GLN C 258 16.34 37.36 -7.07
CA GLN C 258 16.28 38.49 -7.97
C GLN C 258 16.13 38.06 -9.42
N LEU C 259 15.28 38.78 -10.15
CA LEU C 259 15.12 38.60 -11.58
C LEU C 259 15.72 39.79 -12.31
N HIS C 260 16.53 39.52 -13.34
CA HIS C 260 17.04 40.60 -14.19
C HIS C 260 16.96 40.24 -15.69
N TRP C 261 16.86 41.27 -16.51
CA TRP C 261 16.71 41.16 -17.95
C TRP C 261 18.06 41.31 -18.66
N THR C 262 18.42 40.31 -19.46
CA THR C 262 19.71 40.32 -20.16
C THR C 262 19.57 40.67 -21.64
N SER C 263 18.52 41.41 -21.97
CA SER C 263 18.30 41.95 -23.32
C SER C 263 17.76 40.91 -24.30
N THR C 264 17.76 39.64 -23.90
CA THR C 264 17.27 38.56 -24.78
C THR C 264 16.29 37.65 -24.04
N ASN C 265 16.53 37.44 -22.75
CA ASN C 265 15.66 36.60 -21.93
C ASN C 265 15.81 36.98 -20.46
N TRP C 266 15.20 36.20 -19.58
CA TRP C 266 15.27 36.49 -18.15
C TRP C 266 16.36 35.66 -17.50
N LYS C 267 17.02 36.21 -16.50
CA LYS C 267 17.95 35.44 -15.69
C LYS C 267 17.74 35.73 -14.20
N GLY C 268 17.72 34.65 -13.41
CA GLY C 268 17.45 34.73 -11.99
C GLY C 268 18.67 34.42 -11.15
N THR C 269 18.80 35.11 -10.01
CA THR C 269 19.92 34.89 -9.11
C THR C 269 19.44 34.88 -7.66
N ASN C 270 19.96 33.95 -6.86
CA ASN C 270 19.49 33.75 -5.48
C ASN C 270 20.60 33.93 -4.45
N THR C 271 20.37 34.81 -3.48
CA THR C 271 21.29 35.01 -2.37
C THR C 271 20.74 34.38 -1.09
N LYS C 272 21.59 33.57 -0.45
CA LYS C 272 21.21 32.78 0.71
C LYS C 272 21.19 33.55 2.03
N ASP C 273 20.23 33.20 2.89
CA ASP C 273 20.18 33.69 4.27
C ASP C 273 20.34 35.20 4.36
N LYS C 274 19.66 35.93 3.48
CA LYS C 274 19.77 37.37 3.43
C LYS C 274 19.20 38.00 4.70
N TRP C 275 17.98 37.62 5.06
CA TRP C 275 17.31 38.19 6.23
C TRP C 275 16.94 37.11 7.25
N THR C 276 16.81 37.50 8.50
CA THR C 276 16.45 36.58 9.57
C THR C 276 15.56 37.26 10.61
N ASP C 277 14.31 36.79 10.70
CA ASP C 277 13.38 37.31 11.68
C ASP C 277 13.31 36.34 12.85
N ARG C 278 13.64 36.82 14.03
CA ARG C 278 13.70 35.98 15.23
C ARG C 278 12.79 36.53 16.33
N SER C 279 11.84 35.69 16.74
CA SER C 279 10.86 36.04 17.75
C SER C 279 11.04 35.15 18.97
N SER C 280 11.47 35.76 20.07
CA SER C 280 11.78 35.03 21.30
C SER C 280 10.85 35.42 22.44
N GLU C 281 10.47 34.44 23.25
CA GLU C 281 9.63 34.69 24.43
C GLU C 281 10.09 33.80 25.59
N ARG C 282 10.05 34.34 26.80
CA ARG C 282 10.47 33.57 27.99
C ARG C 282 9.27 33.16 28.85
N TYR C 283 9.29 31.89 29.25
CA TYR C 283 8.25 31.32 30.09
C TYR C 283 8.79 30.93 31.45
N LYS C 284 7.95 31.06 32.47
CA LYS C 284 8.25 30.57 33.80
C LYS C 284 7.47 29.27 34.06
N ILE C 285 8.21 28.27 34.53
CA ILE C 285 7.67 26.95 34.86
C ILE C 285 7.66 26.77 36.37
N ASP C 286 6.49 26.64 36.98
CA ASP C 286 6.40 26.40 38.41
C ASP C 286 6.06 24.94 38.67
N TRP C 287 7.05 24.19 39.12
CA TRP C 287 6.90 22.74 39.28
C TRP C 287 6.04 22.38 40.48
N GLU C 288 5.96 23.29 41.47
CA GLU C 288 5.11 23.07 42.63
C GLU C 288 3.65 23.37 42.28
N LYS C 289 3.40 24.56 41.74
CA LYS C 289 2.05 24.95 41.33
C LYS C 289 1.61 24.17 40.09
N GLU C 290 2.57 23.61 39.37
CA GLU C 290 2.32 22.93 38.11
C GLU C 290 1.56 23.85 37.18
N GLU C 291 2.14 25.02 36.93
CA GLU C 291 1.62 25.94 35.93
C GLU C 291 2.76 26.67 35.24
N MET C 292 2.51 27.08 34.00
CA MET C 292 3.51 27.70 33.14
C MET C 292 2.98 29.03 32.64
N THR C 293 3.78 30.09 32.76
CA THR C 293 3.32 31.44 32.41
C THR C 293 4.33 32.24 31.59
N ASN C 294 3.87 33.34 31.01
CA ASN C 294 4.77 34.28 30.33
C ASN C 294 4.36 35.73 30.61
N ALA D 2 2.11 -13.94 17.18
CA ALA D 2 1.18 -13.53 18.27
C ALA D 2 0.62 -14.76 18.96
N ASP D 3 -0.06 -14.56 20.09
CA ASP D 3 -0.57 -15.67 20.87
C ASP D 3 -1.72 -16.38 20.15
N SER D 4 -2.57 -15.61 19.47
CA SER D 4 -3.70 -16.18 18.75
C SER D 4 -3.25 -17.15 17.67
N ASP D 5 -1.98 -17.05 17.27
CA ASP D 5 -1.40 -17.96 16.28
C ASP D 5 -1.14 -19.34 16.88
N ILE D 6 -1.07 -19.42 18.19
CA ILE D 6 -0.90 -20.71 18.87
C ILE D 6 -2.12 -21.00 19.76
N ASN D 7 -3.28 -20.52 19.31
CA ASN D 7 -4.57 -20.85 19.92
C ASN D 7 -4.71 -20.38 21.36
N ILE D 8 -4.08 -19.25 21.67
CA ILE D 8 -4.13 -18.66 23.00
C ILE D 8 -4.60 -17.21 22.93
N LYS D 9 -5.35 -16.79 23.95
CA LYS D 9 -5.82 -15.40 24.04
C LYS D 9 -4.63 -14.44 24.03
N THR D 10 -4.75 -13.37 23.23
CA THR D 10 -3.65 -12.42 23.07
C THR D 10 -3.30 -11.72 24.38
N GLY D 11 -2.01 -11.64 24.66
CA GLY D 11 -1.52 -10.99 25.87
C GLY D 11 -1.44 -11.93 27.06
N THR D 12 -1.77 -13.20 26.85
CA THR D 12 -1.76 -14.18 27.93
C THR D 12 -0.34 -14.53 28.36
N THR D 13 0.53 -14.84 27.40
CA THR D 13 1.86 -15.37 27.71
C THR D 13 2.92 -14.30 27.98
N ASP D 14 2.54 -13.03 27.89
CA ASP D 14 3.47 -11.93 28.16
C ASP D 14 3.50 -11.59 29.65
N ILE D 15 4.50 -10.80 30.04
CA ILE D 15 4.69 -10.41 31.43
C ILE D 15 3.88 -9.16 31.77
N GLY D 16 3.02 -9.26 32.77
CA GLY D 16 2.29 -8.11 33.27
C GLY D 16 1.34 -8.47 34.39
N ASN D 18 -1.06 -8.80 39.46
CA ASN D 18 -0.71 -7.54 40.09
C ASN D 18 0.77 -7.20 39.88
N THR D 19 1.02 -6.20 39.03
CA THR D 19 2.39 -5.81 38.68
C THR D 19 2.50 -4.29 38.60
N THR D 20 3.35 -3.70 39.44
CA THR D 20 3.63 -2.27 39.34
C THR D 20 5.07 -2.03 38.91
N VAL D 21 5.24 -1.03 38.06
CA VAL D 21 6.50 -0.74 37.40
C VAL D 21 7.10 0.54 37.93
N LYS D 22 8.42 0.52 38.20
CA LYS D 22 9.10 1.70 38.73
C LYS D 22 10.04 2.29 37.70
N THR D 23 9.72 3.49 37.22
CA THR D 23 10.42 4.05 36.07
C THR D 23 11.29 5.25 36.43
N GLY D 24 12.22 5.61 35.54
CA GLY D 24 13.00 6.82 35.73
C GLY D 24 13.83 7.29 34.56
N ASP D 25 14.31 8.54 34.67
CA ASP D 25 15.13 9.18 33.64
C ASP D 25 16.47 9.68 34.21
N LEU D 26 17.55 9.39 33.50
CA LEU D 26 18.86 9.97 33.80
C LEU D 26 19.44 10.66 32.55
N VAL D 27 19.73 11.95 32.65
CA VAL D 27 20.26 12.71 31.52
C VAL D 27 21.62 13.33 31.82
N THR D 28 22.60 13.04 30.97
CA THR D 28 23.88 13.76 31.02
C THR D 28 24.30 14.18 29.61
N TYR D 29 24.93 15.35 29.52
CA TYR D 29 25.44 15.85 28.24
C TYR D 29 26.96 15.93 28.26
N ASP D 30 27.60 15.15 27.39
CA ASP D 30 29.06 15.20 27.23
C ASP D 30 29.39 16.25 26.17
N LYS D 31 29.88 17.41 26.62
CA LYS D 31 30.11 18.53 25.73
C LYS D 31 31.31 18.32 24.82
N GLU D 32 32.39 17.77 25.38
CA GLU D 32 33.60 17.52 24.61
C GLU D 32 33.27 16.63 23.42
N ASN D 33 32.43 15.64 23.66
CA ASN D 33 32.07 14.66 22.63
C ASN D 33 30.74 14.99 21.95
N GLY D 34 30.09 16.07 22.39
CA GLY D 34 28.85 16.51 21.80
C GLY D 34 27.81 15.41 21.81
N MET D 35 27.50 14.91 22.99
CA MET D 35 26.54 13.81 23.14
C MET D 35 25.52 14.09 24.23
N HIS D 36 24.26 14.14 23.83
CA HIS D 36 23.14 14.15 24.76
C HIS D 36 22.77 12.71 25.06
N LYS D 37 23.02 12.28 26.30
CA LYS D 37 22.80 10.90 26.69
C LYS D 37 21.71 10.78 27.74
N LYS D 38 20.63 10.10 27.34
CA LYS D 38 19.48 9.90 28.21
C LYS D 38 19.20 8.41 28.41
N VAL D 39 19.02 8.03 29.66
CA VAL D 39 18.63 6.68 30.03
C VAL D 39 17.23 6.71 30.61
N PHE D 40 16.32 5.98 29.97
CA PHE D 40 14.99 5.76 30.55
C PHE D 40 14.91 4.33 31.02
N TYR D 41 14.64 4.12 32.31
CA TYR D 41 14.64 2.76 32.84
C TYR D 41 13.31 2.40 33.47
N SER D 42 12.99 1.11 33.40
CA SER D 42 11.80 0.56 34.04
C SER D 42 12.08 -0.74 34.81
N PHE D 43 11.79 -0.71 36.11
CA PHE D 43 11.83 -1.89 36.97
C PHE D 43 10.50 -2.61 36.95
N ILE D 44 10.52 -3.86 36.46
CA ILE D 44 9.33 -4.70 36.43
C ILE D 44 9.51 -5.91 37.35
N ASP D 45 8.70 -5.98 38.39
CA ASP D 45 8.76 -7.06 39.36
C ASP D 45 7.47 -7.85 39.37
N ASP D 46 7.34 -8.80 38.44
CA ASP D 46 6.18 -9.67 38.35
C ASP D 46 6.41 -10.91 39.21
N LYS D 47 5.53 -11.11 40.19
CA LYS D 47 5.66 -12.24 41.11
C LYS D 47 5.52 -13.56 40.37
N ASN D 48 4.73 -13.56 39.30
CA ASN D 48 4.54 -14.76 38.50
C ASN D 48 5.69 -14.98 37.51
N HIS D 49 6.68 -14.10 37.57
CA HIS D 49 7.89 -14.22 36.74
C HIS D 49 9.07 -14.62 37.61
N ASN D 50 9.91 -15.52 37.09
CA ASN D 50 10.96 -16.13 37.89
C ASN D 50 12.14 -15.21 38.19
N LYS D 51 12.12 -14.00 37.64
CA LYS D 51 13.19 -13.04 37.87
C LYS D 51 12.68 -11.60 37.89
N LYS D 52 13.44 -10.72 38.54
CA LYS D 52 13.15 -9.29 38.48
C LYS D 52 13.67 -8.77 37.15
N LEU D 53 12.95 -7.84 36.54
CA LEU D 53 13.32 -7.28 35.24
C LEU D 53 13.68 -5.82 35.31
N LEU D 54 14.73 -5.45 34.57
CA LEU D 54 15.04 -4.05 34.32
C LEU D 54 15.15 -3.79 32.82
N VAL D 55 14.33 -2.88 32.33
CA VAL D 55 14.43 -2.45 30.93
C VAL D 55 15.14 -1.10 30.86
N ILE D 56 16.25 -1.08 30.13
CA ILE D 56 17.04 0.12 29.91
C ILE D 56 16.89 0.61 28.48
N ARG D 57 16.32 1.79 28.32
CA ARG D 57 16.19 2.41 27.02
C ARG D 57 17.21 3.54 26.87
N THR D 58 18.12 3.34 25.93
CA THR D 58 19.14 4.31 25.62
C THR D 58 18.64 5.15 24.45
N LYS D 59 18.54 6.45 24.73
CA LYS D 59 18.08 7.44 23.78
C LYS D 59 19.06 8.61 23.79
N GLY D 60 18.54 9.83 23.68
CA GLY D 60 19.39 11.00 23.56
C GLY D 60 19.78 11.23 22.11
N THR D 61 20.88 11.95 21.87
CA THR D 61 21.34 12.18 20.50
C THR D 61 22.86 12.36 20.42
N ILE D 62 23.45 11.61 19.50
CA ILE D 62 24.86 11.77 19.15
C ILE D 62 24.96 12.74 17.98
N ALA D 63 25.58 13.89 18.20
CA ALA D 63 25.74 14.88 17.14
C ALA D 63 26.58 14.31 16.00
N GLY D 64 26.24 14.66 14.77
CA GLY D 64 26.96 14.17 13.62
C GLY D 64 28.33 14.85 13.49
N GLN D 65 28.34 16.16 13.63
CA GLN D 65 29.57 16.95 13.60
C GLN D 65 30.32 16.82 12.27
N TYR D 66 29.55 16.85 11.20
CA TYR D 66 30.07 16.96 9.83
C TYR D 66 30.74 18.31 9.64
N ARG D 67 32.08 18.34 9.58
CA ARG D 67 32.77 19.63 9.53
C ARG D 67 34.07 19.65 8.72
N VAL D 68 34.32 20.79 8.07
CA VAL D 68 35.60 21.05 7.41
C VAL D 68 36.65 21.37 8.46
N TYR D 69 37.66 20.51 8.60
CA TYR D 69 38.56 20.60 9.76
C TYR D 69 39.94 21.17 9.41
N SER D 70 40.36 20.99 8.16
CA SER D 70 41.65 21.52 7.70
C SER D 70 41.55 22.10 6.31
N GLU D 71 42.38 23.11 6.05
CA GLU D 71 42.36 23.84 4.80
C GLU D 71 43.78 24.28 4.43
N GLU D 72 44.42 23.50 3.58
CA GLU D 72 45.78 23.77 3.14
C GLU D 72 45.78 24.56 1.83
N GLY D 73 45.30 25.80 1.91
CA GLY D 73 45.20 26.65 0.74
C GLY D 73 43.85 26.57 0.08
N ALA D 74 43.85 26.53 -1.25
CA ALA D 74 42.62 26.50 -2.03
C ALA D 74 42.59 25.26 -2.91
N ASN D 75 43.63 24.44 -2.80
CA ASN D 75 43.73 23.22 -3.58
C ASN D 75 43.50 21.97 -2.76
N LYS D 76 43.58 22.07 -1.45
CA LYS D 76 43.45 20.90 -0.58
C LYS D 76 42.59 21.23 0.64
N SER D 77 41.62 20.37 0.94
CA SER D 77 40.85 20.52 2.18
C SER D 77 40.37 19.18 2.74
N GLY D 78 40.12 19.17 4.04
CA GLY D 78 39.69 17.97 4.75
C GLY D 78 38.38 18.14 5.49
N LEU D 79 37.51 17.14 5.35
CA LEU D 79 36.19 17.12 5.97
C LEU D 79 36.01 15.90 6.88
N ALA D 80 35.78 16.16 8.17
CA ALA D 80 35.52 15.09 9.12
C ALA D 80 34.04 14.76 9.16
N TRP D 81 33.71 13.48 8.97
CA TRP D 81 32.30 13.07 8.97
C TRP D 81 32.06 11.76 9.72
N PRO D 82 30.85 11.59 10.30
CA PRO D 82 30.51 10.40 11.08
C PRO D 82 30.16 9.19 10.22
N SER D 83 30.96 8.14 10.30
CA SER D 83 30.74 6.93 9.52
C SER D 83 30.08 5.84 10.36
N ALA D 84 30.06 6.03 11.68
CA ALA D 84 29.40 5.08 12.57
C ALA D 84 29.02 5.72 13.89
N PHE D 85 27.80 5.44 14.32
CA PHE D 85 27.36 5.77 15.67
C PHE D 85 27.24 4.46 16.43
N LYS D 86 27.63 4.44 17.70
CA LYS D 86 27.58 3.20 18.46
C LYS D 86 27.03 3.44 19.85
N VAL D 87 26.30 2.46 20.37
CA VAL D 87 25.83 2.48 21.75
C VAL D 87 26.05 1.10 22.35
N GLN D 88 26.70 1.07 23.51
CA GLN D 88 27.12 -0.18 24.15
C GLN D 88 26.83 -0.18 25.63
N LEU D 89 26.29 -1.29 26.12
CA LEU D 89 26.05 -1.50 27.54
C LEU D 89 26.83 -2.72 28.01
N GLN D 90 27.47 -2.61 29.16
CA GLN D 90 28.31 -3.69 29.67
C GLN D 90 28.17 -3.87 31.18
N LEU D 91 27.89 -5.11 31.59
CA LEU D 91 27.93 -5.53 32.98
C LEU D 91 29.28 -6.17 33.29
N PRO D 92 29.90 -5.80 34.42
CA PRO D 92 31.14 -6.49 34.82
C PRO D 92 30.93 -7.99 35.03
N ASP D 93 31.99 -8.78 34.85
CA ASP D 93 31.91 -10.24 34.92
C ASP D 93 31.44 -10.76 36.28
N ASN D 94 31.84 -10.09 37.34
CA ASN D 94 31.54 -10.56 38.69
C ASN D 94 30.06 -10.43 39.05
N GLU D 95 29.32 -9.68 38.24
CA GLU D 95 27.89 -9.48 38.48
C GLU D 95 27.10 -10.75 38.16
N VAL D 96 26.06 -10.99 38.95
CA VAL D 96 25.23 -12.18 38.77
C VAL D 96 24.12 -11.90 37.77
N ALA D 97 23.80 -10.61 37.61
CA ALA D 97 22.78 -10.17 36.67
C ALA D 97 23.16 -10.51 35.23
N GLN D 98 22.14 -10.67 34.38
CA GLN D 98 22.35 -11.11 33.00
C GLN D 98 21.62 -10.23 32.00
N ILE D 99 22.20 -10.09 30.81
CA ILE D 99 21.50 -9.48 29.69
C ILE D 99 20.58 -10.53 29.06
N SER D 100 19.27 -10.30 29.15
CA SER D 100 18.30 -11.27 28.69
C SER D 100 17.78 -10.97 27.29
N ASP D 101 17.47 -9.70 27.00
CA ASP D 101 16.93 -9.38 25.68
C ASP D 101 17.34 -8.00 25.17
N TYR D 102 16.96 -7.68 23.94
CA TYR D 102 17.38 -6.45 23.28
C TYR D 102 16.55 -6.09 22.05
N TYR D 103 16.41 -4.80 21.79
CA TYR D 103 15.73 -4.32 20.58
C TYR D 103 16.36 -3.01 20.08
N PRO D 104 16.57 -2.87 18.76
CA PRO D 104 16.25 -3.82 17.68
C PRO D 104 17.30 -4.90 17.49
N ARG D 105 16.97 -5.89 16.65
CA ARG D 105 17.93 -6.93 16.27
C ARG D 105 18.18 -6.79 14.77
N ASN D 106 19.03 -7.65 14.22
CA ASN D 106 19.31 -7.62 12.80
C ASN D 106 18.17 -8.25 12.01
N SER D 107 17.65 -7.50 11.05
CA SER D 107 16.58 -7.97 10.19
C SER D 107 17.16 -8.51 8.89
N ILE D 108 16.50 -9.52 8.33
CA ILE D 108 16.97 -10.13 7.09
C ILE D 108 16.59 -9.27 5.89
N ASP D 109 17.61 -8.81 5.15
CA ASP D 109 17.39 -8.02 3.95
C ASP D 109 16.71 -8.86 2.87
N THR D 110 16.00 -8.18 1.97
CA THR D 110 15.37 -8.84 0.83
C THR D 110 15.70 -8.08 -0.44
N LYS D 111 15.53 -8.76 -1.57
CA LYS D 111 15.80 -8.18 -2.88
C LYS D 111 14.77 -8.69 -3.86
N GLU D 112 14.37 -7.83 -4.78
CA GLU D 112 13.41 -8.19 -5.82
C GLU D 112 14.14 -8.47 -7.12
N TYR D 113 13.92 -9.66 -7.66
CA TYR D 113 14.52 -10.07 -8.92
C TYR D 113 13.48 -10.16 -10.03
N MET D 114 13.88 -9.80 -11.24
CA MET D 114 12.97 -9.81 -12.36
C MET D 114 13.64 -10.40 -13.59
N SER D 115 12.92 -11.29 -14.28
CA SER D 115 13.36 -11.88 -15.53
C SER D 115 12.36 -11.60 -16.64
N THR D 116 12.87 -11.15 -17.79
CA THR D 116 12.03 -10.85 -18.94
C THR D 116 12.53 -11.58 -20.18
N LEU D 117 11.60 -12.11 -20.97
CA LEU D 117 11.92 -12.79 -22.22
C LEU D 117 10.98 -12.27 -23.30
N THR D 118 11.56 -11.57 -24.27
CA THR D 118 10.78 -11.00 -25.38
C THR D 118 11.30 -11.49 -26.72
N TYR D 119 10.39 -11.83 -27.62
CA TYR D 119 10.74 -12.23 -28.97
C TYR D 119 9.74 -11.65 -29.96
N GLY D 120 10.22 -11.32 -31.15
CA GLY D 120 9.37 -10.67 -32.14
C GLY D 120 9.75 -10.88 -33.58
N PHE D 121 8.82 -10.54 -34.46
CA PHE D 121 9.00 -10.63 -35.90
C PHE D 121 8.51 -9.33 -36.55
N ASN D 122 9.10 -8.97 -37.68
CA ASN D 122 8.68 -7.76 -38.39
C ASN D 122 8.87 -7.91 -39.89
N GLY D 123 7.91 -7.36 -40.65
CA GLY D 123 7.96 -7.39 -42.10
C GLY D 123 7.90 -5.99 -42.65
N ASN D 124 8.51 -5.76 -43.81
CA ASN D 124 8.36 -4.49 -44.51
C ASN D 124 8.61 -4.58 -46.01
N VAL D 125 7.76 -3.87 -46.76
CA VAL D 125 7.83 -3.81 -48.22
C VAL D 125 8.35 -2.44 -48.65
N THR D 126 9.33 -2.43 -49.56
CA THR D 126 9.91 -1.17 -50.04
C THR D 126 9.71 -0.99 -51.54
N GLY D 127 9.83 0.25 -51.99
CA GLY D 127 9.67 0.57 -53.40
C GLY D 127 10.00 2.01 -53.72
N ASP D 128 10.04 2.34 -55.00
CA ASP D 128 10.30 3.71 -55.45
C ASP D 128 9.67 3.97 -56.80
N ASP D 129 9.96 5.14 -57.39
CA ASP D 129 9.32 5.57 -58.62
C ASP D 129 9.83 4.84 -59.86
N THR D 130 10.93 4.10 -59.73
CA THR D 130 11.47 3.32 -60.85
C THR D 130 10.82 1.94 -60.91
N GLY D 131 9.70 1.78 -60.22
CA GLY D 131 8.95 0.53 -60.25
C GLY D 131 9.62 -0.61 -59.51
N LYS D 132 10.75 -0.33 -58.88
CA LYS D 132 11.48 -1.36 -58.13
C LYS D 132 10.70 -1.71 -56.87
N ILE D 133 10.74 -2.99 -56.49
CA ILE D 133 10.02 -3.49 -55.33
C ILE D 133 10.94 -4.39 -54.51
N GLY D 134 10.97 -4.15 -53.20
CA GLY D 134 11.80 -4.93 -52.30
C GLY D 134 11.02 -5.35 -51.07
N GLY D 135 11.59 -6.25 -50.28
CA GLY D 135 10.95 -6.72 -49.07
C GLY D 135 11.97 -7.21 -48.06
N LEU D 136 11.64 -7.12 -46.78
CA LEU D 136 12.46 -7.74 -45.76
C LEU D 136 11.64 -8.22 -44.57
N ILE D 137 12.09 -9.33 -44.01
CA ILE D 137 11.41 -10.03 -42.93
C ILE D 137 12.44 -10.40 -41.87
N GLY D 138 12.29 -9.80 -40.69
CA GLY D 138 13.27 -9.95 -39.62
C GLY D 138 12.65 -10.48 -38.34
N ALA D 139 13.51 -10.98 -37.45
CA ALA D 139 13.07 -11.52 -36.16
C ALA D 139 14.09 -11.20 -35.08
N ASN D 140 13.64 -11.13 -33.83
CA ASN D 140 14.53 -10.87 -32.71
C ASN D 140 14.13 -11.58 -31.41
N VAL D 141 15.11 -11.77 -30.54
CA VAL D 141 14.91 -12.36 -29.22
C VAL D 141 15.77 -11.61 -28.22
N SER D 142 15.25 -11.41 -27.01
CA SER D 142 16.00 -10.72 -25.97
C SER D 142 15.59 -11.17 -24.57
N ILE D 143 16.59 -11.29 -23.70
CA ILE D 143 16.41 -11.70 -22.31
C ILE D 143 16.93 -10.59 -21.38
N GLY D 144 16.11 -10.23 -20.41
CA GLY D 144 16.46 -9.18 -19.46
C GLY D 144 16.44 -9.68 -18.03
N HIS D 145 17.40 -9.21 -17.24
CA HIS D 145 17.45 -9.51 -15.82
C HIS D 145 17.57 -8.21 -15.04
N THR D 146 16.64 -7.98 -14.11
CA THR D 146 16.65 -6.78 -13.28
C THR D 146 16.68 -7.15 -11.81
N LEU D 147 17.60 -6.51 -11.09
CA LEU D 147 17.69 -6.64 -9.64
C LEU D 147 17.32 -5.31 -9.01
N LYS D 148 16.48 -5.37 -7.99
CA LYS D 148 15.92 -4.16 -7.40
C LYS D 148 15.87 -4.28 -5.89
N TYR D 149 16.39 -3.28 -5.19
CA TYR D 149 16.44 -3.34 -3.73
C TYR D 149 16.57 -1.96 -3.10
N VAL D 150 16.14 -1.85 -1.86
CA VAL D 150 16.12 -0.59 -1.14
C VAL D 150 17.29 -0.51 -0.16
N GLN D 151 17.94 0.66 -0.11
CA GLN D 151 19.13 0.86 0.70
C GLN D 151 19.00 2.07 1.61
N PRO D 152 19.10 1.88 2.93
CA PRO D 152 19.10 3.05 3.80
C PRO D 152 20.43 3.80 3.78
N ASP D 153 20.41 5.07 4.16
CA ASP D 153 21.64 5.87 4.26
C ASP D 153 22.56 5.30 5.32
N PHE D 154 21.97 4.80 6.41
CA PHE D 154 22.72 4.16 7.49
C PHE D 154 22.07 2.82 7.84
N LYS D 155 22.91 1.82 8.12
CA LYS D 155 22.43 0.51 8.56
C LYS D 155 22.53 0.37 10.07
N THR D 156 21.44 -0.12 10.66
CA THR D 156 21.36 -0.36 12.10
C THR D 156 21.68 -1.81 12.40
N ILE D 157 22.77 -2.03 13.11
CA ILE D 157 23.25 -3.38 13.41
C ILE D 157 23.28 -3.65 14.91
N LEU D 158 22.69 -4.77 15.32
CA LEU D 158 22.86 -5.30 16.67
C LEU D 158 24.11 -6.16 16.70
N GLU D 159 25.10 -5.75 17.50
CA GLU D 159 26.36 -6.47 17.56
C GLU D 159 26.22 -7.74 18.39
N SER D 160 27.04 -8.74 18.08
CA SER D 160 26.97 -10.04 18.74
C SER D 160 26.98 -9.90 20.27
N PRO D 161 25.83 -10.18 20.92
CA PRO D 161 25.76 -9.97 22.37
C PRO D 161 26.22 -11.16 23.20
N THR D 162 26.57 -10.89 24.44
CA THR D 162 26.85 -11.93 25.43
C THR D 162 25.82 -11.77 26.55
N ASP D 163 26.03 -12.44 27.68
CA ASP D 163 25.12 -12.30 28.80
C ASP D 163 25.59 -11.18 29.73
N LYS D 164 26.63 -10.46 29.32
CA LYS D 164 27.18 -9.38 30.14
C LYS D 164 27.25 -8.06 29.39
N LYS D 165 27.38 -8.11 28.07
CA LYS D 165 27.44 -6.89 27.27
C LYS D 165 26.65 -6.98 25.96
N VAL D 166 26.08 -5.85 25.58
CA VAL D 166 25.27 -5.73 24.37
C VAL D 166 25.58 -4.39 23.71
N GLY D 167 25.33 -4.27 22.42
CA GLY D 167 25.54 -3.00 21.75
C GLY D 167 25.02 -2.94 20.34
N TRP D 168 24.78 -1.71 19.87
CA TRP D 168 24.39 -1.46 18.49
C TRP D 168 25.36 -0.53 17.81
N LYS D 169 25.50 -0.72 16.50
CA LYS D 169 26.24 0.21 15.65
C LYS D 169 25.37 0.61 14.47
N VAL D 170 25.22 1.92 14.29
CA VAL D 170 24.53 2.48 13.14
C VAL D 170 25.58 3.02 12.20
N ILE D 171 25.82 2.30 11.11
CA ILE D 171 26.94 2.60 10.22
C ILE D 171 26.51 3.21 8.90
N PHE D 172 27.37 4.05 8.33
CA PHE D 172 27.10 4.63 7.02
C PHE D 172 27.08 3.51 5.98
N ASN D 173 26.05 3.51 5.14
CA ASN D 173 25.95 2.53 4.08
C ASN D 173 26.34 3.16 2.75
N ASN D 174 25.41 3.89 2.12
CA ASN D 174 25.71 4.70 0.94
C ASN D 174 24.72 5.86 0.85
N MET D 175 25.03 6.84 0.02
CA MET D 175 24.24 8.06 -0.03
C MET D 175 24.19 8.66 -1.43
N VAL D 176 23.05 9.28 -1.76
CA VAL D 176 22.90 10.01 -3.01
C VAL D 176 23.56 11.37 -2.90
N ASN D 177 24.28 11.76 -3.95
CA ASN D 177 24.93 13.06 -4.03
C ASN D 177 24.38 13.87 -5.20
N GLN D 178 23.36 14.68 -4.93
CA GLN D 178 22.73 15.51 -5.96
C GLN D 178 22.32 14.67 -7.15
N ASN D 179 21.41 13.71 -6.92
CA ASN D 179 20.88 12.87 -7.98
C ASN D 179 21.94 11.98 -8.66
N ALA D 180 23.14 11.92 -8.08
CA ALA D 180 24.20 11.04 -8.57
C ALA D 180 24.52 9.97 -7.54
N GLY D 181 25.26 8.95 -7.95
CA GLY D 181 25.63 7.86 -7.08
C GLY D 181 24.63 6.71 -7.12
N PRO D 182 24.29 6.14 -5.95
CA PRO D 182 24.76 6.50 -4.60
C PRO D 182 26.23 6.14 -4.39
N TYR D 183 26.91 6.89 -3.54
CA TYR D 183 28.32 6.65 -3.24
C TYR D 183 28.49 6.07 -1.85
N ASP D 184 29.59 5.36 -1.64
CA ASP D 184 29.94 4.82 -0.33
C ASP D 184 31.40 5.10 -0.04
N ARG D 185 31.89 4.58 1.07
CA ARG D 185 33.24 4.91 1.54
C ARG D 185 34.33 4.37 0.64
N ASP D 186 33.96 3.49 -0.29
CA ASP D 186 34.93 2.82 -1.16
C ASP D 186 34.71 3.14 -2.62
N SER D 187 33.77 4.03 -2.92
CA SER D 187 33.54 4.46 -4.28
C SER D 187 34.83 5.04 -4.85
N TRP D 188 35.15 4.67 -6.08
CA TRP D 188 36.34 5.23 -6.73
C TRP D 188 36.19 5.42 -8.23
N ASN D 189 36.64 6.58 -8.67
CA ASN D 189 36.64 6.98 -10.07
C ASN D 189 38.08 7.34 -10.44
N PRO D 190 38.60 6.80 -11.55
CA PRO D 190 40.03 7.03 -11.87
C PRO D 190 40.37 8.52 -12.02
N VAL D 191 39.41 9.30 -12.52
CA VAL D 191 39.61 10.73 -12.71
C VAL D 191 39.29 11.52 -11.45
N TYR D 192 38.18 11.17 -10.79
CA TYR D 192 37.64 11.98 -9.70
C TYR D 192 37.81 11.36 -8.31
N GLY D 193 38.28 10.12 -8.27
CA GLY D 193 38.42 9.42 -6.99
C GLY D 193 37.07 9.13 -6.35
N ASN D 194 36.96 9.41 -5.06
CA ASN D 194 35.71 9.24 -4.35
C ASN D 194 34.89 10.52 -4.38
N GLN D 195 33.78 10.51 -5.09
CA GLN D 195 32.97 11.70 -5.30
C GLN D 195 31.82 11.79 -4.30
N LEU D 196 31.97 11.11 -3.17
CA LEU D 196 30.90 10.99 -2.18
C LEU D 196 30.35 12.34 -1.73
N PHE D 197 31.21 13.19 -1.18
CA PHE D 197 30.78 14.50 -0.67
C PHE D 197 31.29 15.65 -1.54
N MET D 198 31.60 15.34 -2.80
CA MET D 198 32.10 16.33 -3.74
C MET D 198 30.94 17.11 -4.36
N LYS D 199 31.02 18.43 -4.30
CA LYS D 199 29.94 19.31 -4.73
C LYS D 199 29.90 19.47 -6.24
N THR D 200 31.03 19.88 -6.81
CA THR D 200 31.17 20.08 -8.25
C THR D 200 32.38 19.33 -8.79
N ALA D 201 32.32 18.94 -10.05
CA ALA D 201 33.39 18.20 -10.70
C ALA D 201 34.59 19.11 -10.92
N ASN D 202 34.32 20.30 -11.43
CA ASN D 202 35.36 21.29 -11.71
C ASN D 202 34.82 22.70 -11.56
N GLY D 203 35.14 23.33 -10.44
CA GLY D 203 34.70 24.68 -10.15
C GLY D 203 35.87 25.57 -9.77
N SER D 204 35.58 26.83 -9.50
CA SER D 204 36.60 27.82 -9.22
C SER D 204 36.39 28.42 -7.84
N MET D 205 36.64 27.59 -6.83
CA MET D 205 36.51 28.00 -5.44
C MET D 205 37.59 27.31 -4.60
N LYS D 206 37.59 27.61 -3.32
CA LYS D 206 38.49 26.94 -2.38
C LYS D 206 38.02 25.50 -2.21
N ALA D 207 38.92 24.64 -1.77
CA ALA D 207 38.59 23.23 -1.55
C ALA D 207 37.49 23.10 -0.51
N ALA D 208 37.55 23.94 0.52
CA ALA D 208 36.56 23.92 1.60
C ALA D 208 35.15 24.19 1.09
N GLU D 209 35.04 25.07 0.11
CA GLU D 209 33.75 25.43 -0.44
C GLU D 209 33.17 24.35 -1.35
N ASN D 210 33.99 23.39 -1.75
CA ASN D 210 33.55 22.34 -2.67
C ASN D 210 32.96 21.09 -1.99
N PHE D 211 32.77 21.14 -0.68
CA PHE D 211 32.12 20.04 0.02
C PHE D 211 30.60 20.18 -0.04
N LEU D 212 29.91 19.05 -0.21
CA LEU D 212 28.46 19.03 -0.35
C LEU D 212 27.79 19.66 0.86
N ASP D 213 26.80 20.52 0.60
CA ASP D 213 26.06 21.20 1.65
C ASP D 213 25.36 20.18 2.55
N PRO D 214 25.64 20.19 3.87
CA PRO D 214 25.00 19.21 4.75
C PRO D 214 23.47 19.20 4.69
N ASN D 215 22.86 20.27 4.19
CA ASN D 215 21.42 20.30 3.99
C ASN D 215 20.98 19.34 2.88
N LYS D 216 21.90 19.04 1.96
CA LYS D 216 21.63 18.13 0.86
C LYS D 216 22.18 16.73 1.12
N ALA D 217 22.74 16.53 2.31
CA ALA D 217 23.26 15.23 2.72
C ALA D 217 22.38 14.66 3.83
N SER D 218 22.63 13.40 4.20
CA SER D 218 21.91 12.77 5.30
C SER D 218 22.02 13.62 6.56
N SER D 219 20.88 13.88 7.20
CA SER D 219 20.84 14.74 8.36
C SER D 219 21.54 14.13 9.56
N LEU D 220 21.76 12.81 9.51
CA LEU D 220 22.51 12.14 10.56
C LEU D 220 23.97 12.58 10.55
N LEU D 221 24.47 12.97 9.38
CA LEU D 221 25.86 13.37 9.22
C LEU D 221 26.19 14.64 10.01
N SER D 222 25.28 15.61 9.97
CA SER D 222 25.50 16.90 10.60
C SER D 222 24.77 17.03 11.94
N SER D 223 23.44 17.14 11.87
CA SER D 223 22.64 17.39 13.05
C SER D 223 22.67 16.22 14.03
N GLY D 224 22.80 15.01 13.50
CA GLY D 224 23.10 13.85 14.33
C GLY D 224 22.09 12.72 14.32
N PHE D 225 22.41 11.68 15.10
CA PHE D 225 21.59 10.48 15.20
C PHE D 225 21.05 10.31 16.62
N SER D 226 19.78 9.95 16.73
CA SER D 226 19.12 9.75 18.02
C SER D 226 18.92 8.27 18.30
N PRO D 227 19.76 7.68 19.17
CA PRO D 227 19.58 6.27 19.46
C PRO D 227 18.20 6.02 20.06
N ASP D 228 17.70 4.81 19.87
CA ASP D 228 16.48 4.41 20.53
C ASP D 228 16.56 2.91 20.77
N PHE D 229 17.41 2.49 21.70
CA PHE D 229 17.67 1.08 21.90
C PHE D 229 17.21 0.60 23.27
N ALA D 230 16.71 -0.63 23.31
CA ALA D 230 16.26 -1.24 24.55
C ALA D 230 17.07 -2.48 24.91
N THR D 231 17.50 -2.54 26.17
CA THR D 231 18.17 -3.70 26.74
C THR D 231 17.37 -4.23 27.93
N VAL D 232 17.09 -5.53 27.93
CA VAL D 232 16.38 -6.17 29.03
C VAL D 232 17.33 -7.02 29.85
N ILE D 233 17.50 -6.60 31.11
CA ILE D 233 18.36 -7.27 32.08
C ILE D 233 17.53 -7.99 33.15
N THR D 234 17.82 -9.27 33.36
CA THR D 234 17.14 -10.08 34.35
C THR D 234 17.96 -10.16 35.63
N MET D 235 17.27 -10.31 36.77
CA MET D 235 17.96 -10.49 38.05
C MET D 235 17.24 -11.49 38.93
N ASP D 236 18.00 -12.43 39.48
CA ASP D 236 17.47 -13.39 40.45
C ASP D 236 17.17 -12.66 41.75
N ARG D 237 15.98 -12.88 42.29
CA ARG D 237 15.58 -12.27 43.55
C ARG D 237 16.41 -12.80 44.71
N LYS D 238 16.87 -14.04 44.59
CA LYS D 238 17.59 -14.71 45.66
C LYS D 238 19.07 -14.38 45.66
N ALA D 239 19.52 -13.59 44.68
CA ALA D 239 20.90 -13.16 44.63
C ALA D 239 21.24 -12.34 45.86
N SER D 240 22.47 -12.45 46.34
CA SER D 240 22.86 -11.81 47.59
C SER D 240 22.99 -10.31 47.44
N LYS D 241 23.79 -9.87 46.47
CA LYS D 241 24.00 -8.45 46.24
C LYS D 241 22.97 -7.91 45.25
N GLN D 242 21.94 -7.26 45.77
CA GLN D 242 20.87 -6.72 44.95
C GLN D 242 21.22 -5.32 44.43
N GLN D 243 22.52 -5.10 44.22
CA GLN D 243 23.02 -3.92 43.56
C GLN D 243 23.87 -4.36 42.38
N THR D 244 23.77 -3.64 41.27
CA THR D 244 24.52 -4.01 40.06
C THR D 244 25.03 -2.80 39.30
N ASN D 245 26.33 -2.77 39.07
CA ASN D 245 26.95 -1.71 38.28
C ASN D 245 26.80 -2.01 36.80
N ILE D 246 26.60 -0.97 36.01
CA ILE D 246 26.56 -1.14 34.56
C ILE D 246 27.17 0.08 33.87
N ASP D 247 28.02 -0.20 32.89
CA ASP D 247 28.70 0.84 32.11
C ASP D 247 27.98 1.04 30.77
N VAL D 248 27.71 2.29 30.44
CA VAL D 248 27.09 2.63 29.15
C VAL D 248 28.02 3.52 28.34
N ILE D 249 28.25 3.12 27.09
CA ILE D 249 29.16 3.84 26.21
C ILE D 249 28.47 4.30 24.94
N TYR D 250 28.52 5.61 24.69
CA TYR D 250 28.16 6.19 23.41
C TYR D 250 29.45 6.50 22.70
N GLU D 251 29.58 6.18 21.43
CA GLU D 251 30.76 6.61 20.69
C GLU D 251 30.48 6.90 19.22
N ARG D 252 31.29 7.81 18.67
CA ARG D 252 31.17 8.25 17.29
C ARG D 252 32.47 7.96 16.55
N VAL D 253 32.37 7.33 15.39
CA VAL D 253 33.52 7.09 14.54
C VAL D 253 33.52 8.04 13.35
N ARG D 254 34.58 8.85 13.25
CA ARG D 254 34.69 9.83 12.17
C ARG D 254 35.73 9.47 11.13
N ASP D 255 35.30 9.56 9.87
CA ASP D 255 36.15 9.41 8.71
C ASP D 255 36.67 10.75 8.20
N ASP D 256 37.76 10.66 7.44
CA ASP D 256 38.45 11.83 6.86
C ASP D 256 38.28 11.88 5.35
N TYR D 257 37.45 12.81 4.88
CA TYR D 257 37.23 12.98 3.44
C TYR D 257 37.93 14.22 2.93
N GLN D 258 39.00 14.03 2.18
CA GLN D 258 39.79 15.13 1.64
C GLN D 258 39.49 15.38 0.17
N LEU D 259 39.46 16.66 -0.20
CA LEU D 259 39.36 17.07 -1.59
C LEU D 259 40.65 17.76 -2.01
N HIS D 260 41.17 17.38 -3.18
CA HIS D 260 42.30 18.11 -3.75
C HIS D 260 42.17 18.34 -5.25
N TRP D 261 42.81 19.43 -5.71
CA TRP D 261 42.75 19.86 -7.11
C TRP D 261 43.92 19.26 -7.91
N THR D 262 43.59 18.59 -9.01
CA THR D 262 44.58 17.94 -9.86
C THR D 262 44.89 18.75 -11.13
N SER D 263 44.72 20.06 -11.02
CA SER D 263 45.06 21.01 -12.10
C SER D 263 44.03 21.01 -13.24
N THR D 264 43.12 20.04 -13.22
CA THR D 264 42.09 19.94 -14.26
C THR D 264 40.70 19.77 -13.62
N ASN D 265 40.68 19.11 -12.46
CA ASN D 265 39.44 18.83 -11.76
C ASN D 265 39.67 18.55 -10.28
N TRP D 266 38.60 18.18 -9.59
CA TRP D 266 38.71 17.82 -8.17
C TRP D 266 38.82 16.32 -7.99
N LYS D 267 39.56 15.92 -6.97
CA LYS D 267 39.74 14.50 -6.65
C LYS D 267 39.56 14.28 -5.16
N GLY D 268 38.72 13.31 -4.81
CA GLY D 268 38.38 13.04 -3.42
C GLY D 268 39.01 11.77 -2.90
N THR D 269 39.37 11.79 -1.62
CA THR D 269 39.96 10.63 -0.96
C THR D 269 39.37 10.49 0.43
N ASN D 270 39.00 9.26 0.80
CA ASN D 270 38.41 8.99 2.12
C ASN D 270 39.22 8.00 2.96
N THR D 271 39.64 8.46 4.12
CA THR D 271 40.33 7.61 5.09
C THR D 271 39.36 7.15 6.17
N LYS D 272 39.29 5.85 6.37
CA LYS D 272 38.33 5.23 7.27
C LYS D 272 38.77 5.26 8.73
N ASP D 273 37.80 5.49 9.61
CA ASP D 273 37.99 5.35 11.05
C ASP D 273 39.20 6.13 11.56
N LYS D 274 39.34 7.38 11.11
CA LYS D 274 40.47 8.20 11.52
C LYS D 274 40.33 8.66 12.95
N TRP D 275 39.14 9.12 13.33
CA TRP D 275 38.91 9.58 14.70
C TRP D 275 37.80 8.79 15.37
N THR D 276 37.89 8.68 16.69
CA THR D 276 36.90 7.96 17.49
C THR D 276 36.64 8.69 18.80
N ASP D 277 35.41 9.16 18.96
CA ASP D 277 35.00 9.88 20.17
C ASP D 277 34.22 8.92 21.05
N ARG D 278 34.69 8.74 22.28
CA ARG D 278 34.13 7.73 23.18
C ARG D 278 33.69 8.39 24.48
N SER D 279 32.42 8.19 24.82
CA SER D 279 31.82 8.74 26.03
C SER D 279 31.21 7.60 26.83
N SER D 280 31.81 7.31 27.98
CA SER D 280 31.32 6.24 28.86
C SER D 280 30.82 6.80 30.18
N GLU D 281 29.80 6.14 30.73
CA GLU D 281 29.25 6.53 32.03
C GLU D 281 28.89 5.29 32.85
N ARG D 282 29.08 5.40 34.17
CA ARG D 282 28.82 4.30 35.11
C ARG D 282 27.51 4.54 35.87
N TYR D 283 26.60 3.58 35.75
CA TYR D 283 25.33 3.62 36.48
C TYR D 283 25.27 2.53 37.54
N LYS D 284 24.61 2.86 38.65
CA LYS D 284 24.30 1.91 39.71
C LYS D 284 22.84 1.52 39.63
N ILE D 285 22.60 0.21 39.58
CA ILE D 285 21.26 -0.37 39.56
C ILE D 285 20.95 -0.94 40.94
N ASP D 286 19.94 -0.39 41.61
CA ASP D 286 19.48 -0.92 42.88
C ASP D 286 18.13 -1.62 42.72
N TRP D 287 18.18 -2.94 42.82
CA TRP D 287 17.02 -3.81 42.58
C TRP D 287 16.05 -3.82 43.76
N GLU D 288 16.55 -3.59 44.97
CA GLU D 288 15.70 -3.53 46.15
C GLU D 288 14.95 -2.21 46.18
N LYS D 289 15.70 -1.12 46.13
CA LYS D 289 15.15 0.21 46.16
C LYS D 289 14.47 0.51 44.83
N GLU D 290 14.70 -0.37 43.85
CA GLU D 290 14.17 -0.22 42.51
C GLU D 290 14.45 1.18 41.98
N GLU D 291 15.73 1.49 41.86
CA GLU D 291 16.12 2.78 41.31
C GLU D 291 17.53 2.74 40.74
N MET D 292 17.77 3.59 39.76
CA MET D 292 19.01 3.60 39.01
C MET D 292 19.62 5.00 39.08
N THR D 293 20.93 5.06 39.33
CA THR D 293 21.60 6.35 39.52
C THR D 293 22.97 6.39 38.86
N ASN D 294 23.54 7.60 38.77
CA ASN D 294 24.92 7.77 38.35
C ASN D 294 25.60 8.92 39.11
N ALA E 2 -9.81 -16.24 11.61
CA ALA E 2 -10.37 -15.62 12.85
C ALA E 2 -11.79 -16.12 13.11
N ASP E 3 -12.30 -15.85 14.31
CA ASP E 3 -13.59 -16.38 14.73
C ASP E 3 -14.76 -15.73 13.99
N SER E 4 -14.66 -14.44 13.72
CA SER E 4 -15.73 -13.70 13.05
C SER E 4 -16.00 -14.25 11.65
N ASP E 5 -15.03 -15.00 11.12
CA ASP E 5 -15.18 -15.64 9.81
C ASP E 5 -16.15 -16.82 9.88
N ILE E 6 -16.39 -17.34 11.08
CA ILE E 6 -17.33 -18.44 11.29
C ILE E 6 -18.45 -18.04 12.25
N ASN E 7 -18.85 -16.78 12.15
CA ASN E 7 -20.02 -16.26 12.88
C ASN E 7 -19.92 -16.34 14.39
N ILE E 8 -18.71 -16.29 14.93
CA ILE E 8 -18.50 -16.33 16.38
C ILE E 8 -17.74 -15.09 16.86
N LYS E 9 -18.14 -14.57 18.01
CA LYS E 9 -17.50 -13.39 18.60
C LYS E 9 -16.01 -13.64 18.81
N THR E 10 -15.18 -12.70 18.38
CA THR E 10 -13.73 -12.89 18.38
C THR E 10 -13.18 -13.12 19.78
N GLY E 11 -12.28 -14.09 19.90
CA GLY E 11 -11.66 -14.41 21.17
C GLY E 11 -12.42 -15.45 21.98
N THR E 12 -13.49 -15.98 21.40
CA THR E 12 -14.33 -16.96 22.08
C THR E 12 -13.69 -18.36 22.08
N THR E 13 -13.17 -18.78 20.94
CA THR E 13 -12.68 -20.16 20.80
C THR E 13 -11.26 -20.37 21.35
N ASP E 14 -10.63 -19.30 21.85
CA ASP E 14 -9.25 -19.39 22.33
C ASP E 14 -9.17 -19.87 23.77
N ILE E 15 -7.95 -20.10 24.25
CA ILE E 15 -7.72 -20.57 25.61
C ILE E 15 -7.63 -19.39 26.57
N GLY E 16 -8.80 -18.93 27.03
CA GLY E 16 -8.87 -17.87 28.02
C GLY E 16 -9.95 -16.84 27.70
N THR E 19 -7.71 -18.34 34.68
CA THR E 19 -6.39 -18.66 34.12
C THR E 19 -5.34 -17.67 34.59
N THR E 20 -4.37 -18.13 35.37
CA THR E 20 -3.17 -17.35 35.64
C THR E 20 -1.96 -18.08 35.09
N VAL E 21 -1.04 -17.31 34.52
CA VAL E 21 0.11 -17.84 33.81
C VAL E 21 1.37 -17.63 34.63
N LYS E 22 2.27 -18.62 34.58
CA LYS E 22 3.55 -18.50 35.29
C LYS E 22 4.70 -18.51 34.29
N THR E 23 5.41 -17.39 34.20
CA THR E 23 6.44 -17.22 33.18
C THR E 23 7.84 -17.18 33.78
N GLY E 24 8.85 -17.34 32.92
CA GLY E 24 10.23 -17.23 33.38
C GLY E 24 11.30 -17.10 32.31
N ASP E 25 12.49 -16.69 32.75
CA ASP E 25 13.65 -16.47 31.89
C ASP E 25 14.84 -17.34 32.31
N LEU E 26 15.46 -18.00 31.33
CA LEU E 26 16.74 -18.69 31.54
C LEU E 26 17.77 -18.22 30.51
N VAL E 27 18.84 -17.58 30.97
CA VAL E 27 19.88 -17.10 30.07
C VAL E 27 21.21 -17.81 30.31
N THR E 28 21.80 -18.31 29.22
CA THR E 28 23.11 -18.94 29.27
C THR E 28 23.93 -18.50 28.06
N TYR E 29 25.21 -18.20 28.30
CA TYR E 29 26.10 -17.77 27.22
C TYR E 29 27.18 -18.81 26.95
N ASP E 30 27.17 -19.34 25.72
CA ASP E 30 28.18 -20.29 25.27
C ASP E 30 29.34 -19.53 24.63
N LYS E 31 30.44 -19.42 25.37
CA LYS E 31 31.58 -18.60 24.96
C LYS E 31 32.36 -19.22 23.82
N GLU E 32 32.58 -20.53 23.92
CA GLU E 32 33.37 -21.26 22.93
C GLU E 32 32.70 -21.16 21.57
N ASN E 33 31.37 -21.23 21.58
CA ASN E 33 30.59 -21.21 20.34
C ASN E 33 30.00 -19.84 20.05
N GLY E 34 30.21 -18.88 20.96
CA GLY E 34 29.73 -17.53 20.77
C GLY E 34 28.23 -17.50 20.54
N MET E 35 27.49 -18.03 21.51
CA MET E 35 26.03 -18.06 21.42
C MET E 35 25.36 -17.57 22.69
N HIS E 36 24.61 -16.48 22.57
CA HIS E 36 23.77 -15.99 23.65
C HIS E 36 22.44 -16.73 23.54
N LYS E 37 22.15 -17.56 24.54
CA LYS E 37 20.95 -18.39 24.50
C LYS E 37 20.01 -18.02 25.63
N LYS E 38 18.84 -17.52 25.26
CA LYS E 38 17.81 -17.14 26.21
C LYS E 38 16.54 -17.93 25.95
N VAL E 39 15.97 -18.47 27.02
CA VAL E 39 14.70 -19.18 26.95
C VAL E 39 13.67 -18.45 27.78
N PHE E 40 12.57 -18.06 27.15
CA PHE E 40 11.44 -17.48 27.86
C PHE E 40 10.33 -18.50 27.87
N TYR E 41 9.82 -18.85 29.05
CA TYR E 41 8.76 -19.86 29.14
C TYR E 41 7.51 -19.33 29.80
N SER E 42 6.38 -19.88 29.39
CA SER E 42 5.07 -19.58 29.98
C SER E 42 4.27 -20.86 30.26
N PHE E 43 3.94 -21.06 31.53
CA PHE E 43 3.02 -22.12 31.94
C PHE E 43 1.60 -21.60 31.97
N ILE E 44 0.74 -22.24 31.17
CA ILE E 44 -0.68 -21.95 31.09
C ILE E 44 -1.49 -23.16 31.54
N ASP E 45 -2.23 -23.00 32.64
CA ASP E 45 -3.10 -24.06 33.16
C ASP E 45 -4.55 -23.59 33.16
N ASP E 46 -5.20 -23.73 32.02
CA ASP E 46 -6.62 -23.37 31.86
C ASP E 46 -7.48 -24.58 32.21
N LYS E 47 -8.31 -24.44 33.23
CA LYS E 47 -9.12 -25.57 33.70
C LYS E 47 -10.11 -26.02 32.62
N ASN E 48 -10.51 -25.08 31.77
CA ASN E 48 -11.43 -25.39 30.68
C ASN E 48 -10.71 -25.95 29.46
N HIS E 49 -9.40 -26.14 29.58
CA HIS E 49 -8.60 -26.76 28.53
C HIS E 49 -8.16 -28.15 28.98
N ASN E 50 -8.24 -29.13 28.08
CA ASN E 50 -8.07 -30.53 28.46
C ASN E 50 -6.63 -30.89 28.82
N LYS E 51 -5.70 -29.96 28.61
CA LYS E 51 -4.30 -30.21 28.93
C LYS E 51 -3.57 -28.97 29.45
N LYS E 52 -2.50 -29.21 30.21
CA LYS E 52 -1.66 -28.15 30.72
C LYS E 52 -0.69 -27.74 29.63
N LEU E 53 -0.43 -26.44 29.50
CA LEU E 53 0.39 -25.94 28.39
C LEU E 53 1.67 -25.28 28.87
N LEU E 54 2.73 -25.49 28.10
CA LEU E 54 3.97 -24.74 28.26
C LEU E 54 4.39 -24.16 26.92
N VAL E 55 4.50 -22.84 26.86
CA VAL E 55 5.08 -22.19 25.69
C VAL E 55 6.55 -21.91 25.97
N ILE E 56 7.40 -22.49 25.13
CA ILE E 56 8.84 -22.25 25.18
C ILE E 56 9.26 -21.39 24.01
N ARG E 57 9.68 -20.17 24.31
CA ARG E 57 10.19 -19.25 23.31
C ARG E 57 11.71 -19.22 23.35
N THR E 58 12.31 -19.65 22.25
CA THR E 58 13.75 -19.65 22.09
C THR E 58 14.14 -18.37 21.37
N LYS E 59 14.99 -17.61 22.05
CA LYS E 59 15.51 -16.35 21.57
C LYS E 59 17.02 -16.31 21.77
N GLY E 60 17.56 -15.14 22.08
CA GLY E 60 19.00 -14.94 22.18
C GLY E 60 19.60 -14.58 20.83
N THR E 61 20.90 -14.83 20.66
CA THR E 61 21.58 -14.51 19.41
C THR E 61 22.74 -15.45 19.11
N ILE E 62 22.76 -15.97 17.88
CA ILE E 62 23.88 -16.76 17.39
C ILE E 62 24.82 -15.87 16.58
N ALA E 63 26.04 -15.67 17.09
CA ALA E 63 27.02 -14.82 16.43
C ALA E 63 27.37 -15.35 15.04
N GLY E 64 27.64 -14.43 14.12
CA GLY E 64 27.94 -14.80 12.75
C GLY E 64 29.32 -15.42 12.59
N GLN E 65 30.32 -14.77 13.19
CA GLN E 65 31.71 -15.23 13.15
C GLN E 65 32.22 -15.38 11.72
N TYR E 66 31.82 -14.42 10.90
CA TYR E 66 32.36 -14.20 9.55
C TYR E 66 33.82 -13.78 9.67
N ARG E 67 34.74 -14.68 9.36
CA ARG E 67 36.15 -14.42 9.72
C ARG E 67 37.15 -15.05 8.76
N VAL E 68 38.20 -14.30 8.44
CA VAL E 68 39.34 -14.83 7.71
C VAL E 68 40.18 -15.68 8.65
N TYR E 69 40.27 -16.97 8.38
CA TYR E 69 40.81 -17.90 9.37
C TYR E 69 42.21 -18.38 9.00
N SER E 70 42.52 -18.41 7.71
CA SER E 70 43.80 -18.94 7.25
C SER E 70 44.46 -18.03 6.22
N GLU E 71 45.78 -18.12 6.15
CA GLU E 71 46.57 -17.28 5.27
C GLU E 71 47.75 -18.08 4.73
N GLU E 72 47.59 -18.60 3.51
CA GLU E 72 48.62 -19.43 2.90
C GLU E 72 49.48 -18.58 1.95
N GLY E 73 50.27 -17.68 2.54
CA GLY E 73 51.10 -16.78 1.78
C GLY E 73 50.37 -15.49 1.48
N ALA E 74 50.39 -15.07 0.21
CA ALA E 74 49.72 -13.85 -0.21
C ALA E 74 48.86 -14.09 -1.46
N ASN E 75 48.82 -15.33 -1.92
CA ASN E 75 48.10 -15.69 -3.13
C ASN E 75 46.84 -16.50 -2.86
N LYS E 76 46.75 -17.08 -1.66
CA LYS E 76 45.63 -17.94 -1.29
C LYS E 76 45.18 -17.70 0.16
N SER E 77 43.86 -17.58 0.37
CA SER E 77 43.34 -17.33 1.73
C SER E 77 41.94 -17.93 1.95
N GLY E 78 41.57 -18.07 3.22
CA GLY E 78 40.31 -18.71 3.60
C GLY E 78 39.43 -17.94 4.56
N LEU E 79 38.14 -17.90 4.23
CA LEU E 79 37.13 -17.19 5.02
C LEU E 79 36.01 -18.13 5.49
N ALA E 80 35.82 -18.19 6.80
CA ALA E 80 34.71 -18.95 7.40
C ALA E 80 33.47 -18.07 7.53
N TRP E 81 32.35 -18.56 7.01
CA TRP E 81 31.08 -17.81 7.10
C TRP E 81 29.87 -18.68 7.43
N PRO E 82 28.88 -18.13 8.14
CA PRO E 82 27.70 -18.90 8.53
C PRO E 82 26.72 -19.08 7.39
N SER E 83 26.46 -20.33 7.02
CA SER E 83 25.55 -20.67 5.94
C SER E 83 24.19 -21.09 6.48
N ALA E 84 24.14 -21.43 7.76
CA ALA E 84 22.89 -21.86 8.39
C ALA E 84 22.94 -21.65 9.89
N PHE E 85 21.86 -21.07 10.42
CA PHE E 85 21.62 -21.03 11.85
C PHE E 85 20.51 -22.01 12.14
N LYS E 86 20.59 -22.73 13.25
CA LYS E 86 19.56 -23.71 13.58
C LYS E 86 19.16 -23.64 15.04
N VAL E 87 17.89 -23.92 15.29
CA VAL E 87 17.41 -24.07 16.67
C VAL E 87 16.51 -25.29 16.73
N GLN E 88 16.78 -26.16 17.71
CA GLN E 88 16.05 -27.42 17.83
C GLN E 88 15.67 -27.71 19.27
N LEU E 89 14.42 -28.15 19.46
CA LEU E 89 13.93 -28.62 20.75
C LEU E 89 13.52 -30.07 20.63
N GLN E 90 13.92 -30.87 21.62
CA GLN E 90 13.71 -32.31 21.57
C GLN E 90 13.31 -32.88 22.92
N LEU E 91 12.15 -33.52 22.96
CA LEU E 91 11.69 -34.24 24.13
C LEU E 91 12.19 -35.69 24.06
N PRO E 92 12.60 -36.26 25.19
CA PRO E 92 12.93 -37.70 25.18
C PRO E 92 11.75 -38.54 24.75
N ASP E 93 12.02 -39.63 24.03
CA ASP E 93 10.96 -40.44 23.44
C ASP E 93 10.02 -41.03 24.49
N ASN E 94 10.56 -41.31 25.68
CA ASN E 94 9.78 -41.93 26.74
C ASN E 94 8.86 -40.95 27.47
N GLU E 95 8.97 -39.67 27.14
CA GLU E 95 8.10 -38.66 27.76
C GLU E 95 6.67 -38.84 27.28
N VAL E 96 5.71 -38.51 28.14
CA VAL E 96 4.30 -38.54 27.75
C VAL E 96 3.84 -37.14 27.31
N ALA E 97 4.58 -36.11 27.73
CA ALA E 97 4.36 -34.76 27.25
C ALA E 97 4.64 -34.67 25.75
N GLN E 98 3.93 -33.79 25.05
CA GLN E 98 3.96 -33.74 23.59
C GLN E 98 4.18 -32.35 23.01
N ILE E 99 4.90 -32.29 21.90
CA ILE E 99 5.01 -31.04 21.15
C ILE E 99 3.70 -30.80 20.42
N SER E 100 3.05 -29.70 20.79
CA SER E 100 1.71 -29.42 20.33
C SER E 100 1.72 -28.46 19.14
N ASP E 101 2.44 -27.35 19.27
CA ASP E 101 2.45 -26.35 18.19
C ASP E 101 3.78 -25.63 18.05
N TYR E 102 3.89 -24.78 17.03
CA TYR E 102 5.15 -24.13 16.70
C TYR E 102 4.95 -22.88 15.84
N TYR E 103 5.82 -21.89 16.03
CA TYR E 103 5.81 -20.68 15.21
C TYR E 103 7.22 -20.10 15.06
N PRO E 104 7.60 -19.67 13.85
CA PRO E 104 6.79 -19.64 12.63
C PRO E 104 6.70 -20.99 11.92
N ARG E 105 5.85 -21.06 10.91
CA ARG E 105 5.74 -22.23 10.05
C ARG E 105 6.27 -21.85 8.67
N ASN E 106 6.20 -22.79 7.72
CA ASN E 106 6.60 -22.48 6.36
C ASN E 106 5.47 -21.76 5.63
N SER E 107 5.81 -20.63 5.02
CA SER E 107 4.86 -19.85 4.26
C SER E 107 4.95 -20.19 2.78
N ILE E 108 3.81 -20.14 2.09
CA ILE E 108 3.77 -20.40 0.66
C ILE E 108 4.21 -19.18 -0.12
N ASP E 109 5.32 -19.30 -0.84
CA ASP E 109 5.89 -18.19 -1.59
C ASP E 109 5.02 -17.88 -2.80
N THR E 110 5.11 -16.65 -3.30
CA THR E 110 4.35 -16.24 -4.48
C THR E 110 5.25 -15.57 -5.50
N LYS E 111 4.73 -15.45 -6.71
CA LYS E 111 5.46 -14.79 -7.80
C LYS E 111 4.46 -14.04 -8.67
N GLU E 112 4.92 -12.94 -9.25
CA GLU E 112 4.12 -12.13 -10.14
C GLU E 112 4.54 -12.35 -11.59
N TYR E 113 3.58 -12.78 -12.41
CA TYR E 113 3.83 -13.04 -13.82
C TYR E 113 3.03 -12.08 -14.67
N MET E 114 3.64 -11.57 -15.73
CA MET E 114 2.90 -10.78 -16.70
C MET E 114 3.36 -11.02 -18.13
N SER E 115 2.38 -11.24 -19.01
CA SER E 115 2.64 -11.47 -20.43
C SER E 115 2.09 -10.32 -21.27
N THR E 116 2.87 -9.86 -22.24
CA THR E 116 2.50 -8.73 -23.07
C THR E 116 2.52 -9.09 -24.55
N LEU E 117 1.50 -8.64 -25.26
CA LEU E 117 1.41 -8.84 -26.71
C LEU E 117 1.29 -7.48 -27.39
N THR E 118 2.29 -7.12 -28.19
CA THR E 118 2.30 -5.81 -28.84
C THR E 118 2.52 -5.94 -30.34
N TYR E 119 1.76 -5.18 -31.12
CA TYR E 119 1.90 -5.19 -32.58
C TYR E 119 1.71 -3.79 -33.14
N GLY E 120 2.41 -3.48 -34.23
CA GLY E 120 2.37 -2.14 -34.80
C GLY E 120 2.62 -2.05 -36.29
N PHE E 121 2.34 -0.87 -36.84
CA PHE E 121 2.54 -0.57 -38.25
C PHE E 121 3.26 0.77 -38.39
N ASN E 122 3.97 0.96 -39.51
CA ASN E 122 4.61 2.24 -39.79
C ASN E 122 4.71 2.52 -41.28
N GLY E 123 4.55 3.79 -41.65
CA GLY E 123 4.69 4.22 -43.03
C GLY E 123 5.80 5.24 -43.15
N ASN E 124 6.38 5.37 -44.34
CA ASN E 124 7.43 6.35 -44.57
C ASN E 124 7.63 6.70 -46.04
N VAL E 125 7.77 8.00 -46.31
CA VAL E 125 7.97 8.54 -47.64
C VAL E 125 9.33 9.23 -47.72
N THR E 126 10.09 8.96 -48.78
CA THR E 126 11.46 9.48 -48.91
C THR E 126 11.67 10.28 -50.20
N GLY E 127 12.70 11.11 -50.21
CA GLY E 127 13.04 11.92 -51.37
C GLY E 127 14.33 12.70 -51.21
N ASP E 128 14.77 13.35 -52.29
CA ASP E 128 15.98 14.18 -52.26
C ASP E 128 15.91 15.27 -53.33
N ASP E 129 17.02 15.99 -53.52
CA ASP E 129 17.04 17.12 -54.44
C ASP E 129 17.07 16.70 -55.92
N THR E 130 17.28 15.42 -56.19
CA THR E 130 17.28 14.92 -57.56
C THR E 130 15.88 14.47 -57.97
N GLY E 131 14.87 14.95 -57.26
CA GLY E 131 13.49 14.67 -57.59
C GLY E 131 13.08 13.24 -57.35
N LYS E 132 13.96 12.47 -56.72
CA LYS E 132 13.72 11.05 -56.48
C LYS E 132 12.66 10.84 -55.39
N ILE E 133 11.87 9.79 -55.51
CA ILE E 133 10.81 9.48 -54.56
C ILE E 133 10.88 8.03 -54.08
N GLY E 134 10.77 7.83 -52.76
CA GLY E 134 10.78 6.51 -52.18
C GLY E 134 9.65 6.30 -51.19
N GLY E 135 9.39 5.04 -50.85
CA GLY E 135 8.30 4.70 -49.94
C GLY E 135 8.61 3.47 -49.11
N LEU E 136 7.98 3.39 -47.93
CA LEU E 136 8.22 2.30 -46.99
C LEU E 136 7.00 2.04 -46.12
N ILE E 137 6.58 0.77 -46.06
CA ILE E 137 5.45 0.33 -45.24
C ILE E 137 5.81 -0.93 -44.46
N GLY E 138 5.90 -0.80 -43.14
CA GLY E 138 6.36 -1.88 -42.28
C GLY E 138 5.37 -2.24 -41.19
N ALA E 139 5.52 -3.45 -40.66
CA ALA E 139 4.68 -3.95 -39.58
C ALA E 139 5.52 -4.79 -38.63
N ASN E 140 5.09 -4.87 -37.37
CA ASN E 140 5.79 -5.68 -36.38
C ASN E 140 4.87 -6.30 -35.34
N VAL E 141 5.33 -7.43 -34.78
CA VAL E 141 4.65 -8.12 -33.69
C VAL E 141 5.70 -8.63 -32.72
N SER E 142 5.42 -8.51 -31.43
CA SER E 142 6.31 -9.05 -30.41
C SER E 142 5.56 -9.45 -29.14
N ILE E 143 6.00 -10.57 -28.56
CA ILE E 143 5.42 -11.10 -27.34
C ILE E 143 6.47 -11.10 -26.24
N GLY E 144 6.09 -10.59 -25.06
CA GLY E 144 6.98 -10.53 -23.92
C GLY E 144 6.43 -11.31 -22.74
N HIS E 145 7.33 -11.91 -21.97
CA HIS E 145 6.98 -12.60 -20.75
C HIS E 145 7.89 -12.11 -19.63
N THR E 146 7.29 -11.62 -18.55
CA THR E 146 8.05 -11.09 -17.42
C THR E 146 7.66 -11.79 -16.13
N LEU E 147 8.69 -12.14 -15.36
CA LEU E 147 8.53 -12.75 -14.05
C LEU E 147 9.11 -11.82 -12.99
N LYS E 148 8.40 -11.69 -11.87
CA LYS E 148 8.77 -10.77 -10.81
C LYS E 148 8.62 -11.48 -9.46
N TYR E 149 9.64 -11.45 -8.62
CA TYR E 149 9.54 -12.10 -7.30
C TYR E 149 10.61 -11.63 -6.32
N VAL E 150 10.31 -11.78 -5.03
CA VAL E 150 11.20 -11.33 -3.96
C VAL E 150 11.91 -12.51 -3.32
N GLN E 151 13.21 -12.34 -3.07
CA GLN E 151 14.03 -13.37 -2.44
C GLN E 151 14.81 -12.80 -1.26
N PRO E 152 14.60 -13.37 -0.05
CA PRO E 152 15.34 -12.88 1.12
C PRO E 152 16.79 -13.38 1.15
N ASP E 153 17.65 -12.65 1.88
CA ASP E 153 19.04 -13.06 2.03
C ASP E 153 19.13 -14.43 2.69
N PHE E 154 18.28 -14.64 3.69
CA PHE E 154 18.21 -15.90 4.40
C PHE E 154 16.77 -16.42 4.40
N LYS E 155 16.61 -17.74 4.27
CA LYS E 155 15.30 -18.37 4.37
C LYS E 155 15.08 -18.89 5.78
N THR E 156 13.92 -18.58 6.36
CA THR E 156 13.52 -19.13 7.66
C THR E 156 12.58 -20.31 7.45
N ILE E 157 13.02 -21.50 7.83
CA ILE E 157 12.28 -22.72 7.53
C ILE E 157 11.99 -23.54 8.78
N LEU E 158 10.73 -23.94 8.93
CA LEU E 158 10.30 -24.86 9.96
C LEU E 158 10.51 -26.29 9.50
N GLU E 159 11.39 -27.01 10.19
CA GLU E 159 11.73 -28.37 9.80
C GLU E 159 10.62 -29.34 10.21
N SER E 160 10.49 -30.43 9.45
CA SER E 160 9.43 -31.41 9.65
C SER E 160 9.36 -31.86 11.12
N PRO E 161 8.31 -31.41 11.84
CA PRO E 161 8.27 -31.71 13.26
C PRO E 161 7.60 -33.05 13.59
N THR E 162 7.85 -33.54 14.80
CA THR E 162 7.15 -34.69 15.35
C THR E 162 6.49 -34.24 16.64
N ASP E 163 5.98 -35.19 17.42
CA ASP E 163 5.39 -34.85 18.71
C ASP E 163 6.44 -34.90 19.80
N LYS E 164 7.70 -35.13 19.41
CA LYS E 164 8.80 -35.20 20.36
C LYS E 164 9.92 -34.22 19.99
N LYS E 165 10.01 -33.88 18.71
CA LYS E 165 11.09 -33.02 18.22
C LYS E 165 10.58 -31.94 17.28
N VAL E 166 11.12 -30.73 17.43
CA VAL E 166 10.83 -29.63 16.53
C VAL E 166 12.08 -28.79 16.32
N GLY E 167 12.16 -28.08 15.20
CA GLY E 167 13.30 -27.23 14.95
C GLY E 167 13.12 -26.30 13.77
N TRP E 168 13.90 -25.21 13.77
CA TRP E 168 13.94 -24.29 12.64
C TRP E 168 15.36 -24.18 12.10
N LYS E 169 15.46 -23.97 10.80
CA LYS E 169 16.74 -23.62 10.19
C LYS E 169 16.59 -22.33 9.39
N VAL E 170 17.51 -21.40 9.66
CA VAL E 170 17.63 -20.16 8.95
C VAL E 170 18.83 -20.28 8.02
N ILE E 171 18.57 -20.46 6.72
CA ILE E 171 19.62 -20.83 5.77
C ILE E 171 19.96 -19.72 4.80
N PHE E 172 21.22 -19.68 4.37
CA PHE E 172 21.67 -18.70 3.39
C PHE E 172 21.08 -19.02 2.02
N ASN E 173 20.51 -18.00 1.39
CA ASN E 173 19.87 -18.15 0.09
C ASN E 173 20.76 -17.55 -1.01
N ASN E 174 20.73 -16.23 -1.16
CA ASN E 174 21.67 -15.53 -2.03
C ASN E 174 21.90 -14.12 -1.52
N MET E 175 22.87 -13.43 -2.10
CA MET E 175 23.26 -12.10 -1.61
C MET E 175 23.81 -11.23 -2.74
N VAL E 176 23.53 -9.93 -2.68
CA VAL E 176 24.06 -8.98 -3.64
C VAL E 176 25.49 -8.61 -3.26
N ASN E 177 26.39 -8.62 -4.23
CA ASN E 177 27.79 -8.27 -4.02
C ASN E 177 28.16 -7.00 -4.77
N GLN E 178 28.09 -5.87 -4.07
CA GLN E 178 28.42 -4.57 -4.66
C GLN E 178 27.59 -4.33 -5.93
N ASN E 179 26.28 -4.36 -5.78
CA ASN E 179 25.34 -4.10 -6.86
C ASN E 179 25.45 -5.11 -8.01
N ALA E 180 26.16 -6.21 -7.77
CA ALA E 180 26.27 -7.30 -8.73
C ALA E 180 25.64 -8.57 -8.16
N GLY E 181 25.55 -9.61 -8.99
CA GLY E 181 24.96 -10.87 -8.57
C GLY E 181 23.46 -10.89 -8.82
N PRO E 182 22.67 -11.42 -7.87
CA PRO E 182 23.09 -12.01 -6.58
C PRO E 182 23.78 -13.35 -6.75
N TYR E 183 24.65 -13.69 -5.80
CA TYR E 183 25.39 -14.93 -5.83
C TYR E 183 24.93 -15.84 -4.69
N ASP E 184 25.13 -17.14 -4.85
CA ASP E 184 24.84 -18.10 -3.80
C ASP E 184 26.00 -19.08 -3.65
N ARG E 185 25.78 -20.14 -2.90
CA ARG E 185 26.83 -21.12 -2.60
C ARG E 185 27.23 -21.95 -3.82
N ASP E 186 26.45 -21.84 -4.88
CA ASP E 186 26.64 -22.64 -6.08
C ASP E 186 26.97 -21.81 -7.32
N SER E 187 27.07 -20.50 -7.14
CA SER E 187 27.43 -19.61 -8.23
C SER E 187 28.77 -20.03 -8.82
N TRP E 188 28.85 -20.10 -10.13
CA TRP E 188 30.11 -20.43 -10.78
C TRP E 188 30.35 -19.67 -12.07
N ASN E 189 31.57 -19.13 -12.17
CA ASN E 189 32.05 -18.45 -13.35
C ASN E 189 33.36 -19.13 -13.76
N PRO E 190 33.51 -19.48 -15.05
CA PRO E 190 34.72 -20.20 -15.47
C PRO E 190 36.00 -19.39 -15.22
N VAL E 191 35.87 -18.07 -15.29
CA VAL E 191 37.00 -17.18 -15.10
C VAL E 191 37.24 -16.86 -13.62
N TYR E 192 36.15 -16.59 -12.91
CA TYR E 192 36.24 -16.06 -11.55
C TYR E 192 35.86 -17.07 -10.47
N GLY E 193 35.35 -18.23 -10.87
CA GLY E 193 34.82 -19.19 -9.92
C GLY E 193 33.62 -18.62 -9.19
N ASN E 194 33.71 -18.62 -7.87
CA ASN E 194 32.64 -18.07 -7.03
C ASN E 194 32.98 -16.64 -6.60
N GLN E 195 32.17 -15.68 -7.04
CA GLN E 195 32.41 -14.26 -6.73
C GLN E 195 31.61 -13.76 -5.53
N LEU E 196 31.11 -14.68 -4.72
CA LEU E 196 30.17 -14.33 -3.64
C LEU E 196 30.73 -13.29 -2.66
N PHE E 197 31.87 -13.60 -2.05
CA PHE E 197 32.47 -12.71 -1.05
C PHE E 197 33.76 -12.07 -1.57
N MET E 198 33.89 -12.03 -2.90
CA MET E 198 35.05 -11.43 -3.55
C MET E 198 34.87 -9.91 -3.63
N LYS E 199 35.87 -9.16 -3.15
CA LYS E 199 35.81 -7.70 -3.21
C LYS E 199 36.14 -7.20 -4.62
N THR E 200 37.33 -7.56 -5.10
CA THR E 200 37.81 -7.09 -6.40
C THR E 200 38.15 -8.26 -7.31
N ALA E 201 38.02 -8.05 -8.61
CA ALA E 201 38.35 -9.09 -9.59
C ALA E 201 39.86 -9.26 -9.73
N ASN E 202 40.58 -8.14 -9.84
CA ASN E 202 42.04 -8.16 -9.93
C ASN E 202 42.68 -6.90 -9.37
N GLY E 203 43.36 -7.05 -8.24
CA GLY E 203 44.08 -5.95 -7.62
C GLY E 203 45.38 -6.44 -7.00
N SER E 204 45.99 -5.58 -6.18
CA SER E 204 47.33 -5.84 -5.64
C SER E 204 47.34 -5.76 -4.12
N MET E 205 46.83 -6.82 -3.50
CA MET E 205 46.89 -6.98 -2.05
C MET E 205 47.05 -8.45 -1.72
N LYS E 206 47.15 -8.76 -0.44
CA LYS E 206 47.16 -10.14 -0.01
C LYS E 206 45.78 -10.71 -0.27
N ALA E 207 45.68 -12.04 -0.29
CA ALA E 207 44.41 -12.70 -0.49
C ALA E 207 43.44 -12.27 0.59
N ALA E 208 43.90 -12.31 1.85
CA ALA E 208 43.08 -11.94 3.01
C ALA E 208 42.40 -10.57 2.85
N GLU E 209 43.08 -9.66 2.17
CA GLU E 209 42.52 -8.33 1.96
C GLU E 209 41.34 -8.29 0.98
N ASN E 210 41.21 -9.33 0.15
CA ASN E 210 40.30 -9.24 -1.00
C ASN E 210 38.88 -9.71 -0.66
N PHE E 211 38.65 -10.05 0.60
CA PHE E 211 37.32 -10.46 1.03
C PHE E 211 36.41 -9.25 1.22
N LEU E 212 35.15 -9.43 0.89
CA LEU E 212 34.16 -8.36 0.99
C LEU E 212 34.02 -7.87 2.43
N ASP E 213 33.96 -6.56 2.60
CA ASP E 213 33.79 -5.94 3.92
C ASP E 213 32.45 -6.40 4.51
N PRO E 214 32.46 -7.02 5.70
CA PRO E 214 31.20 -7.49 6.29
C PRO E 214 30.14 -6.40 6.42
N ASN E 215 30.58 -5.14 6.41
CA ASN E 215 29.65 -4.02 6.45
C ASN E 215 28.79 -3.91 5.20
N LYS E 216 29.25 -4.51 4.11
CA LYS E 216 28.53 -4.47 2.84
C LYS E 216 27.83 -5.80 2.53
N ALA E 217 27.88 -6.72 3.50
CA ALA E 217 27.18 -7.99 3.39
C ALA E 217 26.08 -8.07 4.42
N SER E 218 25.24 -9.10 4.30
CA SER E 218 24.17 -9.34 5.27
C SER E 218 24.74 -9.37 6.68
N SER E 219 24.11 -8.62 7.58
CA SER E 219 24.63 -8.48 8.94
C SER E 219 24.52 -9.77 9.73
N LEU E 220 23.68 -10.69 9.26
CA LEU E 220 23.57 -12.00 9.88
C LEU E 220 24.90 -12.75 9.76
N LEU E 221 25.66 -12.48 8.71
CA LEU E 221 26.92 -13.17 8.46
C LEU E 221 27.94 -12.89 9.55
N SER E 222 28.01 -11.63 9.99
CA SER E 222 29.01 -11.21 10.96
C SER E 222 28.42 -11.06 12.36
N SER E 223 27.56 -10.06 12.54
CA SER E 223 27.02 -9.73 13.86
C SER E 223 26.13 -10.84 14.40
N GLY E 224 25.45 -11.56 13.51
CA GLY E 224 24.73 -12.76 13.87
C GLY E 224 23.22 -12.72 13.67
N PHE E 225 22.57 -13.82 14.06
CA PHE E 225 21.13 -13.98 13.94
C PHE E 225 20.49 -14.11 15.32
N SER E 226 19.34 -13.45 15.50
CA SER E 226 18.58 -13.53 16.74
C SER E 226 17.34 -14.40 16.56
N PRO E 227 17.39 -15.64 17.05
CA PRO E 227 16.20 -16.50 16.92
C PRO E 227 15.03 -15.91 17.65
N ASP E 228 13.83 -16.21 17.17
CA ASP E 228 12.62 -15.82 17.86
C ASP E 228 11.58 -16.89 17.57
N PHE E 229 11.76 -18.08 18.14
CA PHE E 229 10.90 -19.20 17.81
C PHE E 229 10.10 -19.64 19.02
N ALA E 230 8.87 -20.08 18.76
CA ALA E 230 7.97 -20.54 19.81
C ALA E 230 7.55 -21.98 19.60
N THR E 231 7.62 -22.76 20.68
CA THR E 231 7.14 -24.13 20.72
C THR E 231 6.09 -24.27 21.82
N VAL E 232 4.96 -24.91 21.49
CA VAL E 232 3.90 -25.16 22.45
C VAL E 232 3.86 -26.65 22.77
N ILE E 233 4.05 -26.95 24.06
CA ILE E 233 4.03 -28.32 24.57
C ILE E 233 2.81 -28.54 25.47
N THR E 234 2.07 -29.62 25.18
CA THR E 234 0.91 -29.99 26.01
C THR E 234 1.29 -31.09 26.99
N MET E 235 0.62 -31.10 28.13
CA MET E 235 0.81 -32.15 29.13
C MET E 235 -0.53 -32.58 29.71
N ASP E 236 -0.77 -33.88 29.73
CA ASP E 236 -1.95 -34.44 30.38
C ASP E 236 -1.81 -34.30 31.89
N ARG E 237 -2.80 -33.68 32.52
CA ARG E 237 -2.74 -33.42 33.96
C ARG E 237 -2.71 -34.72 34.74
N LYS E 238 -3.33 -35.76 34.20
CA LYS E 238 -3.47 -37.03 34.89
C LYS E 238 -2.28 -37.96 34.65
N ALA E 239 -1.29 -37.49 33.91
CA ALA E 239 -0.07 -38.26 33.73
C ALA E 239 0.59 -38.45 35.08
N SER E 240 1.18 -39.62 35.27
CA SER E 240 1.77 -39.96 36.56
C SER E 240 3.02 -39.12 36.78
N LYS E 241 3.89 -39.07 35.76
CA LYS E 241 5.15 -38.34 35.84
C LYS E 241 5.00 -36.90 35.39
N GLN E 242 4.90 -35.98 36.33
CA GLN E 242 4.66 -34.57 36.02
C GLN E 242 5.96 -33.77 35.92
N GLN E 243 7.03 -34.43 35.49
CA GLN E 243 8.30 -33.78 35.21
C GLN E 243 8.79 -34.21 33.84
N THR E 244 9.38 -33.27 33.11
CA THR E 244 9.82 -33.53 31.75
C THR E 244 11.13 -32.82 31.44
N ASN E 245 12.14 -33.59 31.06
CA ASN E 245 13.40 -33.01 30.59
C ASN E 245 13.28 -32.66 29.11
N ILE E 246 13.90 -31.55 28.72
CA ILE E 246 13.89 -31.17 27.31
C ILE E 246 15.24 -30.59 26.91
N ASP E 247 15.74 -31.05 25.76
CA ASP E 247 17.02 -30.59 25.23
C ASP E 247 16.80 -29.50 24.19
N VAL E 248 17.54 -28.40 24.36
CA VAL E 248 17.53 -27.31 23.40
C VAL E 248 18.90 -27.18 22.77
N ILE E 249 18.94 -27.20 21.44
CA ILE E 249 20.19 -27.10 20.69
C ILE E 249 20.23 -25.86 19.80
N TYR E 250 21.27 -25.06 19.98
CA TYR E 250 21.60 -23.99 19.05
C TYR E 250 22.78 -24.45 18.21
N GLU E 251 22.74 -24.18 16.91
CA GLU E 251 23.75 -24.71 16.01
C GLU E 251 24.06 -23.75 14.87
N ARG E 252 25.35 -23.65 14.55
CA ARG E 252 25.82 -22.84 13.43
C ARG E 252 26.61 -23.72 12.47
N VAL E 253 26.24 -23.67 11.19
CA VAL E 253 26.97 -24.37 10.14
C VAL E 253 27.77 -23.37 9.33
N ARG E 254 29.09 -23.52 9.33
CA ARG E 254 29.95 -22.59 8.62
C ARG E 254 30.53 -23.18 7.34
N ASP E 255 30.42 -22.41 6.27
CA ASP E 255 31.02 -22.75 4.99
C ASP E 255 32.38 -22.09 4.84
N ASP E 256 33.20 -22.68 3.98
CA ASP E 256 34.57 -22.21 3.76
C ASP E 256 34.69 -21.60 2.37
N TYR E 257 34.88 -20.28 2.35
CA TYR E 257 35.07 -19.54 1.11
C TYR E 257 36.54 -19.16 0.97
N GLN E 258 37.22 -19.80 0.03
CA GLN E 258 38.63 -19.56 -0.22
C GLN E 258 38.85 -18.71 -1.46
N LEU E 259 39.82 -17.81 -1.37
CA LEU E 259 40.24 -16.97 -2.50
C LEU E 259 41.63 -17.39 -2.96
N HIS E 260 41.81 -17.52 -4.28
CA HIS E 260 43.14 -17.80 -4.84
C HIS E 260 43.43 -16.99 -6.11
N TRP E 261 44.71 -16.66 -6.28
CA TRP E 261 45.19 -15.83 -7.39
C TRP E 261 45.75 -16.71 -8.52
N THR E 262 45.18 -16.57 -9.71
CA THR E 262 45.59 -17.38 -10.86
C THR E 262 46.57 -16.65 -11.78
N SER E 263 47.27 -15.66 -11.24
CA SER E 263 48.33 -14.93 -11.96
C SER E 263 47.80 -13.96 -13.01
N THR E 264 46.49 -13.98 -13.26
CA THR E 264 45.86 -13.06 -14.19
C THR E 264 44.66 -12.36 -13.55
N ASN E 265 44.00 -13.05 -12.63
CA ASN E 265 42.90 -12.47 -11.86
C ASN E 265 42.63 -13.30 -10.60
N TRP E 266 41.60 -12.93 -9.86
CA TRP E 266 41.23 -13.67 -8.64
C TRP E 266 40.16 -14.71 -8.95
N LYS E 267 40.20 -15.82 -8.25
CA LYS E 267 39.19 -16.86 -8.39
C LYS E 267 38.81 -17.38 -7.00
N GLY E 268 37.50 -17.48 -6.77
CA GLY E 268 36.97 -17.90 -5.48
C GLY E 268 36.34 -19.29 -5.52
N THR E 269 36.47 -20.02 -4.43
CA THR E 269 35.92 -21.37 -4.34
C THR E 269 35.29 -21.59 -2.96
N ASN E 270 34.11 -22.20 -2.94
CA ASN E 270 33.34 -22.35 -1.70
C ASN E 270 33.01 -23.80 -1.41
N THR E 271 33.44 -24.29 -0.25
CA THR E 271 33.08 -25.64 0.19
C THR E 271 32.02 -25.56 1.29
N LYS E 272 30.95 -26.34 1.09
CA LYS E 272 29.75 -26.29 1.91
C LYS E 272 29.87 -27.10 3.20
N ASP E 273 29.25 -26.59 4.26
CA ASP E 273 29.12 -27.29 5.52
C ASP E 273 30.46 -27.83 6.00
N LYS E 274 31.47 -26.97 5.95
CA LYS E 274 32.81 -27.32 6.35
C LYS E 274 32.88 -27.52 7.86
N TRP E 275 32.33 -26.57 8.61
CA TRP E 275 32.36 -26.64 10.07
C TRP E 275 30.95 -26.59 10.65
N THR E 276 30.82 -27.13 11.86
CA THR E 276 29.55 -27.11 12.58
C THR E 276 29.77 -26.90 14.07
N ASP E 277 29.26 -25.77 14.57
CA ASP E 277 29.28 -25.48 16.00
C ASP E 277 27.93 -25.86 16.59
N ARG E 278 27.94 -26.77 17.57
CA ARG E 278 26.72 -27.29 18.16
C ARG E 278 26.74 -27.08 19.67
N SER E 279 25.73 -26.34 20.16
CA SER E 279 25.62 -26.00 21.58
C SER E 279 24.29 -26.50 22.14
N SER E 280 24.38 -27.44 23.07
CA SER E 280 23.20 -28.09 23.64
C SER E 280 23.03 -27.74 25.12
N GLU E 281 21.79 -27.63 25.56
CA GLU E 281 21.49 -27.43 26.97
C GLU E 281 20.23 -28.19 27.36
N ARG E 282 20.23 -28.79 28.55
CA ARG E 282 19.06 -29.55 29.02
C ARG E 282 18.31 -28.81 30.13
N TYR E 283 17.00 -28.68 29.93
CA TYR E 283 16.13 -28.01 30.89
C TYR E 283 15.17 -28.99 31.54
N LYS E 284 14.85 -28.73 32.80
CA LYS E 284 13.90 -29.54 33.55
C LYS E 284 12.57 -28.80 33.68
N ILE E 285 11.50 -29.47 33.27
CA ILE E 285 10.14 -28.95 33.34
C ILE E 285 9.41 -29.60 34.49
N ASP E 286 9.01 -28.78 35.47
CA ASP E 286 8.10 -29.22 36.52
C ASP E 286 6.73 -28.59 36.25
N TRP E 287 5.82 -29.48 35.86
CA TRP E 287 4.44 -29.15 35.52
C TRP E 287 3.61 -28.86 36.77
N GLU E 288 3.99 -29.47 37.88
CA GLU E 288 3.26 -29.25 39.13
C GLU E 288 3.66 -27.92 39.77
N LYS E 289 4.96 -27.72 39.94
CA LYS E 289 5.45 -26.47 40.53
C LYS E 289 5.39 -25.35 39.49
N GLU E 290 5.07 -25.73 38.25
CA GLU E 290 5.00 -24.78 37.14
C GLU E 290 6.28 -23.99 37.05
N GLU E 291 7.39 -24.70 36.85
CA GLU E 291 8.66 -24.03 36.71
C GLU E 291 9.61 -24.83 35.85
N MET E 292 10.47 -24.09 35.17
CA MET E 292 11.43 -24.65 34.24
C MET E 292 12.82 -24.21 34.65
N THR E 293 13.73 -25.18 34.77
CA THR E 293 15.06 -24.91 35.34
C THR E 293 16.19 -25.50 34.52
N ASN E 294 17.41 -25.07 34.83
CA ASN E 294 18.59 -25.48 34.10
C ASN E 294 19.72 -25.85 35.05
N ALA F 2 -19.81 -6.80 7.35
CA ALA F 2 -19.79 -6.54 8.82
C ALA F 2 -21.13 -5.96 9.27
N ASP F 3 -21.33 -5.88 10.58
CA ASP F 3 -22.62 -5.47 11.14
C ASP F 3 -22.90 -3.99 10.91
N SER F 4 -21.89 -3.15 11.09
CA SER F 4 -22.05 -1.70 10.94
C SER F 4 -22.55 -1.34 9.54
N ASP F 5 -22.36 -2.24 8.58
CA ASP F 5 -22.79 -2.02 7.20
C ASP F 5 -24.32 -2.10 7.06
N ILE F 6 -24.98 -2.69 8.06
CA ILE F 6 -26.44 -2.78 8.04
C ILE F 6 -27.06 -2.06 9.24
N ASN F 7 -26.37 -1.00 9.67
CA ASN F 7 -26.88 -0.09 10.71
C ASN F 7 -27.11 -0.77 12.06
N ILE F 8 -26.32 -1.80 12.35
CA ILE F 8 -26.40 -2.51 13.62
C ILE F 8 -25.04 -2.47 14.31
N LYS F 9 -25.06 -2.35 15.64
CA LYS F 9 -23.85 -2.29 16.44
C LYS F 9 -23.00 -3.54 16.26
N THR F 10 -21.70 -3.35 16.07
CA THR F 10 -20.80 -4.45 15.76
C THR F 10 -20.71 -5.46 16.90
N GLY F 11 -20.68 -6.75 16.54
CA GLY F 11 -20.58 -7.81 17.51
C GLY F 11 -21.93 -8.24 18.04
N THR F 12 -22.99 -7.63 17.50
CA THR F 12 -24.35 -7.90 17.95
C THR F 12 -24.85 -9.24 17.43
N THR F 13 -24.64 -9.50 16.14
CA THR F 13 -25.24 -10.67 15.49
C THR F 13 -24.47 -11.97 15.68
N ASP F 14 -23.37 -11.92 16.42
CA ASP F 14 -22.56 -13.11 16.66
C ASP F 14 -23.03 -13.90 17.88
N ILE F 15 -22.31 -14.98 18.20
CA ILE F 15 -22.68 -15.89 19.29
C ILE F 15 -22.37 -15.29 20.67
N GLY F 16 -21.71 -14.12 20.68
CA GLY F 16 -21.39 -13.44 21.91
C GLY F 16 -22.23 -12.20 22.15
N THR F 20 -19.68 -20.61 29.02
CA THR F 20 -18.23 -20.83 28.98
C THR F 20 -17.89 -21.89 27.95
N VAL F 21 -16.73 -21.74 27.32
CA VAL F 21 -16.31 -22.64 26.24
C VAL F 21 -15.31 -23.67 26.76
N LYS F 22 -15.41 -24.90 26.25
CA LYS F 22 -14.51 -25.97 26.69
C LYS F 22 -13.60 -26.42 25.55
N THR F 23 -12.30 -26.22 25.72
CA THR F 23 -11.35 -26.44 24.63
C THR F 23 -10.43 -27.63 24.90
N GLY F 24 -9.76 -28.12 23.86
CA GLY F 24 -8.78 -29.18 24.05
C GLY F 24 -7.81 -29.42 22.91
N ASP F 25 -6.73 -30.14 23.23
CA ASP F 25 -5.69 -30.52 22.27
C ASP F 25 -5.53 -32.04 22.17
N LEU F 26 -5.53 -32.56 20.94
CA LEU F 26 -5.15 -33.95 20.70
C LEU F 26 -3.98 -34.01 19.72
N VAL F 27 -2.87 -34.61 20.15
CA VAL F 27 -1.68 -34.73 19.32
C VAL F 27 -1.35 -36.19 19.00
N THR F 28 -1.11 -36.45 17.72
CA THR F 28 -0.71 -37.77 17.25
C THR F 28 0.39 -37.61 16.21
N TYR F 29 1.42 -38.44 16.30
CA TYR F 29 2.46 -38.45 15.27
C TYR F 29 2.45 -39.76 14.51
N ASP F 30 2.16 -39.67 13.22
CA ASP F 30 2.26 -40.82 12.33
C ASP F 30 3.68 -40.88 11.78
N LYS F 31 4.46 -41.82 12.29
CA LYS F 31 5.88 -41.92 11.96
C LYS F 31 6.11 -42.47 10.56
N GLU F 32 5.31 -43.47 10.19
CA GLU F 32 5.46 -44.11 8.89
C GLU F 32 5.14 -43.12 7.79
N ASN F 33 4.11 -42.30 8.01
CA ASN F 33 3.67 -41.33 7.03
C ASN F 33 4.30 -39.96 7.25
N GLY F 34 5.10 -39.81 8.31
CA GLY F 34 5.77 -38.56 8.60
C GLY F 34 4.79 -37.41 8.71
N MET F 35 3.80 -37.56 9.58
CA MET F 35 2.77 -36.55 9.75
C MET F 35 2.55 -36.22 11.22
N HIS F 36 2.73 -34.95 11.56
CA HIS F 36 2.42 -34.46 12.91
C HIS F 36 1.00 -33.92 12.88
N LYS F 37 0.10 -34.65 13.51
CA LYS F 37 -1.32 -34.35 13.43
C LYS F 37 -1.84 -33.82 14.76
N LYS F 38 -2.32 -32.57 14.73
CA LYS F 38 -2.86 -31.92 15.91
C LYS F 38 -4.28 -31.46 15.67
N VAL F 39 -5.15 -31.78 16.62
CA VAL F 39 -6.52 -31.28 16.62
C VAL F 39 -6.72 -30.35 17.81
N PHE F 40 -7.08 -29.10 17.53
CA PHE F 40 -7.54 -28.18 18.57
C PHE F 40 -9.05 -28.08 18.48
N TYR F 41 -9.74 -28.34 19.59
CA TYR F 41 -11.20 -28.28 19.54
C TYR F 41 -11.78 -27.32 20.58
N SER F 42 -12.89 -26.69 20.20
CA SER F 42 -13.64 -25.80 21.09
C SER F 42 -15.13 -26.12 21.10
N PHE F 43 -15.65 -26.42 22.29
CA PHE F 43 -17.08 -26.60 22.52
C PHE F 43 -17.70 -25.28 22.97
N ILE F 44 -18.62 -24.78 22.15
CA ILE F 44 -19.37 -23.55 22.44
C ILE F 44 -20.85 -23.84 22.65
N ASP F 45 -21.33 -23.56 23.86
CA ASP F 45 -22.72 -23.78 24.22
C ASP F 45 -23.39 -22.47 24.62
N ASP F 46 -23.90 -21.74 23.64
CA ASP F 46 -24.65 -20.51 23.89
C ASP F 46 -26.13 -20.82 24.02
N LYS F 47 -26.70 -20.47 25.18
CA LYS F 47 -28.11 -20.72 25.45
C LYS F 47 -28.98 -20.02 24.40
N ASN F 48 -28.50 -18.87 23.94
CA ASN F 48 -29.24 -18.07 22.97
C ASN F 48 -28.99 -18.50 21.52
N HIS F 49 -28.24 -19.59 21.36
CA HIS F 49 -28.03 -20.19 20.05
C HIS F 49 -28.77 -21.52 19.96
N ASN F 50 -29.37 -21.77 18.81
CA ASN F 50 -30.31 -22.89 18.66
C ASN F 50 -29.65 -24.27 18.65
N LYS F 51 -28.32 -24.29 18.56
CA LYS F 51 -27.58 -25.56 18.51
C LYS F 51 -26.22 -25.47 19.18
N LYS F 52 -25.72 -26.60 19.67
CA LYS F 52 -24.41 -26.64 20.30
C LYS F 52 -23.35 -26.64 19.21
N LEU F 53 -22.23 -25.94 19.45
CA LEU F 53 -21.18 -25.82 18.46
C LEU F 53 -19.89 -26.53 18.85
N LEU F 54 -19.24 -27.14 17.86
CA LEU F 54 -17.89 -27.64 18.00
C LEU F 54 -17.01 -27.10 16.87
N VAL F 55 -15.97 -26.35 17.24
CA VAL F 55 -14.98 -25.87 16.29
C VAL F 55 -13.76 -26.78 16.34
N ILE F 56 -13.46 -27.41 15.20
CA ILE F 56 -12.32 -28.31 15.07
C ILE F 56 -11.26 -27.69 14.17
N ARG F 57 -10.13 -27.30 14.76
CA ARG F 57 -8.98 -26.84 14.01
C ARG F 57 -7.99 -27.99 13.78
N THR F 58 -7.78 -28.31 12.51
CA THR F 58 -6.84 -29.35 12.12
C THR F 58 -5.51 -28.71 11.76
N LYS F 59 -4.51 -28.87 12.63
CA LYS F 59 -3.23 -28.22 12.43
C LYS F 59 -2.11 -29.26 12.32
N GLY F 60 -0.96 -28.97 12.90
CA GLY F 60 0.16 -29.88 12.81
C GLY F 60 0.96 -29.61 11.55
N THR F 61 1.70 -30.62 11.09
CA THR F 61 2.53 -30.48 9.90
C THR F 61 2.67 -31.79 9.16
N ILE F 62 2.41 -31.75 7.86
CA ILE F 62 2.68 -32.86 6.96
C ILE F 62 4.02 -32.60 6.30
N ALA F 63 5.00 -33.46 6.57
CA ALA F 63 6.34 -33.30 6.00
C ALA F 63 6.31 -33.39 4.48
N GLY F 64 7.18 -32.64 3.83
CA GLY F 64 7.23 -32.62 2.38
C GLY F 64 7.82 -33.89 1.79
N GLN F 65 8.97 -34.30 2.32
CA GLN F 65 9.66 -35.51 1.89
C GLN F 65 10.05 -35.45 0.41
N TYR F 66 10.58 -34.30 0.02
CA TYR F 66 11.22 -34.11 -1.26
C TYR F 66 12.53 -34.87 -1.25
N ARG F 67 12.63 -35.98 -1.98
CA ARG F 67 13.88 -36.75 -1.93
C ARG F 67 14.18 -37.59 -3.17
N VAL F 68 15.48 -37.72 -3.46
CA VAL F 68 15.98 -38.60 -4.50
C VAL F 68 15.85 -40.04 -4.03
N TYR F 69 14.99 -40.81 -4.69
CA TYR F 69 14.59 -42.11 -4.13
C TYR F 69 15.31 -43.27 -4.82
N SER F 70 15.69 -43.07 -6.08
CA SER F 70 16.30 -44.14 -6.87
C SER F 70 17.55 -43.64 -7.59
N GLU F 71 18.52 -44.53 -7.76
CA GLU F 71 19.75 -44.24 -8.48
C GLU F 71 20.11 -45.40 -9.39
N GLU F 72 19.69 -45.31 -10.65
CA GLU F 72 19.90 -46.37 -11.62
C GLU F 72 21.15 -46.09 -12.45
N GLY F 73 22.31 -46.17 -11.79
CA GLY F 73 23.58 -45.88 -12.44
C GLY F 73 23.96 -44.42 -12.26
N ALA F 74 24.35 -43.78 -13.37
CA ALA F 74 24.78 -42.38 -13.33
C ALA F 74 24.11 -41.57 -14.44
N ASN F 75 23.27 -42.22 -15.23
CA ASN F 75 22.53 -41.56 -16.30
C ASN F 75 21.06 -41.39 -15.98
N LYS F 76 20.58 -42.08 -14.96
CA LYS F 76 19.15 -42.13 -14.65
C LYS F 76 18.92 -41.97 -13.15
N SER F 77 18.02 -41.06 -12.77
CA SER F 77 17.64 -40.95 -11.36
C SER F 77 16.22 -40.44 -11.16
N GLY F 78 15.66 -40.75 -10.00
CA GLY F 78 14.30 -40.42 -9.66
C GLY F 78 14.14 -39.61 -8.38
N LEU F 79 13.28 -38.60 -8.46
CA LEU F 79 12.98 -37.71 -7.34
C LEU F 79 11.51 -37.75 -6.98
N ALA F 80 11.22 -38.08 -5.72
CA ALA F 80 9.85 -38.07 -5.20
C ALA F 80 9.57 -36.72 -4.57
N TRP F 81 8.46 -36.09 -4.99
CA TRP F 81 8.06 -34.81 -4.40
C TRP F 81 6.56 -34.68 -4.17
N PRO F 82 6.15 -33.91 -3.14
CA PRO F 82 4.73 -33.74 -2.82
C PRO F 82 4.02 -32.76 -3.75
N SER F 83 2.98 -33.22 -4.44
CA SER F 83 2.20 -32.38 -5.34
C SER F 83 0.90 -31.90 -4.69
N ALA F 84 0.52 -32.53 -3.60
CA ALA F 84 -0.70 -32.17 -2.89
C ALA F 84 -0.64 -32.56 -1.43
N PHE F 85 -1.06 -31.64 -0.56
CA PHE F 85 -1.34 -31.96 0.83
C PHE F 85 -2.85 -31.92 0.97
N LYS F 86 -3.41 -32.84 1.74
CA LYS F 86 -4.86 -32.88 1.89
C LYS F 86 -5.27 -33.10 3.34
N VAL F 87 -6.38 -32.46 3.71
CA VAL F 87 -6.97 -32.65 5.03
C VAL F 87 -8.46 -32.92 4.84
N GLN F 88 -8.96 -33.94 5.51
CA GLN F 88 -10.37 -34.32 5.38
C GLN F 88 -10.99 -34.69 6.71
N LEU F 89 -12.20 -34.18 6.95
CA LEU F 89 -13.01 -34.55 8.09
C LEU F 89 -14.32 -35.15 7.58
N GLN F 90 -14.73 -36.27 8.16
CA GLN F 90 -15.89 -36.99 7.69
C GLN F 90 -16.72 -37.55 8.84
N LEU F 91 -17.98 -37.14 8.89
CA LEU F 91 -18.95 -37.68 9.85
C LEU F 91 -19.66 -38.87 9.21
N PRO F 92 -19.84 -39.97 9.96
CA PRO F 92 -20.65 -41.06 9.42
C PRO F 92 -22.08 -40.62 9.11
N ASP F 93 -22.67 -41.22 8.08
CA ASP F 93 -23.93 -40.76 7.54
C ASP F 93 -25.08 -40.87 8.53
N ASN F 94 -25.02 -41.86 9.41
CA ASN F 94 -26.09 -42.08 10.38
C ASN F 94 -26.04 -41.10 11.55
N GLU F 95 -25.03 -40.25 11.58
CA GLU F 95 -24.91 -39.23 12.61
C GLU F 95 -25.94 -38.11 12.41
N VAL F 96 -26.37 -37.50 13.51
CA VAL F 96 -27.30 -36.38 13.46
C VAL F 96 -26.58 -35.05 13.35
N ALA F 97 -25.36 -34.99 13.89
CA ALA F 97 -24.57 -33.77 13.84
C ALA F 97 -24.26 -33.39 12.39
N GLN F 98 -24.14 -32.10 12.13
CA GLN F 98 -23.97 -31.58 10.78
C GLN F 98 -22.80 -30.63 10.66
N ILE F 99 -22.12 -30.66 9.51
CA ILE F 99 -21.07 -29.69 9.22
C ILE F 99 -21.72 -28.38 8.82
N SER F 100 -21.50 -27.35 9.63
CA SER F 100 -22.16 -26.07 9.46
C SER F 100 -21.29 -25.06 8.73
N ASP F 101 -20.01 -24.97 9.11
CA ASP F 101 -19.12 -24.00 8.47
C ASP F 101 -17.68 -24.51 8.33
N TYR F 102 -16.85 -23.71 7.67
CA TYR F 102 -15.47 -24.10 7.37
C TYR F 102 -14.61 -22.90 6.97
N TYR F 103 -13.33 -22.94 7.32
CA TYR F 103 -12.38 -21.92 6.89
C TYR F 103 -11.00 -22.54 6.68
N PRO F 104 -10.28 -22.13 5.62
CA PRO F 104 -10.62 -21.13 4.61
C PRO F 104 -11.56 -21.66 3.53
N ARG F 105 -12.06 -20.75 2.71
CA ARG F 105 -12.87 -21.10 1.54
C ARG F 105 -12.12 -20.72 0.26
N ASN F 106 -12.75 -20.93 -0.88
CA ASN F 106 -12.16 -20.55 -2.15
C ASN F 106 -12.36 -19.07 -2.45
N SER F 107 -11.26 -18.38 -2.74
CA SER F 107 -11.31 -16.96 -3.07
C SER F 107 -11.33 -16.75 -4.58
N ILE F 108 -12.00 -15.70 -5.00
CA ILE F 108 -12.07 -15.34 -6.41
C ILE F 108 -10.79 -14.61 -6.80
N ASP F 109 -10.03 -15.20 -7.73
CA ASP F 109 -8.82 -14.56 -8.22
C ASP F 109 -9.16 -13.33 -9.07
N THR F 110 -8.20 -12.41 -9.14
CA THR F 110 -8.34 -11.24 -9.98
C THR F 110 -7.11 -11.12 -10.87
N LYS F 111 -7.23 -10.34 -11.94
CA LYS F 111 -6.11 -10.11 -12.83
C LYS F 111 -6.14 -8.67 -13.30
N GLU F 112 -4.95 -8.13 -13.52
CA GLU F 112 -4.79 -6.76 -13.98
C GLU F 112 -4.47 -6.75 -15.47
N TYR F 113 -5.35 -6.10 -16.24
CA TYR F 113 -5.21 -6.00 -17.67
C TYR F 113 -5.01 -4.54 -18.07
N MET F 114 -4.09 -4.28 -18.98
CA MET F 114 -3.90 -2.92 -19.47
C MET F 114 -3.55 -2.85 -20.96
N SER F 115 -4.22 -1.95 -21.66
CA SER F 115 -4.08 -1.79 -23.11
C SER F 115 -3.50 -0.42 -23.44
N THR F 116 -2.60 -0.38 -24.42
CA THR F 116 -1.96 0.86 -24.83
C THR F 116 -2.06 1.09 -26.34
N LEU F 117 -2.36 2.33 -26.73
CA LEU F 117 -2.35 2.73 -28.13
C LEU F 117 -1.42 3.91 -28.30
N THR F 118 -0.36 3.72 -29.08
CA THR F 118 0.61 4.78 -29.33
C THR F 118 0.74 5.04 -30.83
N TYR F 119 0.77 6.31 -31.22
CA TYR F 119 1.06 6.65 -32.60
C TYR F 119 1.90 7.92 -32.66
N GLY F 120 2.76 8.01 -33.68
CA GLY F 120 3.70 9.11 -33.78
C GLY F 120 4.12 9.45 -35.19
N PHE F 121 4.85 10.55 -35.31
CA PHE F 121 5.43 11.00 -36.58
C PHE F 121 6.89 11.35 -36.36
N ASN F 122 7.68 11.28 -37.42
CA ASN F 122 9.08 11.68 -37.36
C ASN F 122 9.54 12.26 -38.68
N GLY F 123 10.36 13.31 -38.60
CA GLY F 123 10.92 13.95 -39.78
C GLY F 123 12.43 13.87 -39.75
N ASN F 124 13.05 13.89 -40.92
CA ASN F 124 14.51 14.00 -40.98
C ASN F 124 15.00 14.59 -42.29
N VAL F 125 16.05 15.40 -42.20
CA VAL F 125 16.75 15.93 -43.36
C VAL F 125 18.20 15.49 -43.31
N THR F 126 18.71 14.98 -44.44
CA THR F 126 20.08 14.48 -44.51
C THR F 126 20.88 15.22 -45.57
N GLY F 127 22.21 15.09 -45.54
CA GLY F 127 23.06 15.77 -46.50
C GLY F 127 24.52 15.37 -46.39
N ASP F 128 25.33 15.84 -47.34
CA ASP F 128 26.76 15.51 -47.36
C ASP F 128 27.58 16.59 -48.06
N ASP F 129 28.88 16.34 -48.20
CA ASP F 129 29.80 17.31 -48.78
C ASP F 129 29.66 17.46 -50.30
N THR F 130 28.91 16.55 -50.92
CA THR F 130 28.67 16.63 -52.35
C THR F 130 27.47 17.52 -52.66
N GLY F 131 27.06 18.31 -51.67
CA GLY F 131 25.95 19.24 -51.83
C GLY F 131 24.60 18.55 -51.96
N LYS F 132 24.58 17.24 -51.81
CA LYS F 132 23.34 16.47 -51.93
C LYS F 132 22.49 16.65 -50.67
N ILE F 133 21.17 16.72 -50.88
CA ILE F 133 20.22 16.94 -49.80
C ILE F 133 19.08 15.92 -49.86
N GLY F 134 18.78 15.30 -48.72
CA GLY F 134 17.73 14.29 -48.64
C GLY F 134 16.76 14.57 -47.51
N GLY F 135 15.64 13.88 -47.52
CA GLY F 135 14.62 14.05 -46.49
C GLY F 135 13.74 12.83 -46.33
N LEU F 136 13.16 12.67 -45.14
CA LEU F 136 12.17 11.62 -44.91
C LEU F 136 11.14 12.03 -43.85
N ILE F 137 9.89 11.64 -44.10
CA ILE F 137 8.76 11.91 -43.22
C ILE F 137 8.06 10.59 -42.96
N GLY F 138 8.04 10.14 -41.71
CA GLY F 138 7.49 8.85 -41.34
C GLY F 138 6.44 8.94 -40.25
N ALA F 139 5.64 7.89 -40.15
CA ALA F 139 4.58 7.81 -39.14
C ALA F 139 4.50 6.39 -38.61
N ASN F 140 4.02 6.23 -37.38
CA ASN F 140 3.90 4.91 -36.77
C ASN F 140 2.69 4.78 -35.85
N VAL F 141 2.19 3.56 -35.74
CA VAL F 141 1.07 3.21 -34.86
C VAL F 141 1.34 1.87 -34.20
N SER F 142 0.98 1.73 -32.93
CA SER F 142 1.25 0.50 -32.18
C SER F 142 0.23 0.26 -31.07
N ILE F 143 -0.23 -0.99 -30.97
CA ILE F 143 -1.18 -1.41 -29.95
C ILE F 143 -0.56 -2.48 -29.07
N GLY F 144 -0.63 -2.28 -27.76
CA GLY F 144 -0.12 -3.24 -26.80
C GLY F 144 -1.17 -3.72 -25.83
N HIS F 145 -1.09 -5.00 -25.47
CA HIS F 145 -1.96 -5.59 -24.47
C HIS F 145 -1.13 -6.28 -23.41
N THR F 146 -1.36 -5.93 -22.15
CA THR F 146 -0.61 -6.49 -21.04
C THR F 146 -1.52 -7.16 -20.02
N LEU F 147 -1.16 -8.38 -19.66
CA LEU F 147 -1.86 -9.17 -18.66
C LEU F 147 -0.95 -9.34 -17.45
N LYS F 148 -1.49 -9.13 -16.26
CA LYS F 148 -0.70 -9.16 -15.03
C LYS F 148 -1.46 -9.89 -13.94
N TYR F 149 -0.80 -10.83 -13.25
CA TYR F 149 -1.45 -11.55 -12.15
C TYR F 149 -0.46 -12.29 -11.25
N VAL F 150 -0.90 -12.52 -10.02
CA VAL F 150 -0.10 -13.18 -8.99
C VAL F 150 -0.60 -14.58 -8.74
N GLN F 151 0.30 -15.56 -8.75
CA GLN F 151 -0.07 -16.94 -8.46
C GLN F 151 0.89 -17.57 -7.45
N PRO F 152 0.34 -18.22 -6.40
CA PRO F 152 1.19 -18.81 -5.36
C PRO F 152 1.83 -20.12 -5.80
N ASP F 153 2.90 -20.51 -5.11
CA ASP F 153 3.55 -21.79 -5.39
C ASP F 153 2.57 -22.94 -5.19
N PHE F 154 1.71 -22.80 -4.19
CA PHE F 154 0.66 -23.78 -3.93
C PHE F 154 -0.70 -23.11 -3.84
N LYS F 155 -1.72 -23.77 -4.37
CA LYS F 155 -3.10 -23.28 -4.25
C LYS F 155 -3.82 -23.99 -3.12
N THR F 156 -4.44 -23.20 -2.24
CA THR F 156 -5.22 -23.73 -1.13
C THR F 156 -6.69 -23.78 -1.51
N ILE F 157 -7.25 -24.98 -1.61
CA ILE F 157 -8.58 -25.16 -2.16
C ILE F 157 -9.50 -25.93 -1.21
N LEU F 158 -10.68 -25.38 -1.00
CA LEU F 158 -11.73 -26.04 -0.22
C LEU F 158 -12.54 -26.96 -1.12
N GLU F 159 -12.49 -28.25 -0.86
CA GLU F 159 -13.22 -29.21 -1.67
C GLU F 159 -14.72 -29.06 -1.40
N SER F 160 -15.53 -29.37 -2.41
CA SER F 160 -16.98 -29.24 -2.30
C SER F 160 -17.50 -29.96 -1.06
N PRO F 161 -17.94 -29.21 -0.04
CA PRO F 161 -18.37 -29.83 1.19
C PRO F 161 -19.83 -30.27 1.17
N THR F 162 -20.18 -31.20 2.05
CA THR F 162 -21.56 -31.60 2.30
C THR F 162 -21.83 -31.33 3.77
N ASP F 163 -22.93 -31.83 4.30
CA ASP F 163 -23.23 -31.61 5.71
C ASP F 163 -22.66 -32.72 6.60
N LYS F 164 -21.91 -33.64 6.01
CA LYS F 164 -21.28 -34.71 6.78
C LYS F 164 -19.77 -34.80 6.55
N LYS F 165 -19.29 -34.29 5.42
CA LYS F 165 -17.87 -34.37 5.10
C LYS F 165 -17.34 -33.08 4.50
N VAL F 166 -16.13 -32.69 4.93
CA VAL F 166 -15.45 -31.51 4.42
C VAL F 166 -13.96 -31.82 4.27
N GLY F 167 -13.28 -31.05 3.44
CA GLY F 167 -11.85 -31.23 3.28
C GLY F 167 -11.17 -30.13 2.49
N TRP F 168 -9.87 -30.00 2.68
CA TRP F 168 -9.05 -29.06 1.92
C TRP F 168 -7.95 -29.79 1.18
N LYS F 169 -7.57 -29.24 0.02
CA LYS F 169 -6.36 -29.68 -0.64
C LYS F 169 -5.48 -28.47 -0.98
N VAL F 170 -4.22 -28.59 -0.60
CA VAL F 170 -3.20 -27.61 -0.93
C VAL F 170 -2.33 -28.21 -2.03
N ILE F 171 -2.49 -27.72 -3.25
CA ILE F 171 -1.89 -28.35 -4.42
C ILE F 171 -0.76 -27.51 -5.04
N PHE F 172 0.22 -28.19 -5.61
CA PHE F 172 1.31 -27.52 -6.32
C PHE F 172 0.76 -26.84 -7.58
N ASN F 173 1.08 -25.56 -7.74
CA ASN F 173 0.63 -24.78 -8.88
C ASN F 173 1.77 -24.62 -9.90
N ASN F 174 2.70 -23.72 -9.61
CA ASN F 174 3.91 -23.56 -10.41
C ASN F 174 5.01 -22.97 -9.53
N MET F 175 6.25 -23.02 -9.99
CA MET F 175 7.39 -22.63 -9.16
C MET F 175 8.55 -22.09 -9.98
N VAL F 176 9.27 -21.13 -9.42
CA VAL F 176 10.46 -20.57 -10.05
C VAL F 176 11.66 -21.48 -9.84
N ASN F 177 12.44 -21.70 -10.91
CA ASN F 177 13.63 -22.53 -10.85
C ASN F 177 14.87 -21.74 -11.21
N GLN F 178 15.58 -21.25 -10.19
CA GLN F 178 16.81 -20.50 -10.38
C GLN F 178 16.65 -19.36 -11.40
N ASN F 179 15.72 -18.46 -11.11
CA ASN F 179 15.46 -17.29 -11.95
C ASN F 179 14.90 -17.64 -13.33
N ALA F 180 14.51 -18.90 -13.52
CA ALA F 180 13.87 -19.33 -14.76
C ALA F 180 12.45 -19.82 -14.48
N GLY F 181 11.67 -20.03 -15.53
CA GLY F 181 10.31 -20.52 -15.39
C GLY F 181 9.30 -19.39 -15.24
N PRO F 182 8.28 -19.57 -14.39
CA PRO F 182 8.03 -20.73 -13.52
C PRO F 182 7.59 -21.96 -14.31
N TYR F 183 7.84 -23.13 -13.75
CA TYR F 183 7.45 -24.39 -14.35
C TYR F 183 6.34 -25.05 -13.55
N ASP F 184 5.61 -25.96 -14.18
CA ASP F 184 4.58 -26.73 -13.49
C ASP F 184 4.74 -28.21 -13.81
N ARG F 185 3.75 -29.01 -13.44
CA ARG F 185 3.79 -30.45 -13.64
C ARG F 185 3.61 -30.83 -15.10
N ASP F 186 3.22 -29.87 -15.92
CA ASP F 186 2.91 -30.12 -17.33
C ASP F 186 3.83 -29.36 -18.29
N SER F 187 4.80 -28.64 -17.74
CA SER F 187 5.79 -27.97 -18.55
C SER F 187 6.55 -28.98 -19.37
N TRP F 188 6.69 -28.71 -20.66
CA TRP F 188 7.41 -29.62 -21.55
C TRP F 188 8.17 -28.86 -22.63
N ASN F 189 9.43 -29.23 -22.77
CA ASN F 189 10.33 -28.66 -23.77
C ASN F 189 10.88 -29.82 -24.60
N PRO F 190 10.88 -29.67 -25.94
CA PRO F 190 11.25 -30.84 -26.75
C PRO F 190 12.68 -31.34 -26.53
N VAL F 191 13.60 -30.45 -26.22
CA VAL F 191 14.99 -30.85 -25.97
C VAL F 191 15.25 -31.18 -24.50
N TYR F 192 14.56 -30.49 -23.58
CA TYR F 192 14.79 -30.68 -22.14
C TYR F 192 13.62 -31.30 -21.36
N GLY F 193 12.44 -31.39 -21.98
CA GLY F 193 11.28 -31.95 -21.31
C GLY F 193 10.79 -31.05 -20.18
N ASN F 194 10.54 -31.64 -19.01
CA ASN F 194 10.14 -30.87 -17.84
C ASN F 194 11.34 -30.49 -16.99
N GLN F 195 11.61 -29.19 -16.92
CA GLN F 195 12.80 -28.67 -16.29
C GLN F 195 12.52 -28.22 -14.86
N LEU F 196 11.46 -28.77 -14.28
CA LEU F 196 10.94 -28.34 -12.99
C LEU F 196 12.02 -28.29 -11.91
N PHE F 197 12.66 -29.43 -11.63
CA PHE F 197 13.62 -29.54 -10.54
C PHE F 197 15.02 -29.82 -11.08
N MET F 198 15.25 -29.46 -12.33
CA MET F 198 16.54 -29.68 -12.97
C MET F 198 17.53 -28.59 -12.56
N LYS F 199 18.69 -29.00 -12.06
CA LYS F 199 19.72 -28.05 -11.63
C LYS F 199 20.50 -27.47 -12.80
N THR F 200 21.03 -28.34 -13.66
CA THR F 200 21.79 -27.90 -14.82
C THR F 200 21.24 -28.55 -16.08
N ALA F 201 21.45 -27.86 -17.22
CA ALA F 201 21.04 -28.39 -18.51
C ALA F 201 21.99 -29.50 -18.98
N ASN F 202 23.29 -29.27 -18.81
CA ASN F 202 24.30 -30.24 -19.20
C ASN F 202 25.56 -30.13 -18.34
N GLY F 203 25.72 -31.08 -17.42
CA GLY F 203 26.87 -31.10 -16.54
C GLY F 203 27.25 -32.51 -16.13
N SER F 204 28.55 -32.78 -16.07
CA SER F 204 29.04 -34.14 -15.83
C SER F 204 28.99 -34.53 -14.35
N MET F 205 27.83 -35.01 -13.93
CA MET F 205 27.65 -35.57 -12.60
C MET F 205 26.67 -36.73 -12.66
N LYS F 206 26.43 -37.37 -11.52
CA LYS F 206 25.41 -38.40 -11.44
C LYS F 206 24.05 -37.75 -11.62
N ALA F 207 23.06 -38.54 -12.05
CA ALA F 207 21.71 -38.02 -12.23
C ALA F 207 21.14 -37.49 -10.93
N ALA F 208 21.52 -38.12 -9.82
CA ALA F 208 21.08 -37.68 -8.49
C ALA F 208 21.60 -36.29 -8.16
N GLU F 209 22.81 -35.98 -8.63
CA GLU F 209 23.41 -34.68 -8.36
C GLU F 209 22.66 -33.53 -9.04
N ASN F 210 22.03 -33.79 -10.18
CA ASN F 210 21.45 -32.73 -10.99
C ASN F 210 20.07 -32.25 -10.55
N PHE F 211 19.53 -32.82 -9.47
CA PHE F 211 18.25 -32.34 -8.94
C PHE F 211 18.45 -31.05 -8.16
N LEU F 212 17.47 -30.15 -8.27
CA LEU F 212 17.52 -28.86 -7.61
C LEU F 212 17.57 -29.00 -6.09
N ASP F 213 18.47 -28.25 -5.46
CA ASP F 213 18.62 -28.28 -4.01
C ASP F 213 17.30 -27.83 -3.37
N PRO F 214 16.75 -28.64 -2.43
CA PRO F 214 15.50 -28.22 -1.78
C PRO F 214 15.57 -26.84 -1.14
N ASN F 215 16.76 -26.37 -0.82
CA ASN F 215 16.95 -25.05 -0.22
C ASN F 215 16.62 -23.90 -1.18
N LYS F 216 16.68 -24.17 -2.48
CA LYS F 216 16.32 -23.19 -3.50
C LYS F 216 14.90 -23.41 -4.04
N ALA F 217 14.21 -24.43 -3.52
CA ALA F 217 12.85 -24.76 -3.93
C ALA F 217 11.89 -24.43 -2.80
N SER F 218 10.59 -24.49 -3.10
CA SER F 218 9.55 -24.24 -2.11
C SER F 218 9.77 -25.09 -0.87
N SER F 219 9.74 -24.47 0.30
CA SER F 219 10.03 -25.18 1.54
C SER F 219 8.93 -26.18 1.89
N LEU F 220 7.75 -26.01 1.27
CA LEU F 220 6.67 -26.98 1.46
C LEU F 220 7.05 -28.35 0.90
N LEU F 221 7.89 -28.35 -0.13
CA LEU F 221 8.30 -29.56 -0.81
C LEU F 221 9.14 -30.48 0.08
N SER F 222 10.02 -29.87 0.87
CA SER F 222 10.94 -30.62 1.72
C SER F 222 10.44 -30.67 3.15
N SER F 223 10.58 -29.55 3.86
CA SER F 223 10.28 -29.49 5.28
C SER F 223 8.79 -29.70 5.57
N GLY F 224 7.93 -29.24 4.64
CA GLY F 224 6.52 -29.58 4.68
C GLY F 224 5.54 -28.44 4.82
N PHE F 225 4.27 -28.80 4.95
CA PHE F 225 3.17 -27.85 5.03
C PHE F 225 2.43 -27.99 6.37
N SER F 226 2.10 -26.85 6.97
CA SER F 226 1.37 -26.82 8.23
C SER F 226 -0.09 -26.43 7.98
N PRO F 227 -1.01 -27.40 8.01
CA PRO F 227 -2.41 -27.04 7.81
C PRO F 227 -2.92 -26.12 8.91
N ASP F 228 -3.89 -25.28 8.58
CA ASP F 228 -4.54 -24.42 9.57
C ASP F 228 -5.98 -24.21 9.15
N PHE F 229 -6.75 -25.30 9.20
CA PHE F 229 -8.13 -25.32 8.73
C PHE F 229 -9.08 -25.53 9.90
N ALA F 230 -10.21 -24.82 9.85
CA ALA F 230 -11.22 -24.92 10.89
C ALA F 230 -12.54 -25.42 10.30
N THR F 231 -13.16 -26.35 11.02
CA THR F 231 -14.48 -26.86 10.69
C THR F 231 -15.43 -26.55 11.83
N VAL F 232 -16.62 -26.04 11.51
CA VAL F 232 -17.65 -25.81 12.52
C VAL F 232 -18.78 -26.80 12.35
N ILE F 233 -18.96 -27.61 13.40
CA ILE F 233 -20.00 -28.64 13.46
C ILE F 233 -21.07 -28.26 14.48
N THR F 234 -22.33 -28.33 14.06
CA THR F 234 -23.46 -27.98 14.92
C THR F 234 -24.15 -29.25 15.39
N MET F 235 -24.74 -29.21 16.59
CA MET F 235 -25.48 -30.34 17.12
C MET F 235 -26.75 -29.92 17.87
N ASP F 236 -27.86 -30.57 17.53
CA ASP F 236 -29.14 -30.30 18.19
C ASP F 236 -29.13 -30.86 19.61
N ARG F 237 -29.49 -30.02 20.58
CA ARG F 237 -29.41 -30.41 21.99
C ARG F 237 -30.43 -31.49 22.34
N LYS F 238 -31.53 -31.56 21.58
CA LYS F 238 -32.58 -32.53 21.85
C LYS F 238 -32.28 -33.91 21.26
N ALA F 239 -31.15 -34.05 20.57
CA ALA F 239 -30.80 -35.30 19.94
C ALA F 239 -30.65 -36.41 20.99
N SER F 240 -31.06 -37.61 20.63
CA SER F 240 -31.03 -38.74 21.56
C SER F 240 -29.60 -39.14 21.87
N LYS F 241 -28.82 -39.34 20.80
CA LYS F 241 -27.43 -39.74 20.92
C LYS F 241 -26.52 -38.53 20.95
N GLN F 242 -26.05 -38.17 22.15
CA GLN F 242 -25.16 -37.02 22.30
C GLN F 242 -23.69 -37.44 22.22
N GLN F 243 -23.42 -38.48 21.42
CA GLN F 243 -22.06 -38.82 21.02
C GLN F 243 -21.97 -38.80 19.50
N THR F 244 -20.83 -38.40 18.98
CA THR F 244 -20.61 -38.43 17.53
C THR F 244 -19.19 -38.84 17.19
N ASN F 245 -19.04 -39.88 16.38
CA ASN F 245 -17.74 -40.26 15.85
C ASN F 245 -17.39 -39.40 14.65
N ILE F 246 -16.13 -39.04 14.52
CA ILE F 246 -15.69 -38.32 13.32
C ILE F 246 -14.30 -38.77 12.91
N ASP F 247 -14.13 -39.04 11.62
CA ASP F 247 -12.84 -39.47 11.08
C ASP F 247 -12.10 -38.28 10.46
N VAL F 248 -10.83 -38.16 10.83
CA VAL F 248 -9.98 -37.12 10.26
C VAL F 248 -8.85 -37.80 9.50
N ILE F 249 -8.64 -37.37 8.26
CA ILE F 249 -7.62 -37.93 7.39
C ILE F 249 -6.63 -36.87 6.91
N TYR F 250 -5.34 -37.15 7.10
CA TYR F 250 -4.28 -36.36 6.48
C TYR F 250 -3.71 -37.17 5.32
N GLU F 251 -3.43 -36.49 4.21
CA GLU F 251 -2.94 -37.17 3.02
C GLU F 251 -1.80 -36.40 2.35
N ARG F 252 -0.87 -37.15 1.77
CA ARG F 252 0.16 -36.57 0.93
C ARG F 252 0.21 -37.33 -0.39
N VAL F 253 0.12 -36.61 -1.50
CA VAL F 253 0.25 -37.20 -2.82
C VAL F 253 1.59 -36.83 -3.43
N ARG F 254 2.38 -37.84 -3.78
CA ARG F 254 3.72 -37.60 -4.30
C ARG F 254 3.84 -37.95 -5.78
N ASP F 255 4.41 -37.00 -6.51
CA ASP F 255 4.74 -37.14 -7.92
C ASP F 255 6.16 -37.63 -8.10
N ASP F 256 6.41 -38.19 -9.29
CA ASP F 256 7.71 -38.75 -9.64
C ASP F 256 8.36 -37.94 -10.73
N TYR F 257 9.46 -37.27 -10.38
CA TYR F 257 10.26 -36.49 -11.31
C TYR F 257 11.55 -37.22 -11.65
N GLN F 258 11.61 -37.71 -12.88
CA GLN F 258 12.75 -38.48 -13.36
C GLN F 258 13.68 -37.64 -14.21
N LEU F 259 14.98 -37.79 -13.95
CA LEU F 259 16.01 -37.19 -14.80
C LEU F 259 16.78 -38.28 -15.51
N HIS F 260 16.92 -38.15 -16.84
CA HIS F 260 17.73 -39.08 -17.61
C HIS F 260 18.60 -38.36 -18.64
N TRP F 261 19.75 -38.97 -18.94
CA TRP F 261 20.76 -38.40 -19.83
C TRP F 261 20.59 -38.91 -21.26
N THR F 262 20.64 -37.98 -22.22
CA THR F 262 20.40 -38.30 -23.63
C THR F 262 21.67 -38.14 -24.47
N SER F 263 22.82 -38.32 -23.82
CA SER F 263 24.14 -38.28 -24.45
C SER F 263 24.60 -36.88 -24.87
N THR F 264 23.72 -35.89 -24.78
CA THR F 264 24.08 -34.51 -25.11
C THR F 264 23.67 -33.55 -24.00
N ASN F 265 22.56 -33.87 -23.33
CA ASN F 265 22.03 -33.02 -22.28
C ASN F 265 21.12 -33.82 -21.36
N TRP F 266 20.54 -33.13 -20.37
CA TRP F 266 19.62 -33.77 -19.43
C TRP F 266 18.19 -33.59 -19.90
N LYS F 267 17.36 -34.61 -19.68
CA LYS F 267 15.92 -34.46 -19.89
C LYS F 267 15.14 -34.95 -18.69
N GLY F 268 14.14 -34.17 -18.30
CA GLY F 268 13.31 -34.48 -17.15
C GLY F 268 11.90 -34.87 -17.56
N THR F 269 11.32 -35.82 -16.84
CA THR F 269 9.94 -36.22 -17.06
C THR F 269 9.19 -36.37 -15.74
N ASN F 270 7.95 -35.89 -15.70
CA ASN F 270 7.17 -35.86 -14.46
C ASN F 270 5.89 -36.66 -14.59
N THR F 271 5.76 -37.71 -13.78
CA THR F 271 4.52 -38.48 -13.73
C THR F 271 3.74 -38.13 -12.46
N LYS F 272 2.47 -37.83 -12.68
CA LYS F 272 1.58 -37.33 -11.64
C LYS F 272 1.07 -38.41 -10.71
N ASP F 273 0.92 -38.06 -9.44
CA ASP F 273 0.19 -38.87 -8.47
C ASP F 273 0.67 -40.32 -8.43
N LYS F 274 1.97 -40.52 -8.37
CA LYS F 274 2.53 -41.87 -8.36
C LYS F 274 2.29 -42.55 -7.02
N TRP F 275 2.54 -41.82 -5.93
CA TRP F 275 2.33 -42.38 -4.59
C TRP F 275 1.35 -41.54 -3.78
N THR F 276 0.69 -42.22 -2.82
CA THR F 276 -0.25 -41.57 -1.92
C THR F 276 -0.12 -42.12 -0.51
N ASP F 277 0.21 -41.23 0.42
CA ASP F 277 0.29 -41.55 1.83
C ASP F 277 -0.95 -41.06 2.55
N ARG F 278 -1.71 -41.99 3.12
CA ARG F 278 -2.95 -41.68 3.82
C ARG F 278 -2.87 -42.06 5.30
N SER F 279 -3.03 -41.07 6.16
CA SER F 279 -3.08 -41.29 7.60
C SER F 279 -4.44 -40.88 8.13
N SER F 280 -5.21 -41.88 8.56
CA SER F 280 -6.58 -41.68 9.00
C SER F 280 -6.70 -41.96 10.49
N GLU F 281 -7.55 -41.21 11.18
CA GLU F 281 -7.77 -41.45 12.60
C GLU F 281 -9.17 -41.05 13.05
N ARG F 282 -9.70 -41.80 14.01
CA ARG F 282 -11.08 -41.61 14.47
C ARG F 282 -11.16 -40.97 15.85
N TYR F 283 -11.98 -39.93 15.96
CA TYR F 283 -12.22 -39.25 17.23
C TYR F 283 -13.65 -39.43 17.69
N LYS F 284 -13.82 -39.47 19.01
CA LYS F 284 -15.12 -39.54 19.66
C LYS F 284 -15.48 -38.18 20.24
N ILE F 285 -16.66 -37.68 19.86
CA ILE F 285 -17.18 -36.40 20.34
C ILE F 285 -18.28 -36.64 21.35
N ASP F 286 -18.06 -36.18 22.58
CA ASP F 286 -19.10 -36.23 23.60
C ASP F 286 -19.61 -34.82 23.88
N TRP F 287 -20.86 -34.60 23.47
CA TRP F 287 -21.52 -33.30 23.56
C TRP F 287 -22.02 -33.00 24.97
N GLU F 288 -22.33 -34.03 25.74
CA GLU F 288 -22.79 -33.84 27.12
C GLU F 288 -21.61 -33.48 28.03
N LYS F 289 -20.57 -34.30 27.98
CA LYS F 289 -19.35 -34.04 28.73
C LYS F 289 -18.56 -32.89 28.13
N GLU F 290 -18.92 -32.53 26.90
CA GLU F 290 -18.17 -31.53 26.15
C GLU F 290 -16.69 -31.89 26.13
N GLU F 291 -16.39 -33.04 25.50
CA GLU F 291 -14.99 -33.41 25.31
C GLU F 291 -14.83 -34.33 24.11
N MET F 292 -13.65 -34.24 23.50
CA MET F 292 -13.33 -34.95 22.28
C MET F 292 -12.10 -35.82 22.53
N THR F 293 -12.20 -37.11 22.25
CA THR F 293 -11.14 -38.05 22.63
C THR F 293 -10.77 -39.04 21.54
N ASN F 294 -9.68 -39.76 21.78
CA ASN F 294 -9.21 -40.80 20.88
C ASN F 294 -8.73 -42.01 21.68
N ALA G 2 -19.51 7.46 8.18
CA ALA G 2 -19.48 7.12 9.64
C ALA G 2 -20.08 8.26 10.45
N ASP G 3 -20.31 8.03 11.73
CA ASP G 3 -20.96 9.01 12.59
C ASP G 3 -20.07 10.22 12.84
N SER G 4 -18.78 9.98 13.05
CA SER G 4 -17.84 11.07 13.32
C SER G 4 -17.78 12.06 12.16
N ASP G 5 -18.21 11.64 10.98
CA ASP G 5 -18.25 12.51 9.81
C ASP G 5 -19.34 13.56 9.93
N ILE G 6 -20.32 13.30 10.78
CA ILE G 6 -21.42 14.24 11.00
C ILE G 6 -21.50 14.66 12.47
N ASN G 7 -20.33 14.71 13.10
CA ASN G 7 -20.16 15.25 14.45
C ASN G 7 -20.92 14.48 15.53
N ILE G 8 -21.07 13.17 15.35
CA ILE G 8 -21.75 12.33 16.32
C ILE G 8 -20.86 11.18 16.79
N LYS G 9 -20.96 10.85 18.07
CA LYS G 9 -20.21 9.76 18.67
C LYS G 9 -20.46 8.47 17.91
N THR G 10 -19.40 7.76 17.54
CA THR G 10 -19.52 6.58 16.68
C THR G 10 -20.26 5.44 17.38
N GLY G 11 -21.16 4.80 16.64
CA GLY G 11 -21.94 3.69 17.16
C GLY G 11 -23.18 4.15 17.89
N THR G 12 -23.39 5.47 17.93
CA THR G 12 -24.54 6.05 18.60
C THR G 12 -25.84 5.81 17.83
N THR G 13 -25.79 6.03 16.52
CA THR G 13 -26.98 6.00 15.67
C THR G 13 -27.37 4.59 15.20
N ASP G 14 -26.57 3.58 15.53
CA ASP G 14 -26.85 2.21 15.11
C ASP G 14 -27.77 1.49 16.09
N ILE G 15 -28.24 0.31 15.67
CA ILE G 15 -29.11 -0.53 16.50
C ILE G 15 -28.30 -1.43 17.41
N GLY G 16 -28.19 -1.07 18.68
CA GLY G 16 -27.48 -1.89 19.64
C GLY G 16 -27.60 -1.40 21.07
N SER G 17 -27.63 -0.08 21.24
CA SER G 17 -27.71 0.54 22.56
C SER G 17 -28.97 0.10 23.32
N THR G 19 -31.54 -5.21 25.00
CA THR G 19 -31.21 -5.80 23.71
C THR G 19 -30.35 -7.05 23.87
N THR G 20 -31.00 -8.22 23.80
CA THR G 20 -30.28 -9.48 23.71
C THR G 20 -30.77 -10.19 22.46
N VAL G 21 -29.83 -10.82 21.76
CA VAL G 21 -30.09 -11.37 20.43
C VAL G 21 -30.24 -12.86 20.46
N LYS G 22 -31.14 -13.39 19.63
CA LYS G 22 -31.35 -14.84 19.56
C LYS G 22 -30.91 -15.36 18.21
N THR G 23 -29.86 -16.18 18.20
CA THR G 23 -29.24 -16.61 16.96
C THR G 23 -29.47 -18.08 16.66
N GLY G 24 -29.25 -18.49 15.42
CA GLY G 24 -29.35 -19.91 15.09
C GLY G 24 -28.75 -20.34 13.76
N ASP G 25 -28.56 -21.64 13.62
CA ASP G 25 -28.02 -22.27 12.42
C ASP G 25 -28.98 -23.31 11.85
N LEU G 26 -29.26 -23.23 10.55
CA LEU G 26 -29.99 -24.29 9.85
C LEU G 26 -29.16 -24.81 8.68
N VAL G 27 -28.85 -26.11 8.69
CA VAL G 27 -28.05 -26.72 7.65
C VAL G 27 -28.84 -27.76 6.88
N THR G 28 -28.76 -27.67 5.55
CA THR G 28 -29.36 -28.65 4.66
C THR G 28 -28.38 -28.94 3.54
N TYR G 29 -28.28 -30.21 3.14
CA TYR G 29 -27.47 -30.59 1.99
C TYR G 29 -28.33 -31.18 0.88
N ASP G 30 -28.33 -30.52 -0.28
CA ASP G 30 -29.00 -31.04 -1.46
C ASP G 30 -28.02 -31.92 -2.24
N LYS G 31 -28.25 -33.22 -2.19
CA LYS G 31 -27.35 -34.22 -2.73
C LYS G 31 -27.38 -34.23 -4.25
N GLU G 32 -28.57 -34.29 -4.82
CA GLU G 32 -28.73 -34.35 -6.27
C GLU G 32 -28.19 -33.09 -6.93
N ASN G 33 -28.37 -31.95 -6.28
CA ASN G 33 -27.88 -30.68 -6.81
C ASN G 33 -26.51 -30.29 -6.26
N GLY G 34 -25.98 -31.10 -5.35
CA GLY G 34 -24.66 -30.86 -4.79
C GLY G 34 -24.52 -29.47 -4.20
N MET G 35 -25.36 -29.18 -3.21
CA MET G 35 -25.34 -27.87 -2.55
C MET G 35 -25.39 -27.99 -1.03
N HIS G 36 -24.37 -27.46 -0.38
CA HIS G 36 -24.37 -27.31 1.07
C HIS G 36 -24.95 -25.96 1.41
N LYS G 37 -26.12 -25.96 2.04
CA LYS G 37 -26.83 -24.74 2.36
C LYS G 37 -26.91 -24.53 3.87
N LYS G 38 -26.26 -23.48 4.34
CA LYS G 38 -26.33 -23.08 5.74
C LYS G 38 -26.96 -21.70 5.86
N VAL G 39 -27.90 -21.58 6.79
CA VAL G 39 -28.50 -20.31 7.15
C VAL G 39 -28.14 -19.98 8.58
N PHE G 40 -27.45 -18.86 8.78
CA PHE G 40 -27.20 -18.35 10.12
C PHE G 40 -28.10 -17.15 10.34
N TYR G 41 -28.94 -17.19 11.37
CA TYR G 41 -29.88 -16.08 11.59
C TYR G 41 -29.73 -15.46 12.97
N SER G 42 -30.05 -14.16 13.04
CA SER G 42 -30.07 -13.42 14.30
C SER G 42 -31.34 -12.59 14.46
N PHE G 43 -32.08 -12.86 15.52
CA PHE G 43 -33.21 -12.03 15.94
C PHE G 43 -32.71 -10.92 16.85
N ILE G 44 -32.88 -9.68 16.37
CA ILE G 44 -32.54 -8.46 17.11
C ILE G 44 -33.81 -7.68 17.41
N ASP G 45 -34.09 -7.51 18.70
CA ASP G 45 -35.27 -6.79 19.15
C ASP G 45 -34.87 -5.61 20.04
N ASP G 46 -34.52 -4.50 19.41
CA ASP G 46 -34.16 -3.28 20.11
C ASP G 46 -35.41 -2.45 20.37
N LYS G 47 -35.75 -2.28 21.64
CA LYS G 47 -36.99 -1.59 22.02
C LYS G 47 -37.01 -0.15 21.54
N ASN G 48 -35.83 0.45 21.41
CA ASN G 48 -35.71 1.80 20.90
C ASN G 48 -35.76 1.85 19.37
N HIS G 49 -35.94 0.67 18.75
CA HIS G 49 -36.11 0.58 17.31
C HIS G 49 -37.56 0.26 16.95
N ASN G 50 -38.09 0.93 15.94
CA ASN G 50 -39.53 0.89 15.65
C ASN G 50 -39.99 -0.43 15.05
N LYS G 51 -39.05 -1.34 14.77
CA LYS G 51 -39.38 -2.62 14.18
C LYS G 51 -38.46 -3.73 14.69
N LYS G 52 -38.96 -4.96 14.68
CA LYS G 52 -38.13 -6.12 14.99
C LYS G 52 -37.24 -6.43 13.80
N LEU G 53 -36.02 -6.89 14.08
CA LEU G 53 -35.06 -7.20 13.03
C LEU G 53 -34.66 -8.67 13.00
N LEU G 54 -34.59 -9.21 11.79
CA LEU G 54 -33.99 -10.52 11.57
C LEU G 54 -32.89 -10.41 10.53
N VAL G 55 -31.69 -10.80 10.92
CA VAL G 55 -30.55 -10.87 10.00
C VAL G 55 -30.37 -12.31 9.56
N ILE G 56 -30.52 -12.54 8.26
CA ILE G 56 -30.33 -13.86 7.65
C ILE G 56 -29.05 -13.87 6.81
N ARG G 57 -28.07 -14.64 7.27
CA ARG G 57 -26.83 -14.84 6.55
C ARG G 57 -26.84 -16.18 5.83
N THR G 58 -26.78 -16.13 4.50
CA THR G 58 -26.83 -17.33 3.68
C THR G 58 -25.41 -17.72 3.28
N LYS G 59 -24.97 -18.86 3.79
CA LYS G 59 -23.61 -19.33 3.56
C LYS G 59 -23.61 -20.71 2.91
N GLY G 60 -22.68 -21.57 3.31
CA GLY G 60 -22.56 -22.88 2.71
C GLY G 60 -21.69 -22.83 1.45
N THR G 61 -21.84 -23.81 0.57
CA THR G 61 -21.05 -23.87 -0.65
C THR G 61 -21.80 -24.53 -1.81
N ILE G 62 -21.81 -23.85 -2.94
CA ILE G 62 -22.33 -24.43 -4.19
C ILE G 62 -21.18 -25.03 -4.99
N ALA G 63 -21.17 -26.35 -5.13
CA ALA G 63 -20.11 -27.05 -5.84
C ALA G 63 -20.05 -26.59 -7.29
N GLY G 64 -18.85 -26.53 -7.84
CA GLY G 64 -18.65 -26.08 -9.21
C GLY G 64 -19.11 -27.11 -10.22
N GLN G 65 -18.74 -28.36 -10.00
CA GLN G 65 -19.14 -29.48 -10.85
C GLN G 65 -18.69 -29.27 -12.30
N TYR G 66 -17.47 -28.74 -12.44
CA TYR G 66 -16.76 -28.66 -13.72
C TYR G 66 -16.44 -30.07 -14.19
N ARG G 67 -17.17 -30.57 -15.17
CA ARG G 67 -16.99 -31.98 -15.57
C ARG G 67 -17.29 -32.29 -17.03
N VAL G 68 -16.47 -33.17 -17.59
CA VAL G 68 -16.65 -33.70 -18.93
C VAL G 68 -17.76 -34.73 -18.91
N TYR G 69 -18.87 -34.43 -19.61
CA TYR G 69 -20.10 -35.16 -19.38
C TYR G 69 -20.45 -36.16 -20.48
N SER G 70 -20.02 -35.88 -21.70
CA SER G 70 -20.27 -36.76 -22.83
C SER G 70 -19.07 -36.87 -23.75
N GLU G 71 -18.97 -38.01 -24.42
CA GLU G 71 -17.82 -38.32 -25.26
C GLU G 71 -18.28 -38.95 -26.56
N GLU G 72 -18.29 -38.15 -27.63
CA GLU G 72 -18.69 -38.66 -28.93
C GLU G 72 -17.47 -39.01 -29.77
N GLY G 73 -16.84 -40.13 -29.44
CA GLY G 73 -15.68 -40.61 -30.17
C GLY G 73 -14.40 -40.06 -29.56
N ALA G 74 -13.50 -39.60 -30.42
CA ALA G 74 -12.26 -38.97 -29.99
C ALA G 74 -12.07 -37.63 -30.70
N ASN G 75 -13.07 -37.26 -31.51
CA ASN G 75 -13.06 -36.00 -32.25
C ASN G 75 -13.89 -34.92 -31.59
N LYS G 76 -14.83 -35.34 -30.72
CA LYS G 76 -15.79 -34.42 -30.14
C LYS G 76 -16.06 -34.75 -28.67
N SER G 77 -16.01 -33.74 -27.81
CA SER G 77 -16.37 -33.94 -26.40
C SER G 77 -16.93 -32.69 -25.73
N GLY G 78 -17.71 -32.91 -24.67
CA GLY G 78 -18.44 -31.85 -23.99
C GLY G 78 -18.18 -31.72 -22.51
N LEU G 79 -17.97 -30.47 -22.08
CA LEU G 79 -17.64 -30.12 -20.70
C LEU G 79 -18.69 -29.19 -20.11
N ALA G 80 -19.34 -29.62 -19.03
CA ALA G 80 -20.28 -28.77 -18.32
C ALA G 80 -19.55 -27.96 -17.25
N TRP G 81 -19.76 -26.64 -17.26
CA TRP G 81 -19.09 -25.78 -16.27
C TRP G 81 -20.00 -24.67 -15.72
N PRO G 82 -19.78 -24.27 -14.45
CA PRO G 82 -20.63 -23.26 -13.80
C PRO G 82 -20.32 -21.83 -14.24
N SER G 83 -21.29 -21.18 -14.87
CA SER G 83 -21.14 -19.80 -15.33
C SER G 83 -21.80 -18.79 -14.39
N ALA G 84 -22.64 -19.28 -13.49
CA ALA G 84 -23.28 -18.42 -12.52
C ALA G 84 -23.71 -19.19 -11.27
N PHE G 85 -23.37 -18.64 -10.11
CA PHE G 85 -23.93 -19.08 -8.85
C PHE G 85 -24.93 -18.01 -8.43
N LYS G 86 -26.06 -18.42 -7.88
CA LYS G 86 -27.06 -17.45 -7.44
C LYS G 86 -27.65 -17.84 -6.10
N VAL G 87 -27.92 -16.83 -5.28
CA VAL G 87 -28.60 -17.02 -4.01
C VAL G 87 -29.73 -16.01 -3.89
N GLN G 88 -30.92 -16.48 -3.56
CA GLN G 88 -32.10 -15.62 -3.58
C GLN G 88 -33.01 -15.86 -2.38
N LEU G 89 -33.50 -14.77 -1.80
CA LEU G 89 -34.46 -14.81 -0.71
C LEU G 89 -35.74 -14.12 -1.14
N GLN G 90 -36.88 -14.74 -0.84
CA GLN G 90 -38.17 -14.24 -1.30
C GLN G 90 -39.27 -14.45 -0.27
N LEU G 91 -39.90 -13.35 0.13
CA LEU G 91 -41.08 -13.36 1.00
C LEU G 91 -42.32 -13.42 0.14
N PRO G 92 -43.31 -14.23 0.52
CA PRO G 92 -44.58 -14.11 -0.19
C PRO G 92 -45.17 -12.71 -0.06
N ASP G 93 -45.86 -12.23 -1.09
CA ASP G 93 -46.39 -10.88 -1.10
C ASP G 93 -47.38 -10.64 0.03
N ASN G 94 -48.03 -11.72 0.48
CA ASN G 94 -49.05 -11.60 1.52
C ASN G 94 -48.41 -11.37 2.89
N GLU G 95 -47.09 -11.48 2.95
CA GLU G 95 -46.37 -11.27 4.20
C GLU G 95 -46.32 -9.79 4.54
N VAL G 96 -46.35 -9.50 5.84
CA VAL G 96 -46.31 -8.14 6.33
C VAL G 96 -44.86 -7.70 6.54
N ALA G 97 -43.99 -8.66 6.85
CA ALA G 97 -42.57 -8.38 7.01
C ALA G 97 -41.96 -7.89 5.70
N GLN G 98 -40.94 -7.05 5.81
CA GLN G 98 -40.33 -6.41 4.65
C GLN G 98 -38.83 -6.65 4.58
N ILE G 99 -38.31 -6.71 3.36
CA ILE G 99 -36.87 -6.73 3.15
C ILE G 99 -36.35 -5.31 3.29
N SER G 100 -35.51 -5.11 4.28
CA SER G 100 -35.06 -3.79 4.68
C SER G 100 -33.65 -3.50 4.17
N ASP G 101 -32.73 -4.45 4.33
CA ASP G 101 -31.39 -4.22 3.80
C ASP G 101 -30.67 -5.50 3.36
N TYR G 102 -29.49 -5.32 2.76
CA TYR G 102 -28.75 -6.43 2.16
C TYR G 102 -27.28 -6.11 1.96
N TYR G 103 -26.43 -7.14 2.05
CA TYR G 103 -25.00 -6.99 1.82
C TYR G 103 -24.42 -8.25 1.17
N PRO G 104 -23.53 -8.10 0.16
CA PRO G 104 -22.99 -6.85 -0.39
C PRO G 104 -23.89 -6.21 -1.44
N ARG G 105 -23.52 -4.99 -1.85
CA ARG G 105 -24.24 -4.30 -2.91
C ARG G 105 -23.32 -4.12 -4.12
N ASN G 106 -23.81 -3.43 -5.14
CA ASN G 106 -23.01 -3.17 -6.32
C ASN G 106 -22.09 -1.97 -6.14
N SER G 107 -20.80 -2.21 -6.33
CA SER G 107 -19.79 -1.16 -6.17
C SER G 107 -19.43 -0.56 -7.53
N ILE G 108 -19.08 0.71 -7.52
CA ILE G 108 -18.70 1.43 -8.74
C ILE G 108 -17.27 1.11 -9.12
N ASP G 109 -17.09 0.48 -10.28
CA ASP G 109 -15.75 0.15 -10.76
C ASP G 109 -14.98 1.40 -11.14
N THR G 110 -13.67 1.30 -11.10
CA THR G 110 -12.80 2.40 -11.52
C THR G 110 -11.79 1.91 -12.55
N LYS G 111 -11.19 2.84 -13.27
CA LYS G 111 -10.17 2.51 -14.23
C LYS G 111 -9.12 3.61 -14.26
N GLU G 112 -7.88 3.20 -14.51
CA GLU G 112 -6.75 4.09 -14.54
C GLU G 112 -6.42 4.46 -15.98
N TYR G 113 -6.41 5.76 -16.26
CA TYR G 113 -6.17 6.27 -17.59
C TYR G 113 -4.84 7.01 -17.64
N MET G 114 -4.14 6.89 -18.76
CA MET G 114 -2.89 7.62 -18.95
C MET G 114 -2.78 8.20 -20.34
N SER G 115 -2.32 9.46 -20.41
CA SER G 115 -1.98 10.11 -21.66
C SER G 115 -0.50 10.49 -21.65
N THR G 116 0.20 10.19 -22.74
CA THR G 116 1.62 10.50 -22.85
C THR G 116 1.92 11.27 -24.12
N LEU G 117 2.72 12.32 -23.98
CA LEU G 117 3.14 13.15 -25.11
C LEU G 117 4.65 13.26 -25.08
N THR G 118 5.30 12.71 -26.10
CA THR G 118 6.75 12.72 -26.18
C THR G 118 7.21 13.36 -27.49
N TYR G 119 8.26 14.16 -27.41
CA TYR G 119 8.88 14.71 -28.61
C TYR G 119 10.38 14.85 -28.41
N GLY G 120 11.13 14.58 -29.48
CA GLY G 120 12.57 14.54 -29.38
C GLY G 120 13.27 14.96 -30.65
N PHE G 121 14.58 15.15 -30.54
CA PHE G 121 15.41 15.53 -31.67
C PHE G 121 16.69 14.70 -31.64
N ASN G 122 17.26 14.48 -32.81
CA ASN G 122 18.55 13.81 -32.90
C ASN G 122 19.36 14.40 -34.05
N GLY G 123 20.66 14.57 -33.80
CA GLY G 123 21.58 15.02 -34.82
C GLY G 123 22.56 13.92 -35.08
N ASN G 124 23.14 13.89 -36.28
CA ASN G 124 24.13 12.86 -36.57
C ASN G 124 25.11 13.20 -37.68
N VAL G 125 26.38 12.89 -37.45
CA VAL G 125 27.44 13.05 -38.43
C VAL G 125 28.11 11.71 -38.71
N THR G 126 28.24 11.38 -40.00
CA THR G 126 28.88 10.14 -40.44
C THR G 126 30.05 10.46 -41.36
N GLY G 127 30.93 9.49 -41.58
CA GLY G 127 32.14 9.73 -42.36
C GLY G 127 32.79 8.46 -42.89
N ASP G 128 33.86 8.65 -43.66
CA ASP G 128 34.51 7.56 -44.39
C ASP G 128 36.00 7.84 -44.54
N ASP G 129 36.76 6.86 -45.03
CA ASP G 129 38.19 7.03 -45.26
C ASP G 129 38.48 7.71 -46.61
N THR G 130 37.46 7.79 -47.46
CA THR G 130 37.59 8.47 -48.75
C THR G 130 37.32 9.97 -48.59
N GLY G 131 37.47 10.47 -47.36
CA GLY G 131 37.20 11.87 -47.08
C GLY G 131 35.73 12.21 -47.15
N LYS G 132 34.89 11.19 -47.28
CA LYS G 132 33.46 11.38 -47.40
C LYS G 132 32.86 11.80 -46.06
N ILE G 133 31.91 12.73 -46.10
CA ILE G 133 31.26 13.26 -44.91
C ILE G 133 29.75 13.31 -45.11
N GLY G 134 29.02 12.78 -44.13
CA GLY G 134 27.57 12.76 -44.19
C GLY G 134 26.96 13.29 -42.91
N GLY G 135 25.68 13.65 -42.97
CA GLY G 135 24.99 14.17 -41.81
C GLY G 135 23.49 14.00 -41.90
N LEU G 136 22.85 13.96 -40.74
CA LEU G 136 21.39 13.95 -40.69
C LEU G 136 20.87 14.60 -39.40
N ILE G 137 19.78 15.32 -39.54
CA ILE G 137 19.09 15.99 -38.45
C ILE G 137 17.64 15.55 -38.44
N GLY G 138 17.23 14.85 -37.38
CA GLY G 138 15.88 14.30 -37.27
C GLY G 138 15.13 14.80 -36.06
N ALA G 139 13.81 14.78 -36.16
CA ALA G 139 12.92 15.21 -35.09
C ALA G 139 11.77 14.20 -34.96
N ASN G 140 11.17 14.13 -33.79
CA ASN G 140 10.15 13.13 -33.52
C ASN G 140 9.09 13.61 -32.56
N VAL G 141 7.86 13.15 -32.80
CA VAL G 141 6.72 13.35 -31.92
C VAL G 141 5.94 12.05 -31.83
N SER G 142 5.48 11.71 -30.63
CA SER G 142 4.67 10.52 -30.43
C SER G 142 3.72 10.70 -29.25
N ILE G 143 2.48 10.27 -29.43
CA ILE G 143 1.42 10.49 -28.45
C ILE G 143 0.76 9.15 -28.12
N GLY G 144 0.73 8.80 -26.85
CA GLY G 144 0.27 7.49 -26.41
C GLY G 144 -0.86 7.56 -25.41
N HIS G 145 -1.72 6.54 -25.42
CA HIS G 145 -2.79 6.43 -24.44
C HIS G 145 -2.81 5.04 -23.82
N THR G 146 -2.84 4.98 -22.49
CA THR G 146 -2.88 3.70 -21.78
C THR G 146 -4.11 3.60 -20.88
N LEU G 147 -4.75 2.44 -20.92
CA LEU G 147 -5.89 2.13 -20.08
C LEU G 147 -5.54 0.94 -19.18
N LYS G 148 -5.83 1.05 -17.89
CA LYS G 148 -5.46 0.02 -16.93
C LYS G 148 -6.60 -0.24 -15.96
N TYR G 149 -6.90 -1.51 -15.68
CA TYR G 149 -8.00 -1.84 -14.76
C TYR G 149 -7.94 -3.29 -14.29
N VAL G 150 -8.59 -3.55 -13.16
CA VAL G 150 -8.60 -4.86 -12.53
C VAL G 150 -9.93 -5.55 -12.73
N GLN G 151 -9.90 -6.83 -13.10
CA GLN G 151 -11.12 -7.62 -13.27
C GLN G 151 -11.02 -8.98 -12.58
N PRO G 152 -12.07 -9.34 -11.80
CA PRO G 152 -12.09 -10.65 -11.16
C PRO G 152 -12.49 -11.78 -12.12
N ASP G 153 -12.14 -13.01 -11.77
CA ASP G 153 -12.59 -14.17 -12.52
C ASP G 153 -14.10 -14.27 -12.52
N PHE G 154 -14.71 -13.90 -11.38
CA PHE G 154 -16.17 -13.89 -11.23
C PHE G 154 -16.66 -12.55 -10.70
N LYS G 155 -17.79 -12.09 -11.19
CA LYS G 155 -18.42 -10.86 -10.73
C LYS G 155 -19.50 -11.14 -9.69
N THR G 156 -19.48 -10.40 -8.59
CA THR G 156 -20.53 -10.50 -7.57
C THR G 156 -21.51 -9.35 -7.71
N ILE G 157 -22.76 -9.67 -8.03
CA ILE G 157 -23.78 -8.65 -8.28
C ILE G 157 -25.03 -8.83 -7.43
N LEU G 158 -25.45 -7.73 -6.80
CA LEU G 158 -26.72 -7.66 -6.09
C LEU G 158 -27.84 -7.38 -7.08
N GLU G 159 -28.79 -8.30 -7.19
CA GLU G 159 -29.90 -8.14 -8.11
C GLU G 159 -30.89 -7.11 -7.58
N SER G 160 -31.55 -6.41 -8.49
CA SER G 160 -32.51 -5.38 -8.12
C SER G 160 -33.53 -5.88 -7.11
N PRO G 161 -33.43 -5.43 -5.84
CA PRO G 161 -34.32 -5.96 -4.81
C PRO G 161 -35.65 -5.22 -4.72
N THR G 162 -36.63 -5.88 -4.11
CA THR G 162 -37.91 -5.27 -3.78
C THR G 162 -38.04 -5.30 -2.26
N ASP G 163 -39.23 -5.04 -1.74
CA ASP G 163 -39.44 -5.15 -0.30
C ASP G 163 -39.90 -6.56 0.05
N LYS G 164 -39.86 -7.47 -0.93
CA LYS G 164 -40.25 -8.86 -0.70
C LYS G 164 -39.22 -9.86 -1.22
N LYS G 165 -38.41 -9.49 -2.21
CA LYS G 165 -37.40 -10.41 -2.72
C LYS G 165 -36.06 -9.76 -3.04
N VAL G 166 -34.99 -10.50 -2.73
CA VAL G 166 -33.62 -10.05 -2.93
C VAL G 166 -32.79 -11.23 -3.41
N GLY G 167 -31.66 -10.95 -4.06
CA GLY G 167 -30.78 -12.01 -4.50
C GLY G 167 -29.45 -11.52 -5.03
N TRP G 168 -28.46 -12.41 -4.97
CA TRP G 168 -27.15 -12.15 -5.54
C TRP G 168 -26.84 -13.16 -6.61
N LYS G 169 -26.03 -12.74 -7.57
CA LYS G 169 -25.46 -13.67 -8.54
C LYS G 169 -23.95 -13.44 -8.67
N VAL G 170 -23.21 -14.54 -8.59
CA VAL G 170 -21.79 -14.56 -8.87
C VAL G 170 -21.56 -15.17 -10.25
N ILE G 171 -21.23 -14.33 -11.23
CA ILE G 171 -21.18 -14.75 -12.63
C ILE G 171 -19.75 -14.86 -13.14
N PHE G 172 -19.52 -15.74 -14.10
CA PHE G 172 -18.22 -15.86 -14.75
C PHE G 172 -17.97 -14.64 -15.62
N ASN G 173 -16.78 -14.05 -15.47
CA ASN G 173 -16.41 -12.86 -16.24
C ASN G 173 -15.45 -13.26 -17.34
N ASN G 174 -14.18 -13.42 -17.00
CA ASN G 174 -13.18 -13.94 -17.92
C ASN G 174 -12.09 -14.65 -17.12
N MET G 175 -11.23 -15.40 -17.80
CA MET G 175 -10.21 -16.19 -17.12
C MET G 175 -8.98 -16.36 -17.98
N VAL G 176 -7.83 -16.40 -17.31
CA VAL G 176 -6.55 -16.66 -17.98
C VAL G 176 -6.41 -18.15 -18.23
N ASN G 177 -5.97 -18.52 -19.43
CA ASN G 177 -5.72 -19.91 -19.79
C ASN G 177 -4.25 -20.14 -20.11
N GLN G 178 -3.48 -20.55 -19.11
CA GLN G 178 -2.07 -20.85 -19.28
C GLN G 178 -1.32 -19.67 -19.88
N ASN G 179 -1.35 -18.55 -19.16
CA ASN G 179 -0.68 -17.31 -19.58
C ASN G 179 -1.22 -16.72 -20.88
N ALA G 180 -2.35 -17.23 -21.35
CA ALA G 180 -3.01 -16.69 -22.55
C ALA G 180 -4.36 -16.08 -22.19
N GLY G 181 -4.95 -15.35 -23.13
CA GLY G 181 -6.26 -14.75 -22.91
C GLY G 181 -6.16 -13.36 -22.30
N PRO G 182 -7.05 -13.03 -21.36
CA PRO G 182 -8.11 -13.88 -20.82
C PRO G 182 -9.22 -14.16 -21.82
N TYR G 183 -9.92 -15.26 -21.62
CA TYR G 183 -11.04 -15.65 -22.48
C TYR G 183 -12.34 -15.57 -21.70
N ASP G 184 -13.44 -15.40 -22.42
CA ASP G 184 -14.77 -15.39 -21.80
C ASP G 184 -15.75 -16.21 -22.65
N ARG G 185 -17.04 -16.11 -22.30
CA ARG G 185 -18.05 -16.94 -22.93
C ARG G 185 -18.31 -16.55 -24.38
N ASP G 186 -17.82 -15.37 -24.78
CA ASP G 186 -18.09 -14.83 -26.11
C ASP G 186 -16.81 -14.68 -26.94
N SER G 187 -15.69 -15.14 -26.40
CA SER G 187 -14.43 -15.14 -27.12
C SER G 187 -14.56 -15.97 -28.38
N TRP G 188 -14.06 -15.46 -29.51
CA TRP G 188 -14.07 -16.21 -30.75
C TRP G 188 -12.86 -15.96 -31.62
N ASN G 189 -12.32 -17.06 -32.12
CA ASN G 189 -11.20 -17.07 -33.05
C ASN G 189 -11.63 -17.86 -34.29
N PRO G 190 -11.37 -17.34 -35.50
CA PRO G 190 -11.83 -18.03 -36.70
C PRO G 190 -11.26 -19.44 -36.83
N VAL G 191 -10.04 -19.62 -36.35
CA VAL G 191 -9.34 -20.90 -36.44
C VAL G 191 -9.68 -21.81 -35.26
N TYR G 192 -9.66 -21.23 -34.04
CA TYR G 192 -9.70 -22.01 -32.81
C TYR G 192 -11.02 -21.90 -32.06
N GLY G 193 -11.89 -21.00 -32.50
CA GLY G 193 -13.15 -20.77 -31.81
C GLY G 193 -12.91 -20.19 -30.43
N ASN G 194 -13.59 -20.73 -29.43
CA ASN G 194 -13.39 -20.30 -28.05
C ASN G 194 -12.33 -21.16 -27.37
N GLN G 195 -11.20 -20.54 -27.04
CA GLN G 195 -10.04 -21.25 -26.49
C GLN G 195 -10.06 -21.27 -24.96
N LEU G 196 -11.21 -20.99 -24.39
CA LEU G 196 -11.36 -20.80 -22.94
C LEU G 196 -10.83 -21.98 -22.10
N PHE G 197 -11.33 -23.18 -22.38
CA PHE G 197 -10.97 -24.36 -21.60
C PHE G 197 -10.26 -25.44 -22.41
N MET G 198 -9.71 -25.09 -23.57
CA MET G 198 -8.93 -26.05 -24.34
C MET G 198 -7.48 -26.07 -23.84
N LYS G 199 -6.94 -27.28 -23.66
CA LYS G 199 -5.61 -27.48 -23.12
C LYS G 199 -4.54 -27.16 -24.17
N THR G 200 -4.64 -27.83 -25.32
CA THR G 200 -3.71 -27.62 -26.43
C THR G 200 -4.44 -27.24 -27.70
N ALA G 201 -3.76 -26.48 -28.56
CA ALA G 201 -4.33 -26.04 -29.83
C ALA G 201 -4.33 -27.18 -30.84
N ASN G 202 -3.23 -27.92 -30.90
CA ASN G 202 -3.10 -29.05 -31.81
C ASN G 202 -2.21 -30.14 -31.21
N GLY G 203 -2.84 -31.25 -30.84
CA GLY G 203 -2.12 -32.40 -30.31
C GLY G 203 -2.79 -33.68 -30.78
N SER G 204 -2.37 -34.80 -30.21
CA SER G 204 -2.84 -36.12 -30.63
C SER G 204 -3.45 -36.88 -29.46
N MET G 205 -4.66 -36.48 -29.08
CA MET G 205 -5.40 -37.13 -28.02
C MET G 205 -6.89 -37.05 -28.30
N LYS G 206 -7.68 -37.66 -27.42
CA LYS G 206 -9.12 -37.54 -27.50
C LYS G 206 -9.50 -36.12 -27.12
N ALA G 207 -10.72 -35.71 -27.48
CA ALA G 207 -11.20 -34.38 -27.12
C ALA G 207 -11.29 -34.23 -25.60
N ALA G 208 -11.68 -35.30 -24.92
CA ALA G 208 -11.80 -35.31 -23.47
C ALA G 208 -10.45 -35.02 -22.80
N GLU G 209 -9.38 -35.48 -23.43
CA GLU G 209 -8.04 -35.28 -22.91
C GLU G 209 -7.62 -33.82 -22.98
N ASN G 210 -8.15 -33.09 -23.96
CA ASN G 210 -7.69 -31.75 -24.26
C ASN G 210 -8.40 -30.64 -23.48
N PHE G 211 -9.22 -31.00 -22.51
CA PHE G 211 -9.86 -30.02 -21.65
C PHE G 211 -8.90 -29.57 -20.55
N LEU G 212 -8.96 -28.28 -20.22
CA LEU G 212 -8.06 -27.70 -19.24
C LEU G 212 -8.22 -28.35 -17.87
N ASP G 213 -7.09 -28.68 -17.25
CA ASP G 213 -7.06 -29.24 -15.90
C ASP G 213 -7.67 -28.24 -14.93
N PRO G 214 -8.77 -28.60 -14.23
CA PRO G 214 -9.41 -27.64 -13.32
C PRO G 214 -8.44 -27.01 -12.33
N ASN G 215 -7.33 -27.69 -12.05
CA ASN G 215 -6.29 -27.17 -11.17
C ASN G 215 -5.63 -25.91 -11.75
N LYS G 216 -5.72 -25.75 -13.07
CA LYS G 216 -5.17 -24.59 -13.76
C LYS G 216 -6.26 -23.58 -14.11
N ALA G 217 -7.48 -23.88 -13.67
CA ALA G 217 -8.62 -22.98 -13.87
C ALA G 217 -9.07 -22.43 -12.52
N SER G 218 -10.01 -21.50 -12.54
CA SER G 218 -10.57 -20.95 -11.32
C SER G 218 -11.11 -22.07 -10.44
N SER G 219 -10.78 -22.01 -9.14
CA SER G 219 -11.16 -23.05 -8.21
C SER G 219 -12.66 -23.08 -8.00
N LEU G 220 -13.34 -21.98 -8.34
CA LEU G 220 -14.79 -21.94 -8.23
C LEU G 220 -15.46 -22.86 -9.24
N LEU G 221 -14.79 -23.08 -10.37
CA LEU G 221 -15.36 -23.85 -11.47
C LEU G 221 -15.57 -25.32 -11.08
N SER G 222 -14.64 -25.88 -10.32
CA SER G 222 -14.73 -27.28 -9.90
C SER G 222 -15.20 -27.42 -8.45
N SER G 223 -14.34 -27.04 -7.51
CA SER G 223 -14.62 -27.25 -6.09
C SER G 223 -15.80 -26.42 -5.60
N GLY G 224 -15.97 -25.22 -6.17
CA GLY G 224 -17.19 -24.46 -5.96
C GLY G 224 -17.04 -23.08 -5.32
N PHE G 225 -18.19 -22.48 -5.03
CA PHE G 225 -18.29 -21.13 -4.47
C PHE G 225 -19.01 -21.15 -3.12
N SER G 226 -18.46 -20.40 -2.17
CA SER G 226 -19.05 -20.29 -0.83
C SER G 226 -19.69 -18.91 -0.63
N PRO G 227 -21.04 -18.84 -0.72
CA PRO G 227 -21.70 -17.55 -0.52
C PRO G 227 -21.50 -17.00 0.90
N ASP G 228 -21.53 -15.68 1.01
CA ASP G 228 -21.53 -15.03 2.31
C ASP G 228 -22.30 -13.74 2.18
N PHE G 229 -23.62 -13.88 2.07
CA PHE G 229 -24.53 -12.75 1.87
C PHE G 229 -25.43 -12.58 3.07
N ALA G 230 -25.72 -11.33 3.41
CA ALA G 230 -26.58 -10.99 4.54
C ALA G 230 -27.81 -10.24 4.08
N THR G 231 -28.97 -10.66 4.61
CA THR G 231 -30.24 -10.03 4.32
C THR G 231 -30.89 -9.59 5.63
N VAL G 232 -31.43 -8.37 5.64
CA VAL G 232 -32.05 -7.79 6.83
C VAL G 232 -33.53 -7.51 6.63
N ILE G 233 -34.32 -8.22 7.42
CA ILE G 233 -35.77 -8.14 7.39
C ILE G 233 -36.33 -7.43 8.63
N THR G 234 -37.24 -6.48 8.38
CA THR G 234 -37.92 -5.72 9.44
C THR G 234 -39.35 -6.21 9.64
N MET G 235 -39.82 -6.22 10.88
CA MET G 235 -41.20 -6.62 11.17
C MET G 235 -41.87 -5.69 12.18
N ASP G 236 -43.07 -5.23 11.86
CA ASP G 236 -43.83 -4.38 12.76
C ASP G 236 -44.36 -5.18 13.94
N ARG G 237 -44.07 -4.73 15.14
CA ARG G 237 -44.46 -5.44 16.35
C ARG G 237 -45.97 -5.47 16.52
N LYS G 238 -46.64 -4.46 15.99
CA LYS G 238 -48.09 -4.34 16.16
C LYS G 238 -48.87 -5.17 15.14
N ALA G 239 -48.15 -5.89 14.28
CA ALA G 239 -48.80 -6.75 13.30
C ALA G 239 -49.57 -7.85 14.02
N SER G 240 -50.68 -8.28 13.43
CA SER G 240 -51.52 -9.30 14.04
C SER G 240 -50.82 -10.65 13.97
N LYS G 241 -50.36 -11.01 12.78
CA LYS G 241 -49.71 -12.30 12.54
C LYS G 241 -48.20 -12.17 12.69
N GLN G 242 -47.67 -12.66 13.81
CA GLN G 242 -46.23 -12.58 14.07
C GLN G 242 -45.49 -13.83 13.61
N GLN G 243 -45.94 -14.39 12.49
CA GLN G 243 -45.21 -15.46 11.80
C GLN G 243 -45.00 -15.09 10.35
N THR G 244 -43.83 -15.42 9.81
CA THR G 244 -43.51 -15.09 8.43
C THR G 244 -42.80 -16.24 7.74
N ASN G 245 -43.29 -16.64 6.58
CA ASN G 245 -42.60 -17.63 5.76
C ASN G 245 -41.55 -16.95 4.90
N ILE G 246 -40.41 -17.60 4.70
CA ILE G 246 -39.42 -17.07 3.78
C ILE G 246 -38.76 -18.17 2.95
N ASP G 247 -38.65 -17.93 1.65
CA ASP G 247 -38.04 -18.88 0.73
C ASP G 247 -36.59 -18.51 0.43
N VAL G 248 -35.70 -19.50 0.56
CA VAL G 248 -34.30 -19.32 0.24
C VAL G 248 -33.94 -20.28 -0.89
N ILE G 249 -33.31 -19.74 -1.94
CA ILE G 249 -32.96 -20.50 -3.12
C ILE G 249 -31.48 -20.39 -3.47
N TYR G 250 -30.84 -21.54 -3.65
CA TYR G 250 -29.49 -21.61 -4.20
C TYR G 250 -29.59 -22.17 -5.61
N GLU G 251 -28.89 -21.58 -6.57
CA GLU G 251 -28.86 -22.22 -7.89
C GLU G 251 -27.56 -22.02 -8.66
N ARG G 252 -27.27 -23.01 -9.51
CA ARG G 252 -26.08 -23.04 -10.33
C ARG G 252 -26.49 -23.08 -11.80
N VAL G 253 -25.91 -22.19 -12.59
CA VAL G 253 -26.14 -22.18 -14.03
C VAL G 253 -24.91 -22.76 -14.71
N ARG G 254 -25.10 -23.82 -15.48
CA ARG G 254 -24.00 -24.45 -16.21
C ARG G 254 -24.06 -24.22 -17.71
N ASP G 255 -22.90 -23.84 -18.24
CA ASP G 255 -22.67 -23.72 -19.68
C ASP G 255 -22.07 -25.00 -20.26
N ASP G 256 -22.25 -25.14 -21.57
CA ASP G 256 -21.79 -26.32 -22.31
C ASP G 256 -20.62 -25.96 -23.23
N TYR G 257 -19.42 -26.37 -22.82
CA TYR G 257 -18.21 -26.10 -23.60
C TYR G 257 -17.79 -27.35 -24.36
N GLN G 258 -17.90 -27.30 -25.68
CA GLN G 258 -17.57 -28.45 -26.52
C GLN G 258 -16.26 -28.23 -27.26
N LEU G 259 -15.46 -29.29 -27.33
CA LEU G 259 -14.24 -29.31 -28.14
C LEU G 259 -14.43 -30.27 -29.31
N HIS G 260 -14.01 -29.83 -30.50
CA HIS G 260 -14.00 -30.72 -31.67
C HIS G 260 -12.76 -30.51 -32.57
N TRP G 261 -12.49 -31.51 -33.41
CA TRP G 261 -11.16 -31.64 -34.03
C TRP G 261 -10.96 -30.96 -35.40
N THR G 262 -12.03 -30.68 -36.14
CA THR G 262 -11.90 -29.98 -37.44
C THR G 262 -10.79 -30.47 -38.40
N SER G 263 -10.21 -31.64 -38.12
CA SER G 263 -9.25 -32.31 -39.00
C SER G 263 -7.81 -31.74 -39.03
N THR G 264 -7.57 -30.56 -38.46
CA THR G 264 -6.22 -29.98 -38.48
C THR G 264 -5.79 -29.37 -37.14
N ASN G 265 -6.76 -28.93 -36.35
CA ASN G 265 -6.49 -28.25 -35.09
C ASN G 265 -7.66 -28.46 -34.14
N TRP G 266 -7.62 -27.89 -32.94
CA TRP G 266 -8.77 -27.98 -32.05
C TRP G 266 -9.63 -26.73 -32.16
N LYS G 267 -10.95 -26.91 -32.08
CA LYS G 267 -11.87 -25.78 -32.03
C LYS G 267 -12.88 -25.95 -30.90
N GLY G 268 -13.07 -24.88 -30.15
CA GLY G 268 -13.95 -24.88 -28.99
C GLY G 268 -15.16 -24.01 -29.19
N THR G 269 -16.30 -24.46 -28.66
CA THR G 269 -17.53 -23.69 -28.73
C THR G 269 -18.24 -23.70 -27.37
N ASN G 270 -18.82 -22.58 -26.98
CA ASN G 270 -19.52 -22.46 -25.70
C ASN G 270 -20.98 -22.07 -25.84
N THR G 271 -21.86 -22.93 -25.32
CA THR G 271 -23.28 -22.67 -25.29
C THR G 271 -23.70 -22.16 -23.91
N LYS G 272 -24.36 -21.01 -23.90
CA LYS G 272 -24.74 -20.31 -22.69
C LYS G 272 -25.98 -20.86 -22.01
N ASP G 273 -25.94 -20.90 -20.68
CA ASP G 273 -27.11 -21.20 -19.85
C ASP G 273 -27.86 -22.47 -20.28
N LYS G 274 -27.13 -23.54 -20.60
CA LYS G 274 -27.80 -24.75 -21.05
C LYS G 274 -28.47 -25.47 -19.89
N TRP G 275 -27.76 -25.63 -18.77
CA TRP G 275 -28.34 -26.34 -17.61
C TRP G 275 -28.47 -25.42 -16.40
N THR G 276 -29.45 -25.74 -15.55
CA THR G 276 -29.73 -24.95 -14.37
C THR G 276 -30.16 -25.84 -13.21
N ASP G 277 -29.36 -25.83 -12.14
CA ASP G 277 -29.68 -26.57 -10.92
C ASP G 277 -30.21 -25.60 -9.89
N ARG G 278 -31.45 -25.81 -9.45
CA ARG G 278 -32.10 -24.93 -8.49
C ARG G 278 -32.58 -25.68 -7.27
N SER G 279 -32.12 -25.23 -6.10
CA SER G 279 -32.47 -25.83 -4.81
C SER G 279 -33.17 -24.79 -3.94
N SER G 280 -34.44 -25.04 -3.66
CA SER G 280 -35.30 -24.10 -2.95
C SER G 280 -35.73 -24.68 -1.62
N GLU G 281 -35.81 -23.84 -0.59
CA GLU G 281 -36.35 -24.27 0.69
C GLU G 281 -37.11 -23.16 1.40
N ARG G 282 -38.09 -23.55 2.21
CA ARG G 282 -38.90 -22.60 2.96
C ARG G 282 -38.61 -22.67 4.46
N TYR G 283 -38.38 -21.51 5.05
CA TYR G 283 -38.18 -21.39 6.49
C TYR G 283 -39.35 -20.66 7.12
N LYS G 284 -39.67 -21.05 8.35
CA LYS G 284 -40.70 -20.39 9.13
C LYS G 284 -40.04 -19.47 10.16
N ILE G 285 -40.43 -18.20 10.12
CA ILE G 285 -39.94 -17.18 11.03
C ILE G 285 -40.99 -16.90 12.08
N ASP G 286 -40.68 -17.24 13.34
CA ASP G 286 -41.57 -16.88 14.45
C ASP G 286 -40.95 -15.76 15.26
N TRP G 287 -41.56 -14.58 15.14
CA TRP G 287 -41.05 -13.36 15.70
C TRP G 287 -41.26 -13.30 17.21
N GLU G 288 -42.36 -13.88 17.69
CA GLU G 288 -42.64 -13.90 19.13
C GLU G 288 -41.73 -14.89 19.85
N LYS G 289 -41.71 -16.13 19.38
CA LYS G 289 -40.82 -17.14 19.94
C LYS G 289 -39.37 -16.82 19.58
N GLU G 290 -39.19 -15.89 18.65
CA GLU G 290 -37.88 -15.52 18.13
C GLU G 290 -37.10 -16.74 17.72
N GLU G 291 -37.62 -17.47 16.74
CA GLU G 291 -36.94 -18.64 16.23
C GLU G 291 -37.33 -18.92 14.80
N MET G 292 -36.35 -19.43 14.06
CA MET G 292 -36.46 -19.68 12.63
C MET G 292 -36.29 -21.17 12.39
N THR G 293 -37.27 -21.78 11.74
CA THR G 293 -37.29 -23.24 11.60
C THR G 293 -37.50 -23.71 10.18
N ASN G 294 -37.37 -25.01 9.99
CA ASN G 294 -37.40 -25.62 8.67
C ASN G 294 -38.29 -26.86 8.67
C1 MPD H . -16.16 -2.37 -28.80
C2 MPD H . -16.24 -2.17 -30.31
O2 MPD H . -16.41 -0.75 -30.55
CM MPD H . -17.45 -2.87 -30.92
C3 MPD H . -14.93 -2.57 -31.01
C4 MPD H . -14.65 -4.08 -31.05
O4 MPD H . -15.31 -4.77 -30.00
C5 MPD H . -15.05 -4.73 -32.37
H11 MPD H . -15.18 -2.76 -28.53
H12 MPD H . -16.93 -3.07 -28.49
H13 MPD H . -16.33 -1.41 -28.31
HO2 MPD H . -15.68 -0.41 -31.08
HM1 MPD H . -17.12 -3.51 -31.75
HM2 MPD H . -18.14 -2.12 -31.31
HM3 MPD H . -17.95 -3.47 -30.16
H31 MPD H . -14.11 -2.08 -30.51
H32 MPD H . -14.96 -2.21 -32.03
H4 MPD H . -13.57 -4.22 -30.93
HO4 MPD H . -14.99 -5.69 -29.96
H51 MPD H . -15.74 -5.55 -32.18
H52 MPD H . -14.17 -5.11 -32.88
H53 MPD H . -15.54 -3.98 -33.01
C1 MPD I . -7.27 2.66 -24.09
C2 MPD I . -7.23 2.60 -25.61
O2 MPD I . -8.44 3.23 -26.10
CM MPD I . -6.05 3.44 -26.12
C3 MPD I . -7.10 1.15 -26.07
C4 MPD I . -7.56 0.87 -27.50
O4 MPD I . -6.91 -0.31 -27.95
C5 MPD I . -9.06 0.68 -27.61
H11 MPD I . -7.20 1.66 -23.69
H12 MPD I . -6.43 3.26 -23.73
H13 MPD I . -8.21 3.12 -23.77
HO2 MPD I . -8.94 2.59 -26.63
HM1 MPD I . -5.38 2.81 -26.70
HM2 MPD I . -5.51 3.86 -25.26
HM3 MPD I . -6.43 4.25 -26.75
H31 MPD I . -6.06 0.83 -25.97
H32 MPD I . -7.68 0.52 -25.40
H4 MPD I . -7.26 1.70 -28.13
HO4 MPD I . -7.01 -0.38 -28.92
H51 MPD I . -9.28 -0.30 -28.00
H52 MPD I . -9.51 0.79 -26.62
H53 MPD I . -9.48 1.45 -28.27
C1 MPD J . -1.96 15.16 -21.35
C2 MPD J . -0.74 15.02 -22.27
O2 MPD J . -0.10 16.30 -22.47
CM MPD J . 0.30 14.14 -21.57
C3 MPD J . -1.13 14.37 -23.60
C4 MPD J . -1.82 15.19 -24.70
O4 MPD J . -2.88 14.39 -25.20
C5 MPD J . -2.43 16.55 -24.35
H11 MPD J . -2.83 14.76 -21.87
H12 MPD J . -1.78 14.61 -20.43
H13 MPD J . -2.12 16.21 -21.13
HO2 MPD J . -0.05 16.50 -23.43
HM1 MPD J . 0.50 13.27 -22.18
HM2 MPD J . -0.09 13.82 -20.60
HM3 MPD J . 1.21 14.70 -21.43
H31 MPD J . -0.23 13.94 -24.03
H32 MPD J . -1.79 13.53 -23.36
H4 MPD J . -1.10 15.35 -25.50
HO4 MPD J . -2.51 13.55 -25.53
H51 MPD J . -3.50 16.55 -24.59
H52 MPD J . -2.30 16.76 -23.29
H53 MPD J . -1.95 17.33 -24.94
C1 MPD K . -7.98 20.20 -27.13
C2 MPD K . -9.41 20.26 -26.60
O2 MPD K . -10.29 20.63 -27.69
CM MPD K . -9.56 21.29 -25.49
C3 MPD K . -9.86 18.89 -26.08
C4 MPD K . -9.75 17.80 -27.13
O4 MPD K . -8.78 16.84 -26.73
C5 MPD K . -11.07 17.07 -27.38
H11 MPD K . -7.59 19.20 -27.01
H12 MPD K . -7.36 20.90 -26.56
H13 MPD K . -7.98 20.49 -28.18
HO2 MPD K . -10.96 19.93 -27.83
HM1 MPD K . -9.96 20.81 -24.59
HM2 MPD K . -8.59 21.73 -25.27
HM3 MPD K . -10.26 22.07 -25.81
H31 MPD K . -10.90 18.95 -25.73
H32 MPD K . -9.25 18.62 -25.21
H4 MPD K . -9.44 18.25 -28.07
HO4 MPD K . -9.13 16.33 -25.97
H51 MPD K . -10.96 16.01 -27.18
H52 MPD K . -11.84 17.48 -26.71
H53 MPD K . -11.38 17.22 -28.42
C1 MPD L . 11.79 28.26 -17.26
C2 MPD L . 10.41 27.87 -16.73
O2 MPD L . 9.94 28.90 -15.82
CM MPD L . 10.50 26.58 -15.91
C3 MPD L . 9.45 27.64 -17.91
C4 MPD L . 8.73 28.90 -18.43
O4 MPD L . 9.25 29.26 -19.69
C5 MPD L . 7.23 28.66 -18.54
H11 MPD L . 11.77 28.30 -18.34
H12 MPD L . 12.52 27.53 -16.93
H13 MPD L . 12.05 29.25 -16.86
HO2 MPD L . 9.09 29.26 -16.14
HM1 MPD L . 9.85 25.83 -16.36
HM2 MPD L . 11.53 26.23 -15.90
HM3 MPD L . 10.17 26.78 -14.89
H31 MPD L . 8.69 26.93 -17.60
H32 MPD L . 10.00 27.20 -18.73
H4 MPD L . 8.91 29.71 -17.72
HO4 MPD L . 8.92 28.63 -20.37
H51 MPD L . 6.91 28.82 -19.57
H52 MPD L . 6.70 29.35 -17.88
H53 MPD L . 7.00 27.63 -18.25
C1 MPD M . 20.81 -7.98 -11.83
C2 MPD M . 22.02 -7.79 -12.73
O2 MPD M . 22.47 -9.12 -13.07
CM MPD M . 21.58 -7.11 -14.03
C3 MPD M . 23.09 -7.04 -11.96
C4 MPD M . 24.39 -6.73 -12.71
O4 MPD M . 25.16 -5.85 -11.92
C5 MPD M . 25.24 -7.96 -13.03
H11 MPD M . 21.02 -7.52 -10.85
H12 MPD M . 20.60 -9.03 -11.69
H13 MPD M . 19.94 -7.49 -12.26
HO2 MPD M . 23.39 -9.25 -12.71
HM1 MPD M . 22.14 -6.18 -14.15
HM2 MPD M . 21.77 -7.77 -14.88
HM3 MPD M . 20.51 -6.88 -13.98
H31 MPD M . 22.68 -6.10 -11.60
H32 MPD M . 23.35 -7.63 -11.08
H4 MPD M . 24.13 -6.24 -13.65
HO4 MPD M . 25.33 -5.03 -12.41
H51 MPD M . 26.22 -7.85 -12.56
H52 MPD M . 24.75 -8.84 -12.64
H53 MPD M . 25.35 -8.05 -14.11
C1 MPD N . 29.82 14.44 -9.73
C2 MPD N . 29.19 15.13 -8.53
O2 MPD N . 30.09 14.90 -7.42
CM MPD N . 27.83 14.56 -8.14
C3 MPD N . 29.13 16.64 -8.72
C4 MPD N . 28.20 17.15 -9.82
O4 MPD N . 27.61 16.07 -10.53
C5 MPD N . 27.09 18.04 -9.29
H11 MPD N . 30.09 15.18 -10.48
H12 MPD N . 30.70 13.89 -9.42
H13 MPD N . 29.10 13.74 -10.16
HO2 MPD N . 30.42 15.75 -7.08
HM1 MPD N . 27.10 15.36 -8.07
HM2 MPD N . 27.91 14.06 -7.17
HM3 MPD N . 27.52 13.83 -8.89
H31 MPD N . 30.15 17.00 -8.92
H32 MPD N . 28.83 17.10 -7.77
H4 MPD N . 28.80 17.73 -10.51
HO4 MPD N . 27.67 16.25 -11.50
H51 MPD N . 26.12 17.64 -9.59
H52 MPD N . 27.15 18.08 -8.20
H53 MPD N . 27.20 19.05 -9.70
C1 MPD O . 22.94 8.04 -10.34
C2 MPD O . 22.91 7.12 -11.57
O2 MPD O . 24.11 6.31 -11.64
CM MPD O . 21.75 6.15 -11.49
C3 MPD O . 22.74 7.96 -12.84
C4 MPD O . 23.77 9.05 -13.18
O4 MPD O . 23.09 10.29 -13.03
C5 MPD O . 25.06 9.14 -12.36
H11 MPD O . 22.83 9.07 -10.66
H12 MPD O . 22.12 7.76 -9.67
H13 MPD O . 23.88 7.91 -9.82
HO2 MPD O . 24.57 6.46 -12.49
HM1 MPD O . 21.10 6.28 -12.35
HM2 MPD O . 21.19 6.32 -10.58
HM3 MPD O . 22.13 5.13 -11.49
H31 MPD O . 21.75 8.43 -12.80
H32 MPD O . 22.71 7.27 -13.69
H4 MPD O . 24.04 8.94 -14.22
HO4 MPD O . 23.27 10.85 -13.82
H51 MPD O . 25.14 10.13 -11.89
H52 MPD O . 25.91 9.00 -13.03
H53 MPD O . 25.07 8.37 -11.59
C1 MPD P . 31.26 -8.00 -9.11
C2 MPD P . 32.52 -7.90 -8.27
O2 MPD P . 33.64 -8.33 -9.07
CM MPD P . 32.44 -8.88 -7.09
C3 MPD P . 32.80 -6.49 -7.72
C4 MPD P . 32.36 -5.34 -8.61
O4 MPD P . 32.64 -4.11 -7.95
C5 MPD P . 33.09 -5.31 -9.95
H11 MPD P . 30.78 -7.02 -9.16
H12 MPD P . 31.52 -8.33 -10.11
H13 MPD P . 30.56 -8.71 -8.65
HO2 MPD P . 34.32 -7.62 -9.10
HM1 MPD P . 32.58 -8.35 -6.16
HM2 MPD P . 33.21 -9.65 -7.20
HM3 MPD P . 31.45 -9.35 -7.09
H31 MPD P . 33.86 -6.41 -7.51
H32 MPD P . 32.29 -6.40 -6.76
H4 MPD P . 31.30 -5.42 -8.80
HO4 MPD P . 31.81 -3.60 -7.86
H51 MPD P . 33.64 -4.37 -10.05
H52 MPD P . 33.80 -6.15 -9.99
H53 MPD P . 32.37 -5.41 -10.76
C1 MPD Q . 17.20 -24.82 -17.21
C2 MPD Q . 17.34 -24.82 -15.70
O2 MPD Q . 16.60 -25.96 -15.21
CM MPD Q . 16.74 -23.59 -15.02
C3 MPD Q . 18.80 -25.04 -15.27
C4 MPD Q . 19.78 -23.95 -15.72
O4 MPD Q . 19.13 -22.88 -16.36
C5 MPD Q . 20.60 -23.40 -14.55
H11 MPD Q . 18.17 -24.98 -17.67
H12 MPD Q . 16.80 -23.86 -17.55
H13 MPD Q . 16.52 -25.62 -17.52
HO2 MPD Q . 17.20 -26.57 -14.74
HM1 MPD Q . 17.48 -23.12 -14.38
HM2 MPD Q . 16.43 -22.87 -15.79
HM3 MPD Q . 15.88 -23.89 -14.43
H31 MPD Q . 19.13 -25.99 -15.68
H32 MPD Q . 18.83 -25.12 -14.19
H4 MPD Q . 20.48 -24.40 -16.42
HO4 MPD Q . 19.72 -22.50 -17.05
H51 MPD Q . 20.49 -22.32 -14.50
H52 MPD Q . 20.25 -23.84 -13.62
H53 MPD Q . 21.65 -23.64 -14.70
C1 MPD R . 10.62 -16.55 -19.73
C2 MPD R . 10.94 -16.36 -18.25
O2 MPD R . 9.92 -17.12 -17.56
CM MPD R . 10.77 -14.91 -17.80
C3 MPD R . 12.29 -16.94 -17.79
C4 MPD R . 13.48 -16.57 -18.69
O4 MPD R . 14.55 -16.14 -17.89
C5 MPD R . 13.93 -17.77 -19.51
H11 MPD R . 11.45 -17.08 -20.21
H12 MPD R . 9.71 -17.13 -19.84
H13 MPD R . 10.49 -15.57 -20.20
HO2 MPD R . 10.34 -17.79 -16.99
HM1 MPD R . 11.66 -14.59 -17.26
HM2 MPD R . 10.64 -14.28 -18.68
HM3 MPD R . 9.90 -14.83 -17.16
H31 MPD R . 12.21 -18.02 -17.75
H32 MPD R . 12.50 -16.59 -16.78
H4 MPD R . 13.17 -15.78 -19.37
HO4 MPD R . 15.07 -15.46 -18.38
H51 MPD R . 14.97 -18.00 -19.30
H52 MPD R . 13.31 -18.64 -19.27
H53 MPD R . 13.83 -17.54 -20.57
C1 MPD S . -4.33 -21.81 -27.21
C2 MPD S . -4.29 -22.07 -25.71
O2 MPD S . -4.97 -23.33 -25.44
CM MPD S . -5.03 -20.97 -24.97
C3 MPD S . -2.85 -22.13 -25.19
C4 MPD S . -2.19 -23.49 -25.41
O4 MPD S . -2.48 -24.01 -26.68
C5 MPD S . -0.66 -23.37 -25.27
H11 MPD S . -3.30 -21.73 -27.59
H12 MPD S . -4.83 -22.64 -27.72
H13 MPD S . -4.85 -20.89 -27.41
HO2 MPD S . -4.36 -23.94 -24.98
HM1 MPD S . -4.36 -20.49 -24.24
HM2 MPD S . -5.88 -21.39 -24.43
HM3 MPD S . -5.38 -20.22 -25.67
H31 MPD S . -2.26 -21.37 -25.69
H32 MPD S . -2.85 -21.90 -24.12
H4 MPD S . -2.55 -24.17 -24.65
HO4 MPD S . -2.19 -24.95 -26.74
H51 MPD S . -0.18 -23.72 -26.18
H52 MPD S . -0.40 -22.34 -25.09
H53 MPD S . -0.33 -23.99 -24.43
C1 MPD T . -2.20 -12.66 -22.34
C2 MPD T . -1.94 -11.87 -23.62
O2 MPD T . -2.95 -12.24 -24.60
CM MPD T . -2.11 -10.37 -23.37
C3 MPD T . -0.53 -12.11 -24.17
C4 MPD T . -0.44 -13.24 -25.21
O4 MPD T . 0.90 -13.36 -25.63
C5 MPD T . -0.90 -14.59 -24.66
H11 MPD T . -1.31 -13.24 -22.10
H12 MPD T . -2.43 -11.98 -21.52
H13 MPD T . -3.05 -13.34 -22.50
HO2 MPD T . -2.51 -12.58 -25.41
HM1 MPD T . -1.18 -9.85 -23.63
HM2 MPD T . -2.93 -9.98 -23.98
HM3 MPD T . -2.33 -10.20 -22.31
H31 MPD T . -0.16 -11.19 -24.62
H32 MPD T . 0.13 -12.35 -23.34
H4 MPD T . -1.07 -12.97 -26.05
HO4 MPD T . 0.97 -13.10 -26.57
H51 MPD T . -0.08 -15.31 -24.74
H52 MPD T . -1.19 -14.48 -23.62
H53 MPD T . -1.75 -14.94 -25.24
#